data_7NKC
#
_entry.id   7NKC
#
_cell.length_a   1.00
_cell.length_b   1.00
_cell.length_c   1.00
_cell.angle_alpha   90.00
_cell.angle_beta   90.00
_cell.angle_gamma   90.00
#
_symmetry.space_group_name_H-M   'P 1'
#
loop_
_entity.id
_entity.type
_entity.pdbx_description
1 polymer 'Polymerase acidic protein'
2 polymer 'RNA-directed RNA polymerase catalytic subunit'
3 polymer 'Polymerase basic protein 2,Polymerase basic protein 2'
4 polymer "RNA (5'-R(P*AP*GP*UP*AP*GP*AP*AP*AP*CP*AP*AP*GP*GP*CP*C)-3')"
5 polymer "RNA (5'-R(P*GP*GP*CP*CP*UP*GP*CP*U)-3')"
6 polymer Nb8207
#
loop_
_entity_poly.entity_id
_entity_poly.type
_entity_poly.pdbx_seq_one_letter_code
_entity_poly.pdbx_strand_id
1 'polypeptide(L)'
;MEDFVRQCFNPMIVELAEKAMKEYGEDLKIETNKFAAICTHLEVCFMYSDFHFINERGESIIVESGDPNALLKHRFEIIE
GRDRTMAWTVVNSICNTTGAEKPKFLPDLYDYKENRFIEIGVTRREVHIYYLEKANKIKSEKTHIHIFSFTGEEMATKAD
YTLDEESRARIKTRLFTIRQEMASRGLWDSFRQSERGEETIEERFEITGTMRRLADQSLPPNFSSLENFRAYVDGFEPNG
YIEGKLSQMSKEVNARIEPFLKTTPRPLRLPDGPPCSQRSKFLLMDALKLSIEDPSHEGEGIPLYDAIKCMRTFFGWKEP
NVVKPHEKGINPNYLLAWKQVLAELQDIENEEKIPKTKNMKKTSQLKWALGENMAPEKVDFDDCKDVSDLKQYDSDEPEL
RSLASWIQSEFNKACELTDSSWIELDEIGEDVAPIEHIASMRRNYFTAEVSHCRATEYIMKGVYINTALLNASCAAMDDF
QLIPMISKCRTKEGRRKTNLYGFIIKGRSHLRNDTDVVNFVSMEFSLTDPRLEPHKWEKYCVLEIGDMLLRSAIGQVSRP
MFLYVRTNGTSKIKMKWGMEMRRCLLQSLQQIESMIEAESSVKEKDMTKEFFENKSETWPIGESPKGVEEGSIGKVCRTL
LAKSVFNSLYASPQLEGFSAESRKLLLIVQALRDNLEPGTFDLGGLYEAIEECLINDPWVLLNASWFNSFLTHALR
;
A
2 'polypeptide(L)'
;MDVNPTLLFLKVPAQNAISTTFPYTGDPPYSHGTGTGYTMDTVNRTHQYSEKGRWTTNTETGAPQLNPIDGPLPEDNEPS
GYAQTDCVLEAMAFLEESHPGIFENSCLETMEVVQQTRVDKLTQGRQTYDWTLNRNQPAATALANTIEVFRSNGLTANES
GRLIDFLKDVMESMDKEEMEITTHFQRKRRVRDNMTKKMVTQRTIGKKKQRLNKRSYLIRALTLNTMTKDAERGKLKRRA
IATPGMQIRGFVYFVETLARSICEKLEQSGLPVGGNEKKAKLANVVRKMMTNSQDTELSFTITGDNTKWNENQNPRMFLA
MITYITRNQPEWFRNVLSIAPIMFSNKMARLGKGYMFESKSMKLRTQIPAEMLASIDLKYFNDSTRKKIEKIRPLLIDGT
ASLSPGMMMGMFNMLSTVLGVSILNLGQKRYTKTTYWWDGLQSSDDFALIVNAPNHEGIQAGVDRFYRTCKLLGINMSKK
KSYINRTGTFEFTSFFYRYGFVANFSMELPSFGVSGINESADMSIGVTVIKNNMINNDLGPATAQMALQLFIKDYRYTYR
CHRGDTQIQTRRSFEIKKLWEQTRSKAGLLVSDGGPNLYNIRNLHIPEVCLKWELMDEDYQGRLCNPLNPFVSHKEIESV
NNAVMMPAHGPAKNMEYDAVATTHSWIPKRNRSILNTSQRGILEDEQMYQKCCNLFEKFFPSSSYRRPVGISSMVEAMVS
RARIDARIDFESGRIKKEEFAEIMKICSTIEELRRQK
;
B
3 'polypeptide(L)'
;MERIKELRDLMSQSRTREILTKTTVDHMAIIKKYTSGRQEKNPALRMKWMMAMKYPITADKRIMEMIPERNEQGQTLWSK
TNDAGSDRVMVSPLAVTWWNRNGPTTSAVHYPKIYKTYFEKVERLKHGTFGPVHFRNQVKIRRRVDINPGHADLSAKEAQ
DVIMEVVFPNEVGARILTSESQLTITKEKKEELQDCKISPLMVAYMLERELVRKTRFLPVAGGTSSVYIEVLHLTQGTCW
EQMYTPGGEVRNDDVDQSLIIAARNIVRRATVSADPLASLLEMCHSTQIGGIRMVDILRQNPTEEQAVDICKAAMGLRIS
SSFSFGGFTFKRTSGSSVKREEEVLTGNLQTLKIRVHEGYEEFTMVGRRATAILRKATRRLIQLIVSGRDEQSIAEAIIV
AMVFSQEDCMIKAVRGDLNFVNRANQRLNPMHQLLRHFQKDAKVLFQNWGIEPIDNVMGMIGILPDMTPSTEMSMRGVRV
SKMGVDEYSSTERVVVSIDRFLRVRDQRGNVLLSPEEVSETQGTEKLTITYSSSMMWEVNGPESVLVNTYQWIIRNWETV
KIQWSQNPTMLYNKMEFEPFQSLVPKAARGQYSGFVRTLFQQMRDVLGTFDTVQIIKLLPFAAAPPKQSRMQFSSLTVNV
RGSGMRILVRGNSPVFNYNKATKRLTVLGKDAGALTEDPDEGTAGVESAVLRGFLILGKEDRRYGPALSINELSNLAKGE
KANVLIGQGDVVLVMKRKRDSSILTDSQTATKRIRMAINENLYFQGELKTAALAQHDEAVDNKFNKEQQNAFYEILHLPN
LNEEQRNAFIQSLKDDPSQSANLLAEAKKLNDAQAPKVDNKFNKEQQNAFYEILHLPNLNEEQRNAFIQSLKADPSQSAN
LLAEAKKLNGAQAPKVDANSAGKST
;
C
4 'polyribonucleotide' AGUAGAAACAAGGCC D
5 'polyribonucleotide' GGCCUGCUUUUGCUAUU E
6 'polypeptide(L)'
;QVQLQESGGGLVQAGASLRLSCTASGRTSSTYPMGWFRQGPGKEREFVAAISWAGSSTYYGDFVKGRFTISRDNAKNTVY
LQMNSLKPEDTAVYYCARAARPYAYGLDYSTEASYDYWGQGTQVTVSSHHHHHHEPEA
;
F
#
# COMPACT_ATOMS: atom_id res chain seq x y z
N MET A 1 33.41 42.83 -22.26
CA MET A 1 32.70 43.72 -21.31
C MET A 1 32.83 43.20 -19.87
N GLU A 2 32.88 41.88 -19.74
CA GLU A 2 33.01 41.25 -18.43
C GLU A 2 34.30 41.66 -17.72
N ASP A 3 35.30 42.14 -18.45
CA ASP A 3 36.52 42.61 -17.81
C ASP A 3 36.22 43.73 -16.83
N PHE A 4 35.20 44.55 -17.12
CA PHE A 4 34.83 45.62 -16.21
C PHE A 4 34.40 45.09 -14.85
N VAL A 5 33.56 44.04 -14.83
CA VAL A 5 33.14 43.46 -13.56
C VAL A 5 34.23 42.62 -12.93
N ARG A 6 35.20 42.13 -13.71
CA ARG A 6 36.42 41.60 -13.13
C ARG A 6 37.17 42.68 -12.34
N GLN A 7 37.27 43.87 -12.93
CA GLN A 7 38.14 44.90 -12.37
C GLN A 7 37.51 45.61 -11.17
N CYS A 8 36.37 46.27 -11.39
CA CYS A 8 35.93 47.28 -10.44
C CYS A 8 35.26 46.68 -9.21
N PHE A 9 34.14 45.98 -9.40
CA PHE A 9 33.26 45.64 -8.30
C PHE A 9 33.88 44.60 -7.38
N ASN A 10 33.47 44.66 -6.11
CA ASN A 10 34.00 43.78 -5.09
C ASN A 10 33.51 42.34 -5.30
N PRO A 11 34.19 41.37 -4.69
CA PRO A 11 33.73 39.97 -4.86
C PRO A 11 32.29 39.77 -4.43
N MET A 12 31.95 40.15 -3.19
CA MET A 12 30.60 39.94 -2.67
C MET A 12 29.54 40.19 -3.73
N ILE A 13 29.57 41.36 -4.38
CA ILE A 13 28.53 41.69 -5.34
C ILE A 13 28.63 40.80 -6.58
N VAL A 14 29.84 40.46 -7.03
CA VAL A 14 29.94 39.71 -8.27
C VAL A 14 29.39 38.30 -8.08
N GLU A 15 29.69 37.65 -6.95
CA GLU A 15 29.08 36.34 -6.76
C GLU A 15 27.59 36.43 -6.43
N LEU A 16 27.13 37.49 -5.78
CA LEU A 16 25.69 37.66 -5.61
C LEU A 16 25.01 37.75 -6.98
N ALA A 17 25.59 38.53 -7.89
CA ALA A 17 25.03 38.66 -9.22
C ALA A 17 25.17 37.36 -10.01
N GLU A 18 26.22 36.59 -9.77
CA GLU A 18 26.36 35.31 -10.45
C GLU A 18 25.30 34.31 -9.99
N LYS A 19 24.98 34.29 -8.70
CA LYS A 19 23.88 33.44 -8.25
C LYS A 19 22.54 33.93 -8.75
N ALA A 20 22.32 35.25 -8.81
CA ALA A 20 21.12 35.77 -9.45
C ALA A 20 21.07 35.38 -10.92
N MET A 21 22.24 35.27 -11.55
CA MET A 21 22.33 34.84 -12.93
C MET A 21 21.86 33.39 -13.06
N LYS A 22 22.36 32.52 -12.18
CA LYS A 22 21.92 31.13 -12.15
C LYS A 22 20.45 30.99 -11.80
N GLU A 23 19.89 31.96 -11.08
CA GLU A 23 18.50 31.88 -10.62
C GLU A 23 17.54 31.54 -11.76
N TYR A 24 17.48 32.38 -12.79
CA TYR A 24 16.53 32.20 -13.86
C TYR A 24 17.06 31.36 -15.01
N GLY A 25 18.27 30.83 -14.90
CA GLY A 25 18.71 29.75 -15.77
C GLY A 25 19.25 30.16 -17.13
N GLU A 26 19.58 31.42 -17.34
CA GLU A 26 20.19 31.83 -18.61
C GLU A 26 21.70 31.96 -18.42
N ASP A 27 22.43 31.78 -19.52
CA ASP A 27 23.89 31.71 -19.50
C ASP A 27 24.51 33.08 -19.69
N LEU A 28 25.62 33.31 -18.99
CA LEU A 28 26.25 34.62 -18.95
C LEU A 28 27.10 34.91 -20.20
N LYS A 29 27.49 33.89 -20.95
CA LYS A 29 28.38 34.12 -22.10
C LYS A 29 27.64 34.76 -23.28
N ILE A 30 26.33 34.56 -23.38
CA ILE A 30 25.58 35.07 -24.53
C ILE A 30 25.26 36.56 -24.37
N GLU A 31 24.85 37.00 -23.18
CA GLU A 31 24.50 38.41 -22.96
C GLU A 31 24.95 38.78 -21.56
N THR A 32 25.97 39.63 -21.46
CA THR A 32 26.55 40.03 -20.20
C THR A 32 26.15 41.42 -19.74
N ASN A 33 25.66 42.27 -20.65
CA ASN A 33 25.28 43.61 -20.25
C ASN A 33 24.20 43.59 -19.17
N LYS A 34 23.33 42.59 -19.18
CA LYS A 34 22.36 42.44 -18.11
C LYS A 34 23.06 42.22 -16.78
N PHE A 35 24.12 41.41 -16.78
CA PHE A 35 24.87 41.16 -15.56
C PHE A 35 25.39 42.47 -14.99
N ALA A 36 26.03 43.29 -15.83
CA ALA A 36 26.57 44.57 -15.37
C ALA A 36 25.47 45.49 -14.87
N ALA A 37 24.37 45.59 -15.63
CA ALA A 37 23.30 46.52 -15.26
C ALA A 37 22.70 46.14 -13.91
N ILE A 38 22.34 44.86 -13.74
CA ILE A 38 21.72 44.45 -12.49
C ILE A 38 22.73 44.42 -11.34
N CYS A 39 24.01 44.21 -11.60
CA CYS A 39 24.99 44.29 -10.52
C CYS A 39 25.19 45.74 -10.08
N THR A 40 25.10 46.69 -11.01
CA THR A 40 25.11 48.09 -10.61
C THR A 40 23.85 48.45 -9.83
N HIS A 41 22.69 47.91 -10.23
CA HIS A 41 21.47 48.08 -9.45
C HIS A 41 21.68 47.56 -8.02
N LEU A 42 22.26 46.37 -7.90
CA LEU A 42 22.50 45.78 -6.60
C LEU A 42 23.51 46.61 -5.80
N GLU A 43 24.52 47.16 -6.47
CA GLU A 43 25.50 48.00 -5.80
C GLU A 43 24.87 49.27 -5.26
N VAL A 44 24.01 49.92 -6.04
CA VAL A 44 23.34 51.11 -5.54
C VAL A 44 22.43 50.73 -4.39
N CYS A 45 21.80 49.55 -4.46
CA CYS A 45 21.00 49.08 -3.34
C CYS A 45 21.83 48.99 -2.06
N PHE A 46 22.99 48.34 -2.12
CA PHE A 46 23.84 48.29 -0.93
C PHE A 46 24.22 49.69 -0.49
N MET A 47 24.88 50.44 -1.37
CA MET A 47 25.48 51.71 -0.99
C MET A 47 24.43 52.68 -0.47
N TYR A 48 23.18 52.49 -0.87
CA TYR A 48 22.05 53.27 -0.39
C TYR A 48 21.55 52.77 0.97
N SER A 49 21.66 51.46 1.20
CA SER A 49 21.17 50.89 2.45
C SER A 49 22.22 50.97 3.55
N ASP A 50 23.45 50.56 3.28
CA ASP A 50 24.48 50.56 4.30
C ASP A 50 24.84 51.99 4.71
N PHE A 51 25.68 52.10 5.74
CA PHE A 51 26.11 53.39 6.27
C PHE A 51 24.93 54.20 6.80
N HIS A 52 23.78 53.55 6.97
CA HIS A 52 22.56 54.22 7.41
C HIS A 52 21.95 53.41 8.55
N PHE A 53 22.03 53.94 9.76
CA PHE A 53 21.55 53.25 10.95
C PHE A 53 20.50 54.11 11.65
N ILE A 54 19.75 53.48 12.56
CA ILE A 54 18.73 54.15 13.35
C ILE A 54 18.88 53.73 14.81
N ASN A 55 18.50 54.63 15.70
CA ASN A 55 18.37 54.35 17.12
C ASN A 55 16.90 54.46 17.52
N GLU A 56 16.62 54.36 18.82
CA GLU A 56 15.24 54.33 19.30
C GLU A 56 14.41 55.50 18.76
N ARG A 57 15.03 56.59 18.35
CA ARG A 57 14.31 57.68 17.70
C ARG A 57 14.05 57.34 16.24
N GLY A 58 13.61 58.35 15.49
CA GLY A 58 13.63 58.27 14.04
C GLY A 58 14.98 58.75 13.55
N GLU A 59 15.00 59.77 12.69
CA GLU A 59 16.18 60.59 12.46
C GLU A 59 17.45 59.75 12.43
N SER A 60 17.51 58.87 11.44
CA SER A 60 18.57 57.86 11.33
C SER A 60 19.93 58.40 11.72
N ILE A 61 20.66 57.61 12.51
CA ILE A 61 22.06 57.91 12.82
C ILE A 61 22.92 57.38 11.68
N ILE A 62 23.73 58.26 11.10
CA ILE A 62 24.58 57.92 9.97
C ILE A 62 26.02 57.90 10.46
N VAL A 63 26.67 56.74 10.35
CA VAL A 63 28.05 56.56 10.77
C VAL A 63 28.81 55.90 9.63
N GLU A 64 30.00 56.43 9.33
CA GLU A 64 30.82 55.86 8.26
C GLU A 64 31.27 54.44 8.60
N SER A 65 31.32 54.07 9.87
CA SER A 65 31.71 52.73 10.28
C SER A 65 30.98 52.38 11.56
N GLY A 66 30.26 51.26 11.55
CA GLY A 66 29.51 50.83 12.72
C GLY A 66 30.40 50.51 13.89
N ASP A 67 30.25 51.26 14.98
CA ASP A 67 31.06 51.06 16.16
C ASP A 67 30.54 49.86 16.96
N PRO A 68 31.39 49.24 17.77
CA PRO A 68 30.95 48.09 18.57
C PRO A 68 29.89 48.50 19.58
N ASN A 69 28.68 47.98 19.39
CA ASN A 69 27.56 48.31 20.26
C ASN A 69 26.32 47.51 19.88
N ALA A 70 25.28 47.60 20.70
CA ALA A 70 23.97 47.08 20.31
C ALA A 70 23.27 47.99 19.31
N LEU A 71 23.83 49.17 19.05
CA LEU A 71 23.22 50.16 18.17
C LEU A 71 23.75 50.01 16.74
N LEU A 72 23.44 48.86 16.14
CA LEU A 72 23.83 48.56 14.77
C LEU A 72 22.63 48.38 13.86
N LYS A 73 21.46 48.88 14.26
CA LYS A 73 20.26 48.82 13.42
C LYS A 73 20.53 49.49 12.08
N HIS A 74 20.00 48.89 11.02
CA HIS A 74 20.16 49.40 9.66
C HIS A 74 18.90 50.18 9.27
N ARG A 75 19.11 51.37 8.71
CA ARG A 75 17.97 52.21 8.32
C ARG A 75 17.13 51.52 7.26
N PHE A 76 17.76 51.08 6.18
CA PHE A 76 17.08 50.39 5.09
C PHE A 76 17.57 48.95 5.04
N GLU A 77 16.61 48.02 5.03
CA GLU A 77 16.93 46.59 5.03
C GLU A 77 16.59 46.02 3.66
N ILE A 78 17.54 45.27 3.08
CA ILE A 78 17.51 44.98 1.66
C ILE A 78 16.57 43.83 1.37
N ILE A 79 15.91 43.92 0.21
CA ILE A 79 15.01 42.86 -0.27
C ILE A 79 15.76 41.99 -1.27
N GLU A 80 16.28 42.60 -2.32
CA GLU A 80 16.98 41.88 -3.37
C GLU A 80 18.32 41.40 -2.83
N GLY A 81 19.10 40.71 -3.66
CA GLY A 81 20.27 40.00 -3.17
C GLY A 81 19.90 38.69 -2.53
N ARG A 82 18.69 38.20 -2.76
CA ARG A 82 18.19 36.97 -2.16
C ARG A 82 17.44 36.20 -3.23
N ASP A 83 17.14 34.95 -2.94
CA ASP A 83 16.37 34.14 -3.87
C ASP A 83 14.91 34.58 -3.87
N ARG A 84 14.19 34.20 -4.93
CA ARG A 84 12.80 34.59 -5.04
C ARG A 84 11.99 34.07 -3.86
N THR A 85 12.25 32.84 -3.43
CA THR A 85 11.54 32.29 -2.28
C THR A 85 11.76 33.13 -1.05
N MET A 86 13.01 33.51 -0.77
CA MET A 86 13.26 34.34 0.41
C MET A 86 12.80 35.78 0.20
N ALA A 87 12.89 36.30 -1.01
CA ALA A 87 12.39 37.67 -1.24
C ALA A 87 10.90 37.73 -0.92
N TRP A 88 10.15 36.72 -1.33
CA TRP A 88 8.72 36.69 -1.01
C TRP A 88 8.50 36.34 0.45
N THR A 89 9.41 35.58 1.06
CA THR A 89 9.34 35.36 2.51
C THR A 89 9.43 36.68 3.26
N VAL A 90 10.42 37.51 2.91
CA VAL A 90 10.57 38.81 3.57
C VAL A 90 9.37 39.70 3.26
N VAL A 91 8.88 39.67 2.02
CA VAL A 91 7.71 40.48 1.68
C VAL A 91 6.54 40.11 2.58
N ASN A 92 6.22 38.82 2.67
CA ASN A 92 5.09 38.39 3.47
C ASN A 92 5.29 38.68 4.95
N SER A 93 6.51 38.45 5.45
CA SER A 93 6.77 38.72 6.86
C SER A 93 6.59 40.19 7.19
N ILE A 94 7.10 41.08 6.33
CA ILE A 94 6.95 42.51 6.56
C ILE A 94 5.48 42.89 6.51
N CYS A 95 4.73 42.36 5.55
CA CYS A 95 3.31 42.69 5.46
C CYS A 95 2.56 42.22 6.71
N ASN A 96 2.87 41.04 7.21
CA ASN A 96 2.17 40.51 8.37
C ASN A 96 2.58 41.17 9.67
N THR A 97 3.80 41.71 9.75
CA THR A 97 4.24 42.39 10.96
C THR A 97 3.99 43.89 10.92
N THR A 98 4.18 44.50 9.75
CA THR A 98 3.96 45.94 9.59
C THR A 98 2.51 46.30 9.30
N GLY A 99 1.67 45.33 8.98
CA GLY A 99 0.28 45.61 8.67
C GLY A 99 0.13 46.41 7.39
N ALA A 100 1.16 46.38 6.54
CA ALA A 100 1.14 47.11 5.30
C ALA A 100 0.53 46.26 4.20
N GLU A 101 0.50 46.80 2.98
CA GLU A 101 -0.07 46.11 1.83
C GLU A 101 1.02 45.33 1.10
N LYS A 102 0.64 44.17 0.55
CA LYS A 102 1.59 43.29 -0.11
C LYS A 102 1.74 43.70 -1.57
N PRO A 103 2.93 44.09 -2.02
CA PRO A 103 3.12 44.37 -3.45
C PRO A 103 3.16 43.08 -4.26
N LYS A 104 2.87 43.21 -5.54
CA LYS A 104 2.81 42.07 -6.44
C LYS A 104 4.16 41.78 -7.10
N PHE A 105 5.10 42.72 -7.08
CA PHE A 105 6.43 42.56 -7.64
C PHE A 105 7.47 42.72 -6.54
N LEU A 106 8.73 42.58 -6.92
CA LEU A 106 9.83 42.55 -5.96
C LEU A 106 10.23 43.97 -5.59
N PRO A 107 10.15 44.36 -4.31
CA PRO A 107 10.76 45.63 -3.89
C PRO A 107 12.25 45.47 -3.66
N ASP A 108 12.92 46.52 -3.20
CA ASP A 108 14.36 46.50 -2.99
C ASP A 108 14.79 46.77 -1.56
N LEU A 109 13.98 47.48 -0.77
CA LEU A 109 14.40 47.91 0.56
C LEU A 109 13.16 48.16 1.39
N TYR A 110 13.32 48.13 2.71
CA TYR A 110 12.27 48.55 3.63
C TYR A 110 12.83 49.54 4.64
N ASP A 111 11.98 50.50 5.02
CA ASP A 111 12.33 51.56 5.96
C ASP A 111 11.27 51.69 7.05
N TYR A 112 11.73 52.10 8.24
CA TYR A 112 10.87 52.18 9.42
C TYR A 112 10.15 53.52 9.51
N LYS A 113 10.89 54.63 9.45
CA LYS A 113 10.31 55.97 9.59
C LYS A 113 8.97 56.04 8.89
N GLU A 114 9.00 55.76 7.59
CA GLU A 114 7.83 55.76 6.73
C GLU A 114 7.21 54.38 6.57
N ASN A 115 7.77 53.38 7.22
CA ASN A 115 7.18 52.04 7.31
C ASN A 115 6.73 51.54 5.93
N ARG A 116 7.68 51.47 5.00
CA ARG A 116 7.29 51.05 3.67
C ARG A 116 8.51 50.69 2.81
N PHE A 117 8.23 50.27 1.58
CA PHE A 117 9.19 49.69 0.66
C PHE A 117 9.80 50.75 -0.24
N ILE A 118 10.96 50.41 -0.81
CA ILE A 118 11.65 51.21 -1.81
C ILE A 118 12.04 50.27 -2.94
N GLU A 119 11.69 50.64 -4.18
CA GLU A 119 12.06 49.86 -5.36
C GLU A 119 13.04 50.71 -6.17
N ILE A 120 14.33 50.52 -5.90
CA ILE A 120 15.35 51.32 -6.55
C ILE A 120 15.66 50.73 -7.92
N GLY A 121 15.62 51.59 -8.94
CA GLY A 121 16.06 51.19 -10.26
C GLY A 121 16.74 52.34 -10.98
N VAL A 122 17.99 52.12 -11.39
CA VAL A 122 18.76 53.12 -12.12
C VAL A 122 18.92 52.59 -13.54
N THR A 123 18.20 53.21 -14.47
CA THR A 123 18.21 52.79 -15.87
C THR A 123 19.03 53.76 -16.70
N ARG A 124 19.42 53.29 -17.88
CA ARG A 124 20.19 54.12 -18.80
C ARG A 124 19.38 55.32 -19.26
N ARG A 125 18.10 55.09 -19.57
CA ARG A 125 17.23 56.17 -20.02
C ARG A 125 16.98 57.16 -18.87
N GLU A 126 16.49 58.34 -19.24
CA GLU A 126 16.22 59.37 -18.25
C GLU A 126 15.10 58.94 -17.31
N VAL A 127 15.09 59.54 -16.12
CA VAL A 127 14.22 59.07 -15.04
C VAL A 127 12.75 59.31 -15.37
N HIS A 128 12.42 60.50 -15.88
CA HIS A 128 11.04 60.95 -15.94
C HIS A 128 10.15 60.12 -16.85
N ILE A 129 10.69 59.06 -17.46
CA ILE A 129 9.89 58.09 -18.20
C ILE A 129 9.91 56.73 -17.53
N TYR A 130 11.10 56.27 -17.13
CA TYR A 130 11.22 54.98 -16.44
C TYR A 130 10.42 54.95 -15.15
N TYR A 131 10.35 56.09 -14.46
CA TYR A 131 9.61 56.17 -13.19
C TYR A 131 8.16 55.77 -13.41
N LEU A 132 7.44 56.53 -14.23
CA LEU A 132 6.04 56.21 -14.48
C LEU A 132 5.87 54.89 -15.22
N GLU A 133 6.87 54.43 -15.98
CA GLU A 133 6.80 53.10 -16.56
C GLU A 133 6.66 52.05 -15.48
N LYS A 134 7.66 51.95 -14.59
CA LYS A 134 7.56 50.98 -13.51
C LYS A 134 6.37 51.26 -12.62
N ALA A 135 5.91 52.52 -12.54
CA ALA A 135 4.73 52.84 -11.74
C ALA A 135 3.48 52.19 -12.33
N ASN A 136 3.32 52.24 -13.66
CA ASN A 136 2.15 51.62 -14.26
C ASN A 136 2.33 50.10 -14.36
N LYS A 137 3.56 49.61 -14.21
CA LYS A 137 3.75 48.17 -14.02
C LYS A 137 3.21 47.72 -12.67
N ILE A 138 3.30 48.55 -11.64
CA ILE A 138 2.89 48.21 -10.29
C ILE A 138 1.53 48.85 -10.02
N LYS A 139 0.59 48.04 -9.53
CA LYS A 139 -0.80 48.47 -9.44
C LYS A 139 -1.07 49.15 -8.11
N SER A 140 -1.58 50.38 -8.16
CA SER A 140 -2.07 51.10 -6.98
C SER A 140 -1.09 50.95 -5.83
N GLU A 141 0.12 51.47 -5.99
CA GLU A 141 1.21 51.22 -5.07
C GLU A 141 1.39 52.38 -4.10
N LYS A 142 1.49 52.05 -2.81
CA LYS A 142 1.87 53.02 -1.80
C LYS A 142 3.36 53.00 -1.49
N THR A 143 4.04 51.90 -1.79
CA THR A 143 5.49 51.90 -1.75
C THR A 143 6.05 53.03 -2.60
N HIS A 144 6.85 53.89 -1.98
CA HIS A 144 7.47 54.99 -2.67
C HIS A 144 8.56 54.47 -3.62
N ILE A 145 8.65 55.08 -4.78
CA ILE A 145 9.58 54.69 -5.83
C ILE A 145 10.57 55.83 -6.03
N HIS A 146 11.84 55.48 -6.20
CA HIS A 146 12.89 56.48 -6.43
C HIS A 146 13.91 55.90 -7.39
N ILE A 147 14.25 56.65 -8.45
CA ILE A 147 15.15 56.19 -9.50
C ILE A 147 16.14 57.29 -9.84
N PHE A 148 17.36 56.89 -10.16
CA PHE A 148 18.37 57.77 -10.75
C PHE A 148 18.58 57.40 -12.21
N SER A 149 19.32 58.26 -12.91
CA SER A 149 19.76 57.98 -14.27
C SER A 149 21.09 58.67 -14.51
N PHE A 150 21.82 58.18 -15.51
CA PHE A 150 23.24 58.51 -15.63
C PHE A 150 23.50 60.00 -15.73
N THR A 151 22.57 60.77 -16.28
CA THR A 151 22.82 62.20 -16.45
C THR A 151 23.01 62.89 -15.10
N GLY A 152 22.52 62.28 -14.02
CA GLY A 152 22.75 62.80 -12.68
C GLY A 152 21.49 63.29 -12.00
N GLU A 153 20.35 63.15 -12.68
CA GLU A 153 19.09 63.69 -12.17
C GLU A 153 18.42 62.68 -11.24
N GLU A 154 17.65 63.21 -10.29
CA GLU A 154 16.84 62.42 -9.38
C GLU A 154 15.40 62.89 -9.45
N MET A 155 14.48 62.01 -9.07
CA MET A 155 13.08 62.36 -9.03
C MET A 155 12.35 61.42 -8.09
N ALA A 156 11.14 61.81 -7.71
CA ALA A 156 10.28 60.95 -6.91
C ALA A 156 8.90 61.59 -6.74
N THR A 157 7.88 60.77 -6.54
CA THR A 157 6.56 61.29 -6.22
C THR A 157 6.55 61.83 -4.80
N LYS A 158 5.54 62.64 -4.49
CA LYS A 158 5.45 63.40 -3.24
C LYS A 158 6.62 64.37 -3.07
N ALA A 159 7.45 64.55 -4.10
CA ALA A 159 8.72 65.28 -3.96
C ALA A 159 9.53 64.73 -2.80
N ASP A 160 9.36 63.45 -2.50
CA ASP A 160 9.93 62.85 -1.30
C ASP A 160 11.29 62.24 -1.60
N TYR A 161 12.28 62.60 -0.78
CA TYR A 161 13.61 61.98 -0.82
C TYR A 161 13.94 61.62 0.62
N THR A 162 14.14 60.33 0.87
CA THR A 162 13.94 59.78 2.21
C THR A 162 15.13 59.93 3.15
N LEU A 163 16.31 60.35 2.68
CA LEU A 163 17.44 60.47 3.58
C LEU A 163 18.37 61.58 3.08
N ASP A 164 19.56 61.64 3.67
CA ASP A 164 20.52 62.72 3.44
C ASP A 164 20.82 62.93 1.97
N GLU A 165 21.14 64.18 1.60
CA GLU A 165 21.48 64.51 0.23
C GLU A 165 22.95 64.21 -0.11
N GLU A 166 23.84 64.20 0.89
CA GLU A 166 25.21 63.82 0.61
C GLU A 166 25.29 62.37 0.16
N SER A 167 24.39 61.51 0.67
CA SER A 167 24.32 60.14 0.16
C SER A 167 23.94 60.13 -1.31
N ARG A 168 23.01 60.99 -1.71
CA ARG A 168 22.62 61.04 -3.13
C ARG A 168 23.73 61.62 -4.00
N ALA A 169 24.49 62.57 -3.48
CA ALA A 169 25.69 63.02 -4.18
C ALA A 169 26.65 61.86 -4.37
N ARG A 170 26.79 61.04 -3.32
CA ARG A 170 27.54 59.79 -3.42
C ARG A 170 27.02 58.93 -4.57
N ILE A 171 25.70 58.75 -4.63
CA ILE A 171 25.09 57.90 -5.65
C ILE A 171 25.45 58.40 -7.04
N LYS A 172 25.26 59.70 -7.28
CA LYS A 172 25.50 60.23 -8.63
C LYS A 172 26.99 60.33 -8.96
N THR A 173 27.86 60.50 -7.96
CA THR A 173 29.29 60.40 -8.20
C THR A 173 29.66 59.00 -8.64
N ARG A 174 29.10 57.99 -7.97
CA ARG A 174 29.28 56.60 -8.34
C ARG A 174 28.79 56.41 -9.78
N LEU A 175 27.65 57.04 -10.07
CA LEU A 175 26.99 56.92 -11.37
C LEU A 175 27.88 57.44 -12.49
N PHE A 176 28.37 58.67 -12.35
CA PHE A 176 29.25 59.22 -13.38
C PHE A 176 30.62 58.56 -13.39
N THR A 177 31.09 58.01 -12.27
CA THR A 177 32.27 57.16 -12.32
C THR A 177 32.03 56.00 -13.27
N ILE A 178 30.88 55.33 -13.13
CA ILE A 178 30.53 54.26 -14.05
C ILE A 178 30.55 54.79 -15.48
N ARG A 179 29.89 55.92 -15.70
CA ARG A 179 29.72 56.46 -17.05
C ARG A 179 31.05 56.78 -17.70
N GLN A 180 31.80 57.72 -17.14
CA GLN A 180 33.09 58.05 -17.75
C GLN A 180 34.18 57.04 -17.40
N GLU A 181 33.84 55.85 -16.91
CA GLU A 181 34.79 54.75 -17.02
C GLU A 181 34.47 53.89 -18.23
N MET A 182 33.18 53.62 -18.49
CA MET A 182 32.89 53.02 -19.80
C MET A 182 33.41 53.93 -20.91
N ALA A 183 33.48 55.23 -20.64
CA ALA A 183 34.07 56.14 -21.61
C ALA A 183 35.46 55.65 -22.03
N SER A 184 36.28 55.27 -21.05
CA SER A 184 37.53 54.61 -21.37
C SER A 184 37.30 53.25 -22.00
N ARG A 185 36.20 52.57 -21.66
CA ARG A 185 35.94 51.25 -22.26
C ARG A 185 35.26 51.37 -23.62
N GLY A 186 34.09 52.04 -23.66
CA GLY A 186 33.42 52.30 -24.93
C GLY A 186 32.27 51.38 -25.28
N LEU A 187 31.28 51.26 -24.39
CA LEU A 187 30.24 50.24 -24.51
C LEU A 187 28.87 50.76 -24.98
N TRP A 188 28.68 52.07 -25.16
CA TRP A 188 27.33 52.57 -25.41
C TRP A 188 26.78 52.20 -26.78
N ASP A 189 27.55 51.54 -27.64
CA ASP A 189 26.96 51.02 -28.87
C ASP A 189 25.83 50.05 -28.57
N SER A 190 25.81 49.48 -27.36
CA SER A 190 24.73 48.60 -26.93
C SER A 190 24.29 48.85 -25.49
N PHE A 191 25.00 49.67 -24.72
CA PHE A 191 24.74 49.77 -23.29
C PHE A 191 23.33 50.31 -23.03
N ARG A 192 22.92 51.33 -23.77
CA ARG A 192 21.58 51.89 -23.58
C ARG A 192 20.50 50.85 -23.85
N GLN A 193 20.66 50.08 -24.93
CA GLN A 193 19.68 49.06 -25.34
C GLN A 193 20.42 47.77 -25.61
N SER A 194 20.49 46.90 -24.59
CA SER A 194 21.11 45.59 -24.73
C SER A 194 20.20 44.44 -24.30
N GLU A 195 19.17 44.70 -23.51
CA GLU A 195 18.22 43.68 -23.08
C GLU A 195 16.84 44.04 -23.60
N ARG A 196 16.15 43.06 -24.17
CA ARG A 196 14.82 43.28 -24.73
C ARG A 196 13.78 42.30 -24.17
N GLY A 197 14.15 41.50 -23.17
CA GLY A 197 13.21 40.58 -22.56
C GLY A 197 13.03 39.30 -23.35
N GLU A 198 14.12 38.56 -23.56
CA GLU A 198 14.06 37.29 -24.25
C GLU A 198 13.90 36.16 -23.24
N GLU A 199 12.86 35.34 -23.43
CA GLU A 199 12.64 34.15 -22.61
C GLU A 199 12.18 33.02 -23.53
N THR A 200 13.09 32.10 -23.82
CA THR A 200 12.79 30.95 -24.67
C THR A 200 13.87 29.90 -24.46
N ILE A 201 13.45 28.63 -24.54
CA ILE A 201 14.37 27.51 -24.39
C ILE A 201 13.72 26.28 -24.99
N GLU A 202 14.53 25.39 -25.52
CA GLU A 202 14.08 24.12 -26.10
C GLU A 202 14.68 22.99 -25.28
N GLU A 203 13.83 22.06 -24.85
CA GLU A 203 14.30 20.93 -24.06
C GLU A 203 14.98 19.92 -24.97
N ARG A 204 16.18 19.47 -24.56
CA ARG A 204 17.01 18.60 -25.38
C ARG A 204 17.31 17.34 -24.59
N PHE A 205 16.83 16.20 -25.10
CA PHE A 205 17.07 14.89 -24.51
C PHE A 205 17.65 14.01 -25.61
N GLU A 206 18.97 14.04 -25.76
CA GLU A 206 19.65 13.42 -26.89
C GLU A 206 20.23 12.07 -26.48
N ILE A 207 19.92 11.04 -27.27
CA ILE A 207 20.54 9.72 -27.08
C ILE A 207 21.85 9.70 -27.86
N THR A 208 22.95 9.45 -27.15
CA THR A 208 24.26 9.46 -27.78
C THR A 208 25.20 8.60 -26.94
N GLY A 209 26.34 8.27 -27.53
CA GLY A 209 27.31 7.46 -26.82
C GLY A 209 26.83 6.03 -26.66
N THR A 210 27.27 5.41 -25.55
CA THR A 210 26.96 4.00 -25.32
C THR A 210 25.46 3.76 -25.37
N MET A 211 24.67 4.65 -24.75
CA MET A 211 23.23 4.44 -24.70
C MET A 211 22.62 4.40 -26.09
N ARG A 212 23.25 5.03 -27.08
CA ARG A 212 22.75 4.91 -28.46
C ARG A 212 22.99 3.52 -29.00
N ARG A 213 24.18 2.96 -28.76
CA ARG A 213 24.48 1.62 -29.26
C ARG A 213 23.52 0.60 -28.67
N LEU A 214 23.21 0.73 -27.38
CA LEU A 214 22.20 -0.14 -26.79
C LEU A 214 20.88 -0.04 -27.52
N ALA A 215 20.51 1.18 -27.94
CA ALA A 215 19.28 1.36 -28.71
C ALA A 215 19.35 0.63 -30.04
N ASP A 216 20.55 0.52 -30.62
CA ASP A 216 20.73 -0.19 -31.88
C ASP A 216 20.67 -1.70 -31.71
N GLN A 217 20.73 -2.21 -30.47
CA GLN A 217 20.67 -3.63 -30.20
C GLN A 217 19.37 -4.04 -29.52
N SER A 218 18.35 -3.19 -29.58
CA SER A 218 17.05 -3.46 -28.98
C SER A 218 15.95 -3.31 -30.01
N LEU A 219 16.23 -3.71 -31.24
CA LEU A 219 15.30 -3.63 -32.36
C LEU A 219 14.92 -5.02 -32.85
N PRO A 220 13.92 -5.12 -33.72
CA PRO A 220 13.59 -6.40 -34.33
C PRO A 220 14.80 -6.99 -35.05
N PRO A 221 14.75 -8.26 -35.43
CA PRO A 221 15.97 -8.92 -35.92
C PRO A 221 16.57 -8.27 -37.16
N ASN A 222 15.75 -7.74 -38.06
CA ASN A 222 16.21 -7.24 -39.35
C ASN A 222 16.26 -5.72 -39.40
N PHE A 223 16.64 -5.07 -38.30
CA PHE A 223 16.83 -3.64 -38.26
C PHE A 223 18.23 -3.32 -37.75
N SER A 224 18.80 -2.22 -38.25
CA SER A 224 20.18 -1.88 -37.98
C SER A 224 20.36 -0.66 -37.07
N SER A 225 19.39 0.24 -37.01
CA SER A 225 19.54 1.45 -36.20
C SER A 225 18.17 1.92 -35.75
N LEU A 226 18.16 2.62 -34.61
CA LEU A 226 16.91 3.17 -34.10
C LEU A 226 16.32 4.19 -35.07
N GLU A 227 17.18 4.94 -35.76
CA GLU A 227 16.68 5.87 -36.78
C GLU A 227 15.87 5.15 -37.84
N ASN A 228 16.42 4.06 -38.39
CA ASN A 228 15.72 3.33 -39.43
C ASN A 228 14.43 2.72 -38.93
N PHE A 229 14.45 2.15 -37.72
CA PHE A 229 13.24 1.54 -37.18
C PHE A 229 12.16 2.58 -36.94
N ARG A 230 12.53 3.75 -36.40
CA ARG A 230 11.53 4.80 -36.20
C ARG A 230 10.99 5.31 -37.53
N ALA A 231 11.85 5.43 -38.55
CA ALA A 231 11.36 5.83 -39.86
C ALA A 231 10.38 4.81 -40.41
N TYR A 232 10.69 3.52 -40.26
CA TYR A 232 9.78 2.46 -40.71
C TYR A 232 8.46 2.54 -39.96
N VAL A 233 8.50 2.76 -38.65
CA VAL A 233 7.27 2.83 -37.88
C VAL A 233 6.43 4.02 -38.34
N ASP A 234 7.07 5.17 -38.52
CA ASP A 234 6.33 6.34 -38.99
C ASP A 234 5.72 6.11 -40.37
N GLY A 235 6.44 5.41 -41.24
CA GLY A 235 5.92 5.07 -42.55
C GLY A 235 5.01 3.87 -42.59
N PHE A 236 4.83 3.17 -41.47
CA PHE A 236 4.00 1.98 -41.44
C PHE A 236 2.52 2.36 -41.42
N GLU A 237 1.72 1.62 -42.18
CA GLU A 237 0.28 1.76 -42.19
C GLU A 237 -0.33 0.38 -42.29
N PRO A 238 -1.52 0.17 -41.71
CA PRO A 238 -2.12 -1.17 -41.75
C PRO A 238 -2.50 -1.58 -43.16
N ASN A 239 -2.02 -2.74 -43.58
CA ASN A 239 -2.31 -3.27 -44.91
C ASN A 239 -2.63 -4.76 -44.81
N GLY A 240 -3.43 -5.14 -43.83
CA GLY A 240 -3.85 -6.53 -43.67
C GLY A 240 -2.69 -7.48 -43.48
N TYR A 241 -1.90 -7.28 -42.43
CA TYR A 241 -0.78 -8.17 -42.11
C TYR A 241 -1.16 -9.24 -41.11
N ILE A 242 -2.11 -8.98 -40.20
CA ILE A 242 -2.54 -10.01 -39.28
C ILE A 242 -3.25 -11.13 -40.04
N GLU A 243 -4.03 -10.78 -41.06
CA GLU A 243 -4.73 -11.81 -41.82
C GLU A 243 -3.75 -12.73 -42.55
N GLY A 244 -2.70 -12.17 -43.13
CA GLY A 244 -1.74 -12.99 -43.84
C GLY A 244 -1.08 -14.02 -42.95
N LYS A 245 -0.61 -13.59 -41.78
CA LYS A 245 0.03 -14.53 -40.87
C LYS A 245 -0.97 -15.50 -40.25
N LEU A 246 -2.21 -15.05 -40.01
CA LEU A 246 -3.23 -15.98 -39.55
C LEU A 246 -3.48 -17.08 -40.57
N SER A 247 -3.54 -16.72 -41.85
CA SER A 247 -3.70 -17.72 -42.89
C SER A 247 -2.48 -18.63 -42.99
N GLN A 248 -1.28 -18.06 -42.88
CA GLN A 248 -0.06 -18.85 -42.99
C GLN A 248 0.21 -19.69 -41.75
N MET A 249 -0.23 -19.22 -40.58
CA MET A 249 0.04 -19.95 -39.35
C MET A 249 -0.60 -21.33 -39.40
N SER A 250 0.09 -22.30 -38.81
CA SER A 250 -0.41 -23.67 -38.81
C SER A 250 -1.76 -23.76 -38.11
N LYS A 251 -2.63 -24.61 -38.65
CA LYS A 251 -3.97 -24.75 -38.09
C LYS A 251 -4.00 -25.57 -36.81
N GLU A 252 -2.91 -26.25 -36.47
CA GLU A 252 -2.84 -26.96 -35.19
C GLU A 252 -2.86 -26.01 -34.00
N VAL A 253 -2.61 -24.71 -34.22
CA VAL A 253 -2.72 -23.70 -33.18
C VAL A 253 -4.19 -23.33 -33.06
N ASN A 254 -4.91 -24.00 -32.16
CA ASN A 254 -6.34 -23.79 -32.02
C ASN A 254 -6.71 -23.86 -30.54
N ALA A 255 -7.93 -23.42 -30.24
CA ALA A 255 -8.49 -23.42 -28.89
C ALA A 255 -9.82 -24.17 -28.90
N ARG A 256 -9.82 -25.36 -29.48
CA ARG A 256 -11.04 -26.13 -29.62
C ARG A 256 -11.69 -26.36 -28.26
N ILE A 257 -13.02 -26.24 -28.23
CA ILE A 257 -13.78 -26.36 -26.99
C ILE A 257 -14.24 -27.81 -26.85
N GLU A 258 -13.86 -28.44 -25.75
CA GLU A 258 -14.29 -29.80 -25.44
C GLU A 258 -15.57 -29.73 -24.61
N PRO A 259 -16.70 -30.27 -25.08
CA PRO A 259 -17.93 -30.20 -24.29
C PRO A 259 -17.75 -30.87 -22.94
N PHE A 260 -18.39 -30.29 -21.92
CA PHE A 260 -18.35 -30.80 -20.55
C PHE A 260 -19.73 -31.35 -20.22
N LEU A 261 -19.82 -32.67 -20.13
CA LEU A 261 -21.08 -33.36 -19.89
C LEU A 261 -21.05 -34.06 -18.52
N LYS A 262 -22.15 -34.72 -18.19
CA LYS A 262 -22.23 -35.42 -16.91
C LYS A 262 -21.21 -36.54 -16.83
N THR A 263 -20.93 -37.22 -17.94
CA THR A 263 -20.02 -38.34 -17.96
C THR A 263 -18.55 -37.92 -18.13
N THR A 264 -18.28 -36.63 -18.29
CA THR A 264 -16.92 -36.16 -18.54
C THR A 264 -16.07 -36.18 -17.27
N PRO A 265 -16.50 -35.52 -16.19
CA PRO A 265 -15.63 -35.42 -15.02
C PRO A 265 -15.42 -36.77 -14.35
N ARG A 266 -14.16 -37.06 -14.03
CA ARG A 266 -13.77 -38.28 -13.34
C ARG A 266 -13.38 -37.97 -11.90
N PRO A 267 -13.52 -38.93 -10.99
CA PRO A 267 -13.16 -38.66 -9.59
C PRO A 267 -11.68 -38.35 -9.45
N LEU A 268 -11.37 -37.43 -8.54
CA LEU A 268 -9.99 -37.07 -8.28
C LEU A 268 -9.26 -38.24 -7.61
N ARG A 269 -8.08 -38.57 -8.13
CA ARG A 269 -7.30 -39.65 -7.56
C ARG A 269 -6.56 -39.18 -6.32
N LEU A 270 -6.60 -40.01 -5.28
CA LEU A 270 -5.90 -39.68 -4.04
C LEU A 270 -4.57 -40.42 -3.97
N PRO A 271 -3.54 -39.83 -3.37
CA PRO A 271 -2.25 -40.52 -3.27
C PRO A 271 -2.35 -41.75 -2.38
N ASP A 272 -1.48 -42.72 -2.67
CA ASP A 272 -1.41 -43.97 -1.92
C ASP A 272 -0.09 -44.05 -1.18
N GLY A 273 -0.15 -44.61 0.02
CA GLY A 273 1.02 -44.74 0.86
C GLY A 273 0.65 -45.04 2.30
N PRO A 274 1.58 -44.84 3.22
CA PRO A 274 1.27 -45.07 4.62
C PRO A 274 0.17 -44.12 5.08
N PRO A 275 -0.65 -44.56 6.04
CA PRO A 275 -1.77 -43.71 6.48
C PRO A 275 -1.30 -42.33 6.95
N CYS A 276 -2.23 -41.39 6.94
CA CYS A 276 -1.93 -40.02 7.35
C CYS A 276 -1.90 -39.91 8.86
N SER A 277 -0.99 -39.10 9.36
CA SER A 277 -0.78 -38.93 10.80
C SER A 277 -1.41 -37.63 11.30
N GLN A 278 -1.33 -37.44 12.61
CA GLN A 278 -1.88 -36.24 13.22
C GLN A 278 -0.85 -35.12 13.20
N ARG A 279 -1.31 -33.91 12.87
CA ARG A 279 -0.43 -32.75 12.77
C ARG A 279 -0.79 -31.62 13.73
N SER A 280 -1.93 -31.69 14.41
CA SER A 280 -2.37 -30.60 15.27
C SER A 280 -1.37 -30.36 16.39
N LYS A 281 -1.39 -29.16 16.95
CA LYS A 281 -0.53 -28.79 18.07
C LYS A 281 -1.13 -29.21 19.41
N PHE A 282 -2.33 -29.77 19.42
CA PHE A 282 -2.95 -30.24 20.65
C PHE A 282 -4.02 -31.26 20.29
N LEU A 283 -4.40 -32.07 21.27
CA LEU A 283 -5.46 -33.04 21.07
C LEU A 283 -6.79 -32.33 20.88
N LEU A 284 -7.57 -32.78 19.90
CA LEU A 284 -8.86 -32.19 19.59
C LEU A 284 -10.02 -33.10 20.01
N MET A 285 -10.01 -34.35 19.56
CA MET A 285 -11.09 -35.28 19.85
C MET A 285 -10.86 -36.09 21.12
N ASP A 286 -9.61 -36.21 21.56
CA ASP A 286 -9.24 -37.07 22.68
C ASP A 286 -8.80 -36.28 23.91
N ALA A 287 -9.23 -35.03 24.02
CA ALA A 287 -8.84 -34.21 25.14
C ALA A 287 -9.62 -34.60 26.40
N LEU A 288 -9.01 -34.35 27.55
CA LEU A 288 -9.64 -34.56 28.85
C LEU A 288 -9.47 -33.31 29.69
N LYS A 289 -10.44 -33.05 30.55
CA LYS A 289 -10.53 -31.79 31.29
C LYS A 289 -10.57 -32.08 32.78
N LEU A 290 -9.64 -31.47 33.52
CA LEU A 290 -9.67 -31.45 34.98
C LEU A 290 -10.13 -30.06 35.42
N SER A 291 -11.10 -30.01 36.31
CA SER A 291 -11.83 -28.78 36.58
C SER A 291 -11.88 -28.47 38.07
N ILE A 292 -12.20 -27.21 38.37
CA ILE A 292 -12.28 -26.73 39.75
C ILE A 292 -13.61 -26.06 40.06
N GLU A 293 -14.35 -25.56 39.07
CA GLU A 293 -15.62 -24.90 39.30
C GLU A 293 -15.43 -23.56 40.00
N ASP A 294 -14.43 -22.80 39.59
CA ASP A 294 -14.14 -21.49 40.15
C ASP A 294 -14.97 -20.42 39.47
N PRO A 295 -15.11 -19.25 40.08
CA PRO A 295 -15.88 -18.16 39.47
C PRO A 295 -15.07 -17.21 38.60
N SER A 296 -13.81 -17.50 38.33
CA SER A 296 -12.96 -16.59 37.57
C SER A 296 -13.32 -16.62 36.09
N HIS A 297 -13.00 -15.51 35.40
CA HIS A 297 -13.25 -15.39 33.98
C HIS A 297 -12.03 -15.88 33.18
N GLU A 298 -12.16 -15.85 31.85
CA GLU A 298 -11.15 -16.45 30.98
C GLU A 298 -9.75 -15.96 31.32
N GLY A 299 -9.51 -14.65 31.15
CA GLY A 299 -8.19 -14.11 31.45
C GLY A 299 -7.92 -13.94 32.92
N GLU A 300 -8.98 -13.85 33.73
CA GLU A 300 -8.81 -13.65 35.16
C GLU A 300 -8.18 -14.87 35.80
N GLY A 301 -7.20 -14.64 36.67
CA GLY A 301 -6.57 -15.68 37.44
C GLY A 301 -5.09 -15.78 37.14
N ILE A 302 -4.44 -16.72 37.81
CA ILE A 302 -3.01 -17.01 37.65
C ILE A 302 -2.88 -18.43 37.13
N PRO A 303 -2.09 -18.67 36.08
CA PRO A 303 -2.14 -20.01 35.45
C PRO A 303 -1.68 -21.14 36.36
N LEU A 304 -0.51 -21.02 36.98
CA LEU A 304 0.08 -22.15 37.68
C LEU A 304 -0.78 -22.62 38.84
N TYR A 305 -1.31 -21.68 39.63
CA TYR A 305 -2.14 -22.07 40.76
C TYR A 305 -3.41 -22.76 40.29
N ASP A 306 -4.04 -22.24 39.24
CA ASP A 306 -5.23 -22.88 38.70
C ASP A 306 -4.92 -24.29 38.22
N ALA A 307 -3.80 -24.46 37.52
CA ALA A 307 -3.43 -25.79 37.02
C ALA A 307 -3.20 -26.76 38.18
N ILE A 308 -2.48 -26.32 39.20
CA ILE A 308 -2.22 -27.20 40.35
C ILE A 308 -3.52 -27.55 41.06
N LYS A 309 -4.40 -26.57 41.25
CA LYS A 309 -5.67 -26.83 41.92
C LYS A 309 -6.52 -27.80 41.12
N CYS A 310 -6.55 -27.65 39.80
CA CYS A 310 -7.29 -28.58 38.95
C CYS A 310 -6.71 -29.98 39.05
N MET A 311 -5.38 -30.09 39.05
CA MET A 311 -4.77 -31.42 39.07
C MET A 311 -4.95 -32.10 40.41
N ARG A 312 -4.97 -31.34 41.50
CA ARG A 312 -5.24 -31.92 42.82
C ARG A 312 -6.68 -32.43 42.94
N THR A 313 -7.58 -32.00 42.05
CA THR A 313 -8.95 -32.48 42.07
C THR A 313 -9.08 -33.93 41.63
N PHE A 314 -8.05 -34.50 41.03
CA PHE A 314 -8.06 -35.88 40.54
C PHE A 314 -7.22 -36.75 41.45
N PHE A 315 -7.75 -37.91 41.81
CA PHE A 315 -7.07 -38.89 42.63
C PHE A 315 -6.99 -40.22 41.89
N GLY A 316 -5.86 -40.91 42.04
CA GLY A 316 -5.65 -42.17 41.35
C GLY A 316 -4.34 -42.18 40.58
N TRP A 317 -3.45 -41.26 40.90
CA TRP A 317 -2.16 -41.19 40.22
C TRP A 317 -1.38 -42.50 40.39
N LYS A 318 -0.75 -42.94 39.31
CA LYS A 318 0.10 -44.12 39.32
C LYS A 318 1.47 -43.74 38.76
N GLU A 319 2.46 -44.55 39.10
CA GLU A 319 3.79 -44.33 38.56
C GLU A 319 3.74 -44.48 37.04
N PRO A 320 4.16 -43.48 36.27
CA PRO A 320 3.98 -43.55 34.82
C PRO A 320 4.87 -44.61 34.19
N ASN A 321 4.36 -45.21 33.12
CA ASN A 321 5.10 -46.22 32.38
C ASN A 321 4.76 -46.09 30.90
N VAL A 322 5.66 -46.62 30.06
CA VAL A 322 5.48 -46.52 28.62
C VAL A 322 4.36 -47.42 28.16
N VAL A 323 3.50 -46.89 27.30
CA VAL A 323 2.41 -47.67 26.70
C VAL A 323 2.68 -47.76 25.20
N LYS A 324 2.78 -46.62 24.54
CA LYS A 324 3.07 -46.59 23.11
C LYS A 324 4.30 -45.70 22.86
N PRO A 325 5.40 -46.24 22.37
CA PRO A 325 6.61 -45.43 22.19
C PRO A 325 6.50 -44.47 21.01
N HIS A 326 7.40 -43.49 21.00
CA HIS A 326 7.45 -42.53 19.90
C HIS A 326 7.82 -43.21 18.59
N GLU A 327 8.54 -44.32 18.66
CA GLU A 327 9.04 -45.12 17.53
C GLU A 327 10.23 -44.45 16.84
N LYS A 328 10.58 -43.22 17.20
CA LYS A 328 11.76 -42.57 16.65
C LYS A 328 12.59 -41.82 17.67
N GLY A 329 12.06 -41.55 18.87
CA GLY A 329 12.76 -40.82 19.89
C GLY A 329 13.17 -41.69 21.06
N ILE A 330 13.41 -41.05 22.20
CA ILE A 330 13.83 -41.72 23.42
C ILE A 330 12.70 -41.52 24.42
N ASN A 331 11.80 -42.50 24.50
CA ASN A 331 10.65 -42.38 25.39
C ASN A 331 11.03 -42.17 26.85
N PRO A 332 12.08 -42.82 27.39
CA PRO A 332 12.47 -42.53 28.77
C PRO A 332 12.67 -41.05 29.03
N ASN A 333 13.13 -40.29 28.04
CA ASN A 333 13.23 -38.84 28.21
C ASN A 333 11.85 -38.23 28.44
N TYR A 334 10.84 -38.67 27.70
CA TYR A 334 9.49 -38.16 27.92
C TYR A 334 8.99 -38.52 29.32
N LEU A 335 9.24 -39.77 29.74
CA LEU A 335 8.82 -40.19 31.08
C LEU A 335 9.47 -39.31 32.15
N LEU A 336 10.79 -39.10 32.03
CA LEU A 336 11.50 -38.29 33.02
C LEU A 336 11.02 -36.85 32.98
N ALA A 337 10.69 -36.34 31.79
CA ALA A 337 10.18 -34.98 31.69
C ALA A 337 8.83 -34.85 32.40
N TRP A 338 7.96 -35.84 32.25
CA TRP A 338 6.67 -35.81 32.94
C TRP A 338 6.87 -35.81 34.45
N LYS A 339 7.74 -36.70 34.95
CA LYS A 339 7.98 -36.74 36.39
C LYS A 339 8.62 -35.44 36.88
N GLN A 340 9.51 -34.85 36.07
CA GLN A 340 10.11 -33.57 36.42
C GLN A 340 9.05 -32.48 36.52
N VAL A 341 8.12 -32.45 35.57
CA VAL A 341 7.05 -31.46 35.60
C VAL A 341 6.24 -31.61 36.88
N LEU A 342 5.89 -32.85 37.23
CA LEU A 342 5.13 -33.08 38.46
C LEU A 342 5.91 -32.60 39.68
N ALA A 343 7.20 -32.95 39.74
CA ALA A 343 8.02 -32.58 40.90
C ALA A 343 8.10 -31.07 41.05
N GLU A 344 8.33 -30.36 39.94
CA GLU A 344 8.45 -28.91 40.03
C GLU A 344 7.11 -28.25 40.30
N LEU A 345 6.01 -28.86 39.85
CA LEU A 345 4.70 -28.36 40.22
C LEU A 345 4.50 -28.44 41.73
N GLN A 346 4.89 -29.57 42.33
CA GLN A 346 4.84 -29.65 43.78
C GLN A 346 5.75 -28.62 44.44
N ASP A 347 6.94 -28.42 43.87
CA ASP A 347 7.87 -27.43 44.40
C ASP A 347 7.24 -26.05 44.45
N ILE A 348 6.49 -25.69 43.41
CA ILE A 348 5.76 -24.42 43.45
C ILE A 348 4.66 -24.47 44.50
N GLU A 349 3.96 -25.59 44.60
CA GLU A 349 2.88 -25.68 45.58
C GLU A 349 3.40 -25.40 46.99
N ASN A 350 4.64 -25.80 47.28
CA ASN A 350 5.13 -25.65 48.65
C ASN A 350 5.36 -24.18 49.02
N GLU A 351 5.97 -23.41 48.12
CA GLU A 351 6.47 -22.09 48.49
C GLU A 351 5.33 -21.10 48.70
N GLU A 352 5.70 -19.85 49.02
CA GLU A 352 4.77 -18.85 49.54
C GLU A 352 3.66 -18.49 48.57
N LYS A 353 3.99 -17.87 47.44
CA LYS A 353 3.00 -17.45 46.45
C LYS A 353 3.37 -18.01 45.09
N ILE A 354 2.39 -18.59 44.42
CA ILE A 354 2.59 -19.26 43.13
C ILE A 354 3.12 -18.21 42.16
N PRO A 355 4.28 -18.43 41.53
CA PRO A 355 4.76 -17.44 40.54
C PRO A 355 3.83 -17.35 39.35
N LYS A 356 3.75 -16.16 38.77
CA LYS A 356 2.90 -15.96 37.60
C LYS A 356 3.40 -16.81 36.42
N THR A 357 4.72 -16.88 36.25
CA THR A 357 5.34 -17.69 35.21
C THR A 357 6.55 -18.40 35.78
N LYS A 358 6.69 -19.69 35.49
CA LYS A 358 7.78 -20.49 36.02
C LYS A 358 8.75 -20.89 34.92
N ASN A 359 10.03 -20.89 35.27
CA ASN A 359 11.07 -21.43 34.42
C ASN A 359 11.53 -22.79 34.95
N MET A 360 11.79 -23.72 34.02
CA MET A 360 12.22 -25.06 34.38
C MET A 360 13.72 -25.22 34.18
N LYS A 361 14.25 -26.26 34.81
CA LYS A 361 15.67 -26.58 34.68
C LYS A 361 15.95 -27.17 33.30
N LYS A 362 17.15 -26.88 32.80
CA LYS A 362 17.56 -27.35 31.47
C LYS A 362 18.35 -28.65 31.62
N THR A 363 17.62 -29.73 31.88
CA THR A 363 18.22 -31.05 31.98
C THR A 363 18.40 -31.64 30.59
N SER A 364 19.26 -32.66 30.51
CA SER A 364 19.49 -33.34 29.24
C SER A 364 18.19 -33.86 28.63
N GLN A 365 17.24 -34.22 29.48
CA GLN A 365 15.96 -34.75 29.01
C GLN A 365 15.29 -33.76 28.06
N LEU A 366 15.02 -32.55 28.56
CA LEU A 366 14.38 -31.54 27.73
C LEU A 366 15.35 -30.91 26.75
N LYS A 367 16.66 -31.03 26.98
CA LYS A 367 17.61 -30.61 25.96
C LYS A 367 17.44 -31.44 24.70
N TRP A 368 17.24 -32.75 24.85
CA TRP A 368 16.94 -33.59 23.70
C TRP A 368 15.52 -33.37 23.19
N ALA A 369 14.55 -33.31 24.11
CA ALA A 369 13.15 -33.17 23.70
C ALA A 369 12.88 -31.85 23.00
N LEU A 370 13.60 -30.79 23.36
CA LEU A 370 13.40 -29.48 22.75
C LEU A 370 14.39 -29.19 21.62
N GLY A 371 15.24 -30.16 21.27
CA GLY A 371 16.19 -29.96 20.19
C GLY A 371 17.13 -28.79 20.44
N GLU A 372 18.01 -28.93 21.42
CA GLU A 372 18.94 -27.88 21.79
C GLU A 372 20.34 -28.25 21.34
N ASN A 373 21.06 -27.26 20.80
CA ASN A 373 22.43 -27.45 20.33
C ASN A 373 22.48 -28.50 19.22
N MET A 374 21.45 -28.56 18.38
CA MET A 374 21.42 -29.48 17.26
C MET A 374 21.55 -28.79 15.91
N ALA A 375 21.35 -27.48 15.85
CA ALA A 375 21.57 -26.75 14.61
C ALA A 375 23.04 -26.83 14.23
N PRO A 376 23.39 -27.23 13.01
CA PRO A 376 24.81 -27.26 12.63
C PRO A 376 25.44 -25.88 12.75
N GLU A 377 26.68 -25.85 13.24
CA GLU A 377 27.38 -24.59 13.38
C GLU A 377 27.68 -23.98 12.02
N LYS A 378 27.47 -22.68 11.90
CA LYS A 378 27.67 -21.99 10.63
C LYS A 378 29.15 -21.67 10.42
N VAL A 379 29.66 -22.04 9.26
CA VAL A 379 31.06 -21.85 8.93
C VAL A 379 31.15 -21.26 7.51
N ASP A 380 32.38 -21.08 7.04
CA ASP A 380 32.64 -20.51 5.73
C ASP A 380 32.93 -21.60 4.71
N PHE A 381 32.55 -21.34 3.46
CA PHE A 381 32.73 -22.34 2.40
C PHE A 381 34.20 -22.64 2.16
N ASP A 382 35.05 -21.61 2.24
CA ASP A 382 36.47 -21.82 1.96
C ASP A 382 37.12 -22.77 2.94
N ASP A 383 36.49 -23.04 4.09
CA ASP A 383 37.02 -23.96 5.08
C ASP A 383 36.41 -25.35 5.01
N CYS A 384 35.29 -25.52 4.29
CA CYS A 384 34.61 -26.81 4.17
C CYS A 384 34.24 -26.99 2.69
N LYS A 385 35.16 -27.57 1.92
CA LYS A 385 34.92 -27.83 0.51
C LYS A 385 35.26 -29.28 0.17
N ASP A 386 36.20 -29.87 0.91
CA ASP A 386 36.62 -31.24 0.65
C ASP A 386 35.76 -32.27 1.37
N VAL A 387 34.75 -31.85 2.10
CA VAL A 387 33.87 -32.79 2.81
C VAL A 387 32.91 -33.40 1.80
N SER A 388 33.01 -34.72 1.61
CA SER A 388 32.19 -35.38 0.60
C SER A 388 30.70 -35.26 0.93
N ASP A 389 30.35 -35.38 2.21
CA ASP A 389 28.95 -35.33 2.63
C ASP A 389 28.33 -33.95 2.45
N LEU A 390 29.12 -32.93 2.15
CA LEU A 390 28.61 -31.57 2.04
C LEU A 390 27.77 -31.43 0.77
N LYS A 391 26.49 -31.08 0.94
CA LYS A 391 25.57 -30.98 -0.17
C LYS A 391 24.44 -30.02 0.21
N GLN A 392 23.48 -29.86 -0.70
CA GLN A 392 22.35 -28.99 -0.43
C GLN A 392 21.45 -29.56 0.65
N TYR A 393 20.59 -28.69 1.17
CA TYR A 393 19.50 -29.14 2.02
C TYR A 393 18.54 -30.01 1.24
N ASP A 394 17.97 -31.01 1.90
CA ASP A 394 17.04 -31.93 1.26
C ASP A 394 15.84 -31.14 0.75
N SER A 395 15.69 -31.07 -0.58
CA SER A 395 14.62 -30.32 -1.23
C SER A 395 13.95 -31.25 -2.24
N ASP A 396 12.87 -31.90 -1.82
CA ASP A 396 12.12 -32.81 -2.68
C ASP A 396 10.66 -32.78 -2.28
N GLU A 397 9.82 -33.42 -3.09
CA GLU A 397 8.40 -33.47 -2.80
C GLU A 397 8.18 -34.23 -1.49
N PRO A 398 7.28 -33.76 -0.62
CA PRO A 398 7.05 -34.46 0.65
C PRO A 398 6.67 -35.92 0.43
N GLU A 399 6.77 -36.69 1.51
CA GLU A 399 6.38 -38.09 1.47
C GLU A 399 4.89 -38.22 1.15
N LEU A 400 4.55 -39.22 0.37
CA LEU A 400 3.16 -39.48 0.02
C LEU A 400 2.48 -40.31 1.11
N ARG A 401 1.27 -39.93 1.47
CA ARG A 401 0.51 -40.63 2.50
C ARG A 401 -0.95 -40.68 2.08
N SER A 402 -1.58 -41.83 2.32
CA SER A 402 -2.98 -42.02 1.97
C SER A 402 -3.88 -41.58 3.12
N LEU A 403 -5.11 -41.20 2.77
CA LEU A 403 -6.06 -40.75 3.78
C LEU A 403 -6.47 -41.89 4.69
N ALA A 404 -6.78 -41.54 5.94
CA ALA A 404 -7.28 -42.48 6.93
C ALA A 404 -8.65 -42.00 7.42
N SER A 405 -9.37 -42.90 8.08
CA SER A 405 -10.73 -42.62 8.50
C SER A 405 -10.82 -41.82 9.79
N TRP A 406 -9.69 -41.55 10.46
CA TRP A 406 -9.74 -40.86 11.74
C TRP A 406 -10.05 -39.38 11.58
N ILE A 407 -9.57 -38.75 10.51
CA ILE A 407 -9.85 -37.33 10.31
C ILE A 407 -11.34 -37.11 10.08
N GLN A 408 -12.00 -38.03 9.39
CA GLN A 408 -13.43 -37.90 9.15
C GLN A 408 -14.19 -37.92 10.48
N SER A 409 -13.88 -38.87 11.35
CA SER A 409 -14.54 -38.93 12.66
C SER A 409 -14.20 -37.73 13.51
N GLU A 410 -12.95 -37.24 13.42
CA GLU A 410 -12.56 -36.06 14.19
C GLU A 410 -13.38 -34.85 13.77
N PHE A 411 -13.56 -34.66 12.46
CA PHE A 411 -14.42 -33.57 11.99
C PHE A 411 -15.86 -33.80 12.40
N ASN A 412 -16.33 -35.05 12.34
CA ASN A 412 -17.70 -35.35 12.74
C ASN A 412 -17.95 -34.92 14.18
N LYS A 413 -17.05 -35.28 15.09
CA LYS A 413 -17.22 -34.91 16.49
C LYS A 413 -16.78 -33.49 16.78
N ALA A 414 -16.15 -32.80 15.84
CA ALA A 414 -15.85 -31.38 15.99
C ALA A 414 -17.06 -30.50 15.72
N CYS A 415 -18.12 -31.06 15.14
CA CYS A 415 -19.35 -30.32 14.86
C CYS A 415 -20.47 -30.67 15.84
N GLU A 416 -20.17 -31.42 16.90
CA GLU A 416 -21.18 -31.87 17.83
C GLU A 416 -21.33 -30.88 18.99
N LEU A 417 -22.52 -30.86 19.57
CA LEU A 417 -22.81 -29.96 20.68
C LEU A 417 -22.06 -30.43 21.93
N THR A 418 -22.06 -29.59 22.95
CA THR A 418 -21.37 -29.85 24.20
C THR A 418 -22.24 -29.40 25.37
N ASP A 419 -21.78 -29.70 26.59
CA ASP A 419 -22.48 -29.33 27.80
C ASP A 419 -21.91 -28.07 28.44
N SER A 420 -21.38 -27.15 27.63
CA SER A 420 -20.75 -25.95 28.14
C SER A 420 -20.81 -24.86 27.08
N SER A 421 -20.61 -23.62 27.53
CA SER A 421 -20.54 -22.46 26.65
C SER A 421 -19.09 -22.01 26.61
N TRP A 422 -18.47 -22.10 25.43
CA TRP A 422 -17.05 -21.86 25.27
C TRP A 422 -16.73 -20.47 24.72
N ILE A 423 -17.72 -19.59 24.62
CA ILE A 423 -17.50 -18.23 24.16
C ILE A 423 -18.17 -17.29 25.15
N GLU A 424 -17.41 -16.34 25.69
CA GLU A 424 -17.93 -15.28 26.53
C GLU A 424 -17.61 -13.96 25.84
N LEU A 425 -18.57 -13.45 25.08
CA LEU A 425 -18.30 -12.31 24.21
C LEU A 425 -18.18 -11.03 25.02
N ASP A 426 -17.60 -10.02 24.39
CA ASP A 426 -17.34 -8.73 25.03
C ASP A 426 -18.60 -7.87 24.99
N GLU A 427 -18.45 -6.60 25.32
CA GLU A 427 -19.56 -5.65 25.36
C GLU A 427 -19.59 -4.80 24.10
N ILE A 428 -20.79 -4.33 23.76
CA ILE A 428 -20.99 -3.44 22.62
C ILE A 428 -21.88 -2.29 23.07
N GLY A 429 -21.84 -1.20 22.32
CA GLY A 429 -22.70 -0.07 22.60
C GLY A 429 -24.16 -0.49 22.58
N GLU A 430 -24.94 0.02 23.54
CA GLU A 430 -26.34 -0.37 23.63
C GLU A 430 -27.05 -0.07 22.32
N ASP A 431 -27.81 -1.05 21.82
CA ASP A 431 -28.45 -0.91 20.52
C ASP A 431 -29.49 0.22 20.57
N VAL A 432 -29.44 1.10 19.57
CA VAL A 432 -30.35 2.22 19.50
C VAL A 432 -31.27 2.16 18.28
N ALA A 433 -30.84 1.53 17.19
CA ALA A 433 -31.65 1.47 15.99
C ALA A 433 -32.34 0.11 15.88
N PRO A 434 -33.53 0.06 15.27
CA PRO A 434 -34.18 -1.26 15.09
C PRO A 434 -33.32 -2.25 14.35
N ILE A 435 -32.56 -1.81 13.34
CA ILE A 435 -31.66 -2.72 12.65
C ILE A 435 -30.62 -3.26 13.61
N GLU A 436 -30.17 -2.44 14.56
CA GLU A 436 -29.24 -2.94 15.57
C GLU A 436 -29.89 -4.00 16.44
N HIS A 437 -31.18 -3.83 16.77
CA HIS A 437 -31.88 -4.87 17.52
C HIS A 437 -31.97 -6.16 16.73
N ILE A 438 -32.28 -6.08 15.43
CA ILE A 438 -32.32 -7.27 14.60
C ILE A 438 -30.96 -7.95 14.58
N ALA A 439 -29.90 -7.16 14.41
CA ALA A 439 -28.56 -7.72 14.40
C ALA A 439 -28.23 -8.40 15.72
N SER A 440 -28.60 -7.77 16.84
CA SER A 440 -28.32 -8.36 18.14
C SER A 440 -29.09 -9.66 18.34
N MET A 441 -30.35 -9.70 17.91
CA MET A 441 -31.11 -10.94 18.02
C MET A 441 -30.51 -12.05 17.18
N ARG A 442 -30.12 -11.74 15.94
CA ARG A 442 -29.45 -12.72 15.10
C ARG A 442 -28.18 -13.21 15.77
N ARG A 443 -27.37 -12.28 16.30
CA ARG A 443 -26.11 -12.65 16.91
C ARG A 443 -26.33 -13.53 18.14
N ASN A 444 -27.35 -13.21 18.93
CA ASN A 444 -27.68 -14.04 20.08
C ASN A 444 -28.08 -15.44 19.65
N TYR A 445 -28.86 -15.56 18.57
CA TYR A 445 -29.22 -16.88 18.06
C TYR A 445 -27.98 -17.66 17.65
N PHE A 446 -27.08 -17.03 16.88
CA PHE A 446 -25.89 -17.77 16.45
C PHE A 446 -25.00 -18.13 17.64
N THR A 447 -24.88 -17.24 18.62
CA THR A 447 -24.07 -17.56 19.78
C THR A 447 -24.65 -18.73 20.55
N ALA A 448 -25.98 -18.76 20.71
CA ALA A 448 -26.61 -19.91 21.34
C ALA A 448 -26.35 -21.18 20.55
N GLU A 449 -26.28 -21.08 19.22
CA GLU A 449 -26.07 -22.28 18.41
C GLU A 449 -24.62 -22.76 18.46
N VAL A 450 -23.65 -21.85 18.44
CA VAL A 450 -22.26 -22.25 18.23
C VAL A 450 -21.46 -22.31 19.52
N SER A 451 -21.90 -21.63 20.58
CA SER A 451 -21.14 -21.64 21.83
C SER A 451 -20.96 -23.06 22.35
N HIS A 452 -22.02 -23.86 22.34
CA HIS A 452 -21.94 -25.26 22.72
C HIS A 452 -21.52 -26.08 21.51
N CYS A 453 -20.27 -25.92 21.13
CA CYS A 453 -19.71 -26.63 19.99
C CYS A 453 -18.23 -26.89 20.23
N ARG A 454 -17.77 -28.08 19.86
CA ARG A 454 -16.36 -28.41 20.05
C ARG A 454 -15.45 -27.50 19.23
N ALA A 455 -15.98 -26.93 18.13
CA ALA A 455 -15.17 -26.01 17.34
C ALA A 455 -14.81 -24.78 18.13
N THR A 456 -15.75 -24.24 18.92
CA THR A 456 -15.45 -23.08 19.74
C THR A 456 -14.43 -23.43 20.83
N GLU A 457 -14.54 -24.62 21.42
CA GLU A 457 -13.56 -25.05 22.40
C GLU A 457 -12.18 -25.14 21.78
N TYR A 458 -12.08 -25.70 20.57
CA TYR A 458 -10.79 -25.75 19.87
C TYR A 458 -10.28 -24.35 19.58
N ILE A 459 -11.18 -23.44 19.20
CA ILE A 459 -10.77 -22.06 18.93
C ILE A 459 -10.14 -21.45 20.18
N MET A 460 -10.82 -21.58 21.32
CA MET A 460 -10.29 -21.00 22.55
C MET A 460 -8.98 -21.67 22.95
N LYS A 461 -8.91 -23.00 22.85
CA LYS A 461 -7.68 -23.71 23.17
C LYS A 461 -6.52 -23.18 22.35
N GLY A 462 -6.71 -23.12 21.02
CA GLY A 462 -5.62 -22.66 20.15
C GLY A 462 -5.24 -21.23 20.44
N VAL A 463 -6.24 -20.35 20.60
CA VAL A 463 -5.94 -18.95 20.85
C VAL A 463 -5.12 -18.80 22.13
N TYR A 464 -5.58 -19.42 23.22
CA TYR A 464 -4.86 -19.29 24.49
C TYR A 464 -3.47 -19.88 24.40
N ILE A 465 -3.34 -21.07 23.81
CA ILE A 465 -2.04 -21.74 23.78
C ILE A 465 -1.06 -20.92 22.96
N ASN A 466 -1.49 -20.47 21.77
CA ASN A 466 -0.58 -19.69 20.92
C ASN A 466 -0.25 -18.34 21.53
N THR A 467 -1.21 -17.69 22.19
CA THR A 467 -0.91 -16.41 22.85
C THR A 467 0.13 -16.61 23.94
N ALA A 468 -0.07 -17.60 24.80
CA ALA A 468 0.89 -17.85 25.86
C ALA A 468 2.26 -18.21 25.30
N LEU A 469 2.28 -19.04 24.26
CA LEU A 469 3.55 -19.46 23.69
C LEU A 469 4.30 -18.29 23.08
N LEU A 470 3.59 -17.44 22.33
CA LEU A 470 4.23 -16.27 21.73
C LEU A 470 4.74 -15.31 22.80
N ASN A 471 3.93 -15.04 23.83
CA ASN A 471 4.38 -14.12 24.87
C ASN A 471 5.59 -14.68 25.61
N ALA A 472 5.58 -15.96 25.93
CA ALA A 472 6.73 -16.57 26.60
C ALA A 472 7.97 -16.55 25.71
N SER A 473 7.80 -16.83 24.42
CA SER A 473 8.95 -16.80 23.51
C SER A 473 9.53 -15.40 23.43
N CYS A 474 8.68 -14.38 23.38
CA CYS A 474 9.17 -13.01 23.27
C CYS A 474 9.78 -12.53 24.59
N ALA A 475 9.31 -13.04 25.72
CA ALA A 475 9.81 -12.61 27.02
C ALA A 475 10.99 -13.47 27.49
N ALA A 476 10.77 -14.77 27.66
CA ALA A 476 11.81 -15.68 28.12
C ALA A 476 12.39 -16.41 26.91
N MET A 477 13.24 -15.69 26.17
CA MET A 477 13.82 -16.25 24.95
C MET A 477 14.76 -17.40 25.25
N ASP A 478 15.52 -17.31 26.33
CA ASP A 478 16.59 -18.27 26.60
C ASP A 478 16.13 -19.49 27.36
N ASP A 479 15.26 -19.33 28.35
CA ASP A 479 15.07 -20.35 29.37
C ASP A 479 13.75 -21.07 29.16
N PHE A 480 13.76 -22.38 29.37
CA PHE A 480 12.57 -23.20 29.15
C PHE A 480 11.47 -22.80 30.12
N GLN A 481 10.24 -22.72 29.62
CA GLN A 481 9.13 -22.21 30.42
C GLN A 481 7.96 -23.19 30.43
N LEU A 482 7.30 -23.27 31.58
CA LEU A 482 6.13 -24.13 31.79
C LEU A 482 4.86 -23.30 31.62
N ILE A 483 3.91 -23.83 30.85
CA ILE A 483 2.63 -23.16 30.62
C ILE A 483 1.51 -24.20 30.66
N PRO A 484 0.61 -24.15 31.65
CA PRO A 484 -0.49 -25.11 31.67
C PRO A 484 -1.59 -24.74 30.69
N MET A 485 -2.06 -25.72 29.93
CA MET A 485 -3.16 -25.51 29.01
C MET A 485 -4.44 -25.27 29.80
N ILE A 486 -4.97 -24.05 29.73
CA ILE A 486 -6.13 -23.65 30.52
C ILE A 486 -7.22 -23.14 29.59
N SER A 487 -8.46 -23.55 29.87
CA SER A 487 -9.61 -23.02 29.16
C SER A 487 -10.79 -22.95 30.12
N LYS A 488 -11.46 -21.81 30.16
CA LYS A 488 -12.53 -21.58 31.11
C LYS A 488 -13.88 -21.54 30.38
N CYS A 489 -14.82 -22.32 30.87
CA CYS A 489 -16.15 -22.46 30.30
C CYS A 489 -17.21 -22.16 31.35
N ARG A 490 -18.47 -22.28 30.96
CA ARG A 490 -19.60 -22.07 31.86
C ARG A 490 -20.58 -23.21 31.68
N THR A 491 -21.00 -23.82 32.79
CA THR A 491 -21.86 -24.98 32.75
C THR A 491 -23.30 -24.57 32.42
N LYS A 492 -24.13 -25.58 32.19
CA LYS A 492 -25.56 -25.33 31.96
C LYS A 492 -26.19 -24.67 33.19
N GLU A 493 -25.79 -25.11 34.39
CA GLU A 493 -26.30 -24.50 35.60
C GLU A 493 -25.90 -23.04 35.74
N GLY A 494 -24.90 -22.60 34.98
CA GLY A 494 -24.42 -21.23 35.02
C GLY A 494 -23.14 -21.04 35.80
N ARG A 495 -22.69 -22.05 36.54
CA ARG A 495 -21.45 -21.93 37.32
C ARG A 495 -20.26 -21.93 36.38
N ARG A 496 -19.35 -20.97 36.58
CA ARG A 496 -18.13 -20.92 35.79
C ARG A 496 -17.19 -22.04 36.21
N LYS A 497 -16.32 -22.43 35.29
CA LYS A 497 -15.46 -23.58 35.49
C LYS A 497 -14.17 -23.40 34.71
N THR A 498 -13.08 -23.95 35.24
CA THR A 498 -11.80 -23.98 34.58
C THR A 498 -11.49 -25.41 34.15
N ASN A 499 -10.65 -25.55 33.13
CA ASN A 499 -10.30 -26.86 32.59
C ASN A 499 -8.82 -26.87 32.24
N LEU A 500 -8.13 -27.91 32.67
CA LEU A 500 -6.70 -28.08 32.47
C LEU A 500 -6.47 -29.31 31.60
N TYR A 501 -6.15 -29.09 30.32
CA TYR A 501 -5.87 -30.21 29.42
C TYR A 501 -4.49 -30.81 29.68
N GLY A 502 -3.50 -29.98 29.98
CA GLY A 502 -2.15 -30.49 30.22
C GLY A 502 -1.13 -29.38 30.38
N PHE A 503 0.05 -29.58 29.79
CA PHE A 503 1.15 -28.62 29.95
C PHE A 503 1.92 -28.51 28.64
N ILE A 504 2.57 -27.36 28.47
CA ILE A 504 3.46 -27.09 27.36
C ILE A 504 4.76 -26.56 27.91
N ILE A 505 5.88 -27.13 27.48
CA ILE A 505 7.20 -26.64 27.83
C ILE A 505 7.78 -25.99 26.59
N LYS A 506 7.93 -24.67 26.65
CA LYS A 506 8.54 -23.92 25.56
C LYS A 506 10.05 -23.87 25.74
N GLY A 507 10.77 -24.05 24.63
CA GLY A 507 12.22 -24.03 24.64
C GLY A 507 12.78 -22.73 24.09
N ARG A 508 14.07 -22.77 23.76
CA ARG A 508 14.75 -21.59 23.23
C ARG A 508 13.99 -21.08 22.00
N SER A 509 13.70 -19.78 21.99
CA SER A 509 12.84 -19.17 20.99
C SER A 509 13.45 -17.89 20.46
N HIS A 510 14.75 -17.93 20.12
CA HIS A 510 15.42 -16.80 19.50
C HIS A 510 15.00 -16.72 18.03
N LEU A 511 13.77 -16.26 17.82
CA LEU A 511 13.14 -16.26 16.51
C LEU A 511 13.42 -14.93 15.82
N ARG A 512 14.20 -14.97 14.74
CA ARG A 512 14.51 -13.78 13.97
C ARG A 512 13.56 -13.64 12.77
N ASN A 513 13.56 -14.64 11.89
CA ASN A 513 12.69 -14.62 10.72
C ASN A 513 11.30 -15.14 11.10
N ASP A 514 10.31 -14.76 10.28
CA ASP A 514 8.95 -15.23 10.50
C ASP A 514 8.82 -16.74 10.33
N THR A 515 9.81 -17.40 9.72
CA THR A 515 9.77 -18.84 9.52
C THR A 515 10.61 -19.60 10.54
N ASP A 516 11.41 -18.91 11.35
CA ASP A 516 12.21 -19.59 12.37
C ASP A 516 11.30 -20.35 13.31
N VAL A 517 11.76 -21.51 13.78
CA VAL A 517 10.94 -22.46 14.50
C VAL A 517 11.31 -22.44 15.98
N VAL A 518 10.29 -22.32 16.83
CA VAL A 518 10.41 -22.53 18.26
C VAL A 518 9.86 -23.91 18.57
N ASN A 519 10.67 -24.73 19.23
CA ASN A 519 10.29 -26.08 19.60
C ASN A 519 9.77 -26.11 21.03
N PHE A 520 8.72 -26.88 21.24
CA PHE A 520 8.19 -27.12 22.58
C PHE A 520 7.78 -28.57 22.69
N VAL A 521 7.50 -29.01 23.91
CA VAL A 521 6.99 -30.36 24.17
C VAL A 521 5.64 -30.23 24.86
N SER A 522 4.65 -30.93 24.32
CA SER A 522 3.28 -30.85 24.80
C SER A 522 2.88 -32.16 25.45
N MET A 523 2.22 -32.05 26.61
CA MET A 523 1.71 -33.19 27.36
C MET A 523 0.23 -32.95 27.60
N GLU A 524 -0.60 -33.95 27.29
CA GLU A 524 -2.03 -33.80 27.46
C GLU A 524 -2.65 -35.08 27.99
N PHE A 525 -3.54 -34.94 28.97
CA PHE A 525 -4.26 -36.09 29.50
C PHE A 525 -5.33 -36.54 28.51
N SER A 526 -5.63 -37.83 28.56
CA SER A 526 -6.68 -38.37 27.70
C SER A 526 -7.10 -39.72 28.24
N LEU A 527 -8.22 -40.23 27.72
CA LEU A 527 -8.68 -41.58 28.01
C LEU A 527 -8.68 -42.49 26.80
N THR A 528 -8.46 -41.95 25.60
CA THR A 528 -8.51 -42.75 24.39
C THR A 528 -7.26 -43.64 24.31
N ASP A 529 -7.47 -44.94 24.27
CA ASP A 529 -6.35 -45.87 24.19
C ASP A 529 -5.68 -45.73 22.82
N PRO A 530 -4.36 -45.52 22.76
CA PRO A 530 -3.67 -45.40 21.47
C PRO A 530 -3.38 -46.71 20.78
N ARG A 531 -3.86 -47.84 21.31
CA ARG A 531 -3.61 -49.14 20.72
C ARG A 531 -4.63 -49.51 19.64
N LEU A 532 -5.60 -48.63 19.38
CA LEU A 532 -6.64 -48.90 18.38
C LEU A 532 -6.40 -48.18 17.05
N GLU A 533 -5.79 -47.00 17.07
CA GLU A 533 -5.47 -46.27 15.84
C GLU A 533 -4.03 -45.80 15.92
N PRO A 534 -3.08 -46.73 15.97
CA PRO A 534 -1.67 -46.32 16.16
C PRO A 534 -1.15 -45.42 15.06
N HIS A 535 -1.58 -45.62 13.82
CA HIS A 535 -1.05 -44.83 12.71
C HIS A 535 -1.36 -43.36 12.85
N LYS A 536 -2.37 -43.00 13.64
CA LYS A 536 -2.70 -41.59 13.85
C LYS A 536 -1.75 -40.91 14.82
N TRP A 537 -0.97 -41.68 15.59
CA TRP A 537 -0.09 -41.16 16.62
C TRP A 537 1.38 -41.49 16.32
N GLU A 538 1.80 -41.29 15.07
CA GLU A 538 3.15 -41.68 14.68
C GLU A 538 4.19 -40.89 15.45
N LYS A 539 3.93 -39.61 15.72
CA LYS A 539 4.91 -38.72 16.32
C LYS A 539 4.68 -38.49 17.81
N TYR A 540 3.77 -39.26 18.42
CA TYR A 540 3.45 -39.10 19.84
C TYR A 540 4.09 -40.22 20.65
N CYS A 541 4.41 -39.92 21.91
CA CYS A 541 4.75 -40.92 22.91
C CYS A 541 3.67 -40.90 23.98
N VAL A 542 3.04 -42.05 24.24
CA VAL A 542 1.88 -42.12 25.12
C VAL A 542 2.23 -43.02 26.30
N LEU A 543 2.07 -42.47 27.50
CA LEU A 543 2.30 -43.17 28.75
C LEU A 543 0.98 -43.49 29.44
N GLU A 544 1.04 -44.31 30.48
CA GLU A 544 -0.07 -44.57 31.38
C GLU A 544 0.21 -43.88 32.70
N ILE A 545 -0.65 -42.93 33.07
CA ILE A 545 -0.39 -42.10 34.24
C ILE A 545 -1.43 -42.27 35.35
N GLY A 546 -2.61 -42.77 35.05
CA GLY A 546 -3.56 -42.97 36.14
C GLY A 546 -4.80 -43.71 35.73
N ASP A 547 -5.81 -43.65 36.61
CA ASP A 547 -7.12 -44.23 36.36
C ASP A 547 -8.19 -43.23 36.77
N MET A 548 -9.26 -43.17 35.99
CA MET A 548 -10.34 -42.24 36.22
C MET A 548 -11.65 -42.99 36.44
N LEU A 549 -12.51 -42.45 37.30
CA LEU A 549 -13.79 -43.04 37.62
C LEU A 549 -14.88 -42.02 37.32
N LEU A 550 -15.59 -42.21 36.21
CA LEU A 550 -16.71 -41.37 35.84
C LEU A 550 -18.02 -42.13 36.09
N ARG A 551 -18.98 -41.45 36.71
CA ARG A 551 -20.22 -42.09 37.13
C ARG A 551 -20.96 -42.63 35.92
N SER A 552 -21.18 -43.95 35.89
CA SER A 552 -21.95 -44.59 34.84
C SER A 552 -22.82 -45.68 35.46
N ALA A 553 -23.92 -46.01 34.77
CA ALA A 553 -24.83 -47.03 35.28
C ALA A 553 -24.20 -48.41 35.33
N ILE A 554 -23.11 -48.63 34.61
CA ILE A 554 -22.42 -49.94 34.62
C ILE A 554 -21.41 -49.86 35.77
N GLY A 555 -21.89 -50.12 36.98
CA GLY A 555 -21.07 -49.94 38.15
C GLY A 555 -20.35 -48.60 38.10
N GLN A 556 -19.03 -48.64 37.97
CA GLN A 556 -18.27 -47.46 37.59
C GLN A 556 -17.08 -47.92 36.75
N VAL A 557 -16.83 -47.21 35.66
CA VAL A 557 -15.97 -47.74 34.60
C VAL A 557 -14.56 -47.98 35.12
N SER A 558 -13.99 -47.01 35.84
CA SER A 558 -12.60 -47.08 36.26
C SER A 558 -11.67 -47.26 35.06
N ARG A 559 -11.82 -46.35 34.09
CA ARG A 559 -11.06 -46.38 32.86
C ARG A 559 -9.60 -46.04 33.11
N PRO A 560 -8.68 -46.49 32.24
CA PRO A 560 -7.32 -45.97 32.28
C PRO A 560 -7.28 -44.52 31.85
N MET A 561 -6.17 -43.84 32.17
CA MET A 561 -6.02 -42.43 31.87
C MET A 561 -4.58 -42.19 31.48
N PHE A 562 -4.37 -41.93 30.19
CA PHE A 562 -3.06 -41.89 29.56
C PHE A 562 -2.60 -40.44 29.35
N LEU A 563 -1.32 -40.31 29.05
CA LEU A 563 -0.70 -39.01 28.78
C LEU A 563 -0.07 -39.04 27.40
N TYR A 564 -0.61 -38.23 26.49
CA TYR A 564 -0.01 -38.06 25.16
C TYR A 564 1.07 -36.99 25.25
N VAL A 565 2.31 -37.40 25.00
CA VAL A 565 3.47 -36.52 25.09
C VAL A 565 4.14 -36.50 23.73
N ARG A 566 4.46 -35.29 23.23
CA ARG A 566 5.11 -35.19 21.94
C ARG A 566 5.96 -33.93 21.88
N THR A 567 6.90 -33.93 20.93
CA THR A 567 7.69 -32.75 20.60
C THR A 567 7.10 -32.10 19.36
N ASN A 568 6.69 -30.84 19.48
CA ASN A 568 6.10 -30.10 18.39
C ASN A 568 6.85 -28.78 18.23
N GLY A 569 6.50 -28.04 17.19
CA GLY A 569 7.14 -26.76 16.94
C GLY A 569 6.20 -25.83 16.20
N THR A 570 6.47 -24.54 16.31
CA THR A 570 5.70 -23.52 15.63
C THR A 570 6.63 -22.39 15.19
N SER A 571 6.05 -21.33 14.67
CA SER A 571 6.81 -20.16 14.23
C SER A 571 6.00 -18.91 14.52
N LYS A 572 6.68 -17.76 14.42
CA LYS A 572 6.00 -16.50 14.70
C LYS A 572 4.74 -16.34 13.86
N ILE A 573 4.84 -16.64 12.57
CA ILE A 573 3.66 -16.53 11.70
C ILE A 573 2.58 -17.51 12.14
N LYS A 574 2.97 -18.75 12.43
CA LYS A 574 1.98 -19.74 12.86
C LYS A 574 1.33 -19.35 14.17
N MET A 575 2.12 -18.86 15.12
CA MET A 575 1.55 -18.41 16.39
C MET A 575 0.58 -17.26 16.18
N LYS A 576 0.98 -16.28 15.37
CA LYS A 576 0.11 -15.12 15.13
C LYS A 576 -1.19 -15.54 14.48
N TRP A 577 -1.13 -16.44 13.50
CA TRP A 577 -2.34 -16.86 12.80
C TRP A 577 -3.20 -17.79 13.64
N GLY A 578 -2.59 -18.59 14.51
CA GLY A 578 -3.38 -19.42 15.41
C GLY A 578 -4.00 -18.65 16.55
N MET A 579 -3.45 -17.49 16.89
CA MET A 579 -4.06 -16.63 17.90
C MET A 579 -5.16 -15.75 17.31
N GLU A 580 -5.42 -15.82 16.00
CA GLU A 580 -6.55 -15.16 15.37
C GLU A 580 -7.53 -16.19 14.84
N MET A 581 -7.74 -17.27 15.59
CA MET A 581 -8.68 -18.30 15.17
C MET A 581 -10.13 -17.89 15.36
N ARG A 582 -10.39 -16.77 16.05
CA ARG A 582 -11.78 -16.36 16.29
C ARG A 582 -12.46 -15.87 15.02
N ARG A 583 -11.71 -15.56 13.97
CA ARG A 583 -12.32 -15.15 12.71
C ARG A 583 -12.95 -16.32 11.96
N CYS A 584 -12.72 -17.55 12.41
CA CYS A 584 -13.49 -18.67 11.89
C CYS A 584 -14.97 -18.51 12.23
N LEU A 585 -15.27 -18.05 13.44
CA LEU A 585 -16.63 -17.70 13.79
C LEU A 585 -17.21 -16.71 12.79
N LEU A 586 -16.43 -15.67 12.47
CA LEU A 586 -16.88 -14.70 11.48
C LEU A 586 -17.20 -15.43 10.19
N GLN A 587 -16.18 -15.98 9.53
CA GLN A 587 -16.39 -16.67 8.26
C GLN A 587 -17.69 -17.49 8.25
N SER A 588 -17.83 -18.40 9.21
CA SER A 588 -18.98 -19.28 9.23
C SER A 588 -20.28 -18.49 9.33
N LEU A 589 -20.34 -17.56 10.29
CA LEU A 589 -21.63 -16.94 10.56
C LEU A 589 -21.96 -15.88 9.52
N GLN A 590 -20.95 -15.29 8.89
CA GLN A 590 -21.17 -14.47 7.71
C GLN A 590 -21.80 -15.29 6.60
N GLN A 591 -21.31 -16.52 6.38
CA GLN A 591 -21.94 -17.36 5.37
C GLN A 591 -23.40 -17.63 5.70
N ILE A 592 -23.67 -17.98 6.97
CA ILE A 592 -25.06 -18.28 7.35
C ILE A 592 -25.93 -17.04 7.23
N GLU A 593 -25.42 -15.88 7.64
CA GLU A 593 -26.21 -14.66 7.56
C GLU A 593 -26.44 -14.24 6.12
N SER A 594 -25.48 -14.53 5.24
CA SER A 594 -25.71 -14.31 3.81
C SER A 594 -26.83 -15.20 3.31
N MET A 595 -26.84 -16.47 3.73
CA MET A 595 -27.95 -17.34 3.38
C MET A 595 -29.27 -16.75 3.85
N ILE A 596 -29.32 -16.32 5.10
CA ILE A 596 -30.57 -15.81 5.68
C ILE A 596 -31.03 -14.57 4.93
N GLU A 597 -30.11 -13.66 4.65
CA GLU A 597 -30.47 -12.43 3.95
C GLU A 597 -30.94 -12.73 2.53
N ALA A 598 -30.25 -13.63 1.84
CA ALA A 598 -30.65 -13.98 0.48
C ALA A 598 -32.06 -14.57 0.46
N GLU A 599 -32.36 -15.45 1.42
CA GLU A 599 -33.70 -16.02 1.47
C GLU A 599 -34.74 -14.98 1.88
N SER A 600 -34.38 -14.05 2.76
CA SER A 600 -35.29 -13.02 3.21
C SER A 600 -35.53 -11.94 2.17
N SER A 601 -34.62 -11.78 1.21
CA SER A 601 -34.89 -10.89 0.09
C SER A 601 -36.04 -11.40 -0.78
N VAL A 602 -36.34 -12.69 -0.69
CA VAL A 602 -37.47 -13.25 -1.43
C VAL A 602 -38.78 -12.90 -0.74
N LYS A 603 -38.94 -13.32 0.51
CA LYS A 603 -40.09 -12.97 1.32
C LYS A 603 -39.77 -11.70 2.09
N GLU A 604 -40.58 -10.66 1.88
CA GLU A 604 -40.25 -9.35 2.42
C GLU A 604 -40.44 -9.35 3.93
N LYS A 605 -39.54 -10.02 4.64
CA LYS A 605 -39.61 -10.13 6.10
C LYS A 605 -38.37 -10.84 6.61
N ASP A 606 -37.92 -10.51 7.82
CA ASP A 606 -36.79 -11.20 8.41
C ASP A 606 -37.18 -12.64 8.73
N MET A 607 -36.31 -13.57 8.35
CA MET A 607 -36.63 -14.99 8.36
C MET A 607 -35.77 -15.77 9.35
N THR A 608 -35.10 -15.07 10.26
CA THR A 608 -34.15 -15.73 11.16
C THR A 608 -34.88 -16.61 12.18
N LYS A 609 -35.93 -16.08 12.80
CA LYS A 609 -36.53 -16.78 13.93
C LYS A 609 -37.10 -18.12 13.51
N GLU A 610 -37.83 -18.15 12.39
CA GLU A 610 -38.41 -19.42 11.94
C GLU A 610 -37.33 -20.38 11.46
N PHE A 611 -36.28 -19.87 10.83
CA PHE A 611 -35.16 -20.73 10.47
C PHE A 611 -34.58 -21.43 11.70
N PHE A 612 -34.38 -20.69 12.78
CA PHE A 612 -33.72 -21.26 13.95
C PHE A 612 -34.63 -22.06 14.86
N GLU A 613 -35.95 -21.79 14.84
CA GLU A 613 -36.88 -22.52 15.70
C GLU A 613 -37.65 -23.61 14.96
N ASN A 614 -38.33 -23.27 13.86
CA ASN A 614 -39.13 -24.27 13.16
C ASN A 614 -38.27 -25.38 12.59
N LYS A 615 -37.09 -25.04 12.06
CA LYS A 615 -36.16 -26.04 11.54
C LYS A 615 -36.77 -26.83 10.40
N SER A 616 -37.72 -26.22 9.68
CA SER A 616 -38.34 -26.92 8.55
C SER A 616 -37.37 -27.09 7.40
N GLU A 617 -36.72 -25.99 6.99
CA GLU A 617 -35.76 -26.06 5.90
C GLU A 617 -34.46 -26.69 6.38
N THR A 618 -33.84 -27.50 5.51
CA THR A 618 -32.59 -28.17 5.84
C THR A 618 -31.70 -28.18 4.60
N TRP A 619 -30.38 -28.23 4.85
CA TRP A 619 -29.40 -28.24 3.77
C TRP A 619 -28.62 -29.55 3.80
N PRO A 620 -28.18 -30.07 2.64
CA PRO A 620 -27.31 -31.26 2.65
C PRO A 620 -25.99 -30.97 3.32
N ILE A 621 -25.73 -31.61 4.47
CA ILE A 621 -24.55 -31.30 5.26
C ILE A 621 -23.79 -32.60 5.60
N GLY A 622 -24.01 -33.63 4.82
CA GLY A 622 -23.33 -34.89 5.04
C GLY A 622 -24.08 -36.04 4.39
N GLU A 623 -23.39 -37.17 4.24
CA GLU A 623 -23.94 -38.35 3.61
C GLU A 623 -23.79 -39.54 4.54
N SER A 624 -24.87 -40.29 4.70
CA SER A 624 -24.90 -41.55 5.42
C SER A 624 -25.04 -42.70 4.45
N PRO A 625 -24.65 -43.92 4.85
CA PRO A 625 -24.81 -45.07 3.95
C PRO A 625 -26.20 -45.17 3.35
N LYS A 626 -27.24 -44.73 4.07
CA LYS A 626 -28.57 -44.68 3.48
C LYS A 626 -28.63 -43.66 2.36
N GLY A 627 -27.97 -42.52 2.51
CA GLY A 627 -28.00 -41.49 1.49
C GLY A 627 -27.54 -40.17 2.07
N VAL A 628 -27.86 -39.09 1.35
CA VAL A 628 -27.50 -37.75 1.77
C VAL A 628 -28.39 -37.33 2.93
N GLU A 629 -27.78 -36.79 3.97
CA GLU A 629 -28.50 -36.34 5.16
C GLU A 629 -28.50 -34.82 5.24
N GLU A 630 -29.65 -34.26 5.57
CA GLU A 630 -29.83 -32.82 5.69
C GLU A 630 -30.07 -32.45 7.14
N GLY A 631 -29.54 -31.27 7.54
CA GLY A 631 -29.66 -30.80 8.89
C GLY A 631 -30.17 -29.37 8.93
N SER A 632 -30.62 -28.96 10.11
CA SER A 632 -31.15 -27.63 10.29
C SER A 632 -30.06 -26.58 10.10
N ILE A 633 -30.46 -25.31 10.18
CA ILE A 633 -29.51 -24.22 9.92
C ILE A 633 -28.42 -24.21 10.99
N GLY A 634 -28.77 -24.55 12.23
CA GLY A 634 -27.77 -24.58 13.28
C GLY A 634 -26.67 -25.60 13.00
N LYS A 635 -27.04 -26.76 12.50
CA LYS A 635 -26.04 -27.76 12.14
C LYS A 635 -25.15 -27.26 11.01
N VAL A 636 -25.71 -26.53 10.05
CA VAL A 636 -24.90 -25.93 9.00
C VAL A 636 -23.93 -24.92 9.61
N CYS A 637 -24.40 -24.11 10.56
CA CYS A 637 -23.51 -23.18 11.25
C CYS A 637 -22.34 -23.92 11.87
N ARG A 638 -22.63 -24.97 12.62
CA ARG A 638 -21.57 -25.71 13.30
C ARG A 638 -20.63 -26.37 12.31
N THR A 639 -21.17 -26.90 11.21
CA THR A 639 -20.33 -27.56 10.20
C THR A 639 -19.37 -26.55 9.56
N LEU A 640 -19.89 -25.38 9.18
CA LEU A 640 -19.01 -24.38 8.58
C LEU A 640 -17.98 -23.88 9.58
N LEU A 641 -18.38 -23.70 10.85
CA LEU A 641 -17.42 -23.28 11.86
C LEU A 641 -16.32 -24.32 12.02
N ALA A 642 -16.68 -25.60 12.03
CA ALA A 642 -15.67 -26.65 12.14
C ALA A 642 -14.76 -26.66 10.93
N LYS A 643 -15.33 -26.45 9.73
CA LYS A 643 -14.51 -26.40 8.53
C LYS A 643 -13.49 -25.27 8.61
N SER A 644 -13.94 -24.09 9.04
CA SER A 644 -13.00 -22.97 9.17
C SER A 644 -11.95 -23.24 10.24
N VAL A 645 -12.35 -23.85 11.36
CA VAL A 645 -11.39 -24.14 12.42
C VAL A 645 -10.33 -25.12 11.92
N PHE A 646 -10.76 -26.15 11.19
CA PHE A 646 -9.78 -27.12 10.67
C PHE A 646 -8.92 -26.49 9.57
N ASN A 647 -9.47 -25.56 8.79
CA ASN A 647 -8.65 -24.82 7.85
C ASN A 647 -7.55 -24.05 8.58
N SER A 648 -7.89 -23.42 9.70
CA SER A 648 -6.92 -22.68 10.47
C SER A 648 -5.93 -23.60 11.19
N LEU A 649 -6.34 -24.82 11.51
CA LEU A 649 -5.47 -25.74 12.25
C LEU A 649 -4.52 -26.47 11.32
N TYR A 650 -5.03 -27.03 10.22
CA TYR A 650 -4.23 -27.80 9.28
C TYR A 650 -3.83 -26.98 8.05
N ALA A 651 -3.61 -25.68 8.23
CA ALA A 651 -3.25 -24.82 7.11
C ALA A 651 -1.92 -25.26 6.50
N SER A 652 -1.83 -25.17 5.18
CA SER A 652 -0.63 -25.55 4.46
C SER A 652 -0.72 -25.12 3.00
N PRO A 653 0.40 -25.05 2.28
CA PRO A 653 0.33 -24.69 0.86
C PRO A 653 -0.53 -25.65 0.05
N GLN A 654 -0.51 -26.94 0.41
CA GLN A 654 -1.37 -27.90 -0.26
C GLN A 654 -2.82 -27.48 -0.18
N LEU A 655 -3.25 -27.00 0.98
CA LEU A 655 -4.64 -26.58 1.14
C LEU A 655 -4.97 -25.43 0.19
N GLU A 656 -4.09 -24.43 0.10
CA GLU A 656 -4.37 -23.29 -0.77
C GLU A 656 -4.44 -23.74 -2.23
N GLY A 657 -3.45 -24.52 -2.68
CA GLY A 657 -3.43 -24.94 -4.06
C GLY A 657 -4.66 -25.77 -4.41
N PHE A 658 -4.98 -26.75 -3.56
CA PHE A 658 -6.16 -27.56 -3.82
C PHE A 658 -7.43 -26.73 -3.79
N SER A 659 -7.53 -25.79 -2.86
CA SER A 659 -8.72 -24.96 -2.78
C SER A 659 -8.94 -24.19 -4.08
N ALA A 660 -7.87 -23.56 -4.59
CA ALA A 660 -8.02 -22.79 -5.82
C ALA A 660 -8.36 -23.70 -7.01
N GLU A 661 -7.57 -24.75 -7.21
CA GLU A 661 -7.74 -25.58 -8.39
C GLU A 661 -8.99 -26.45 -8.31
N SER A 662 -9.60 -26.61 -7.13
CA SER A 662 -10.86 -27.30 -6.99
C SER A 662 -12.04 -26.35 -7.03
N ARG A 663 -11.86 -25.09 -6.62
CA ARG A 663 -12.89 -24.09 -6.84
C ARG A 663 -13.11 -23.88 -8.33
N LYS A 664 -12.05 -23.93 -9.12
CA LYS A 664 -12.23 -23.83 -10.57
C LYS A 664 -13.15 -24.95 -11.07
N LEU A 665 -12.86 -26.19 -10.70
CA LEU A 665 -13.68 -27.32 -11.16
C LEU A 665 -15.09 -27.26 -10.58
N LEU A 666 -15.22 -26.77 -9.34
CA LEU A 666 -16.54 -26.60 -8.75
C LEU A 666 -17.37 -25.60 -9.54
N LEU A 667 -16.75 -24.49 -9.97
CA LEU A 667 -17.46 -23.54 -10.80
C LEU A 667 -17.87 -24.16 -12.12
N ILE A 668 -16.97 -24.94 -12.74
CA ILE A 668 -17.33 -25.62 -13.99
C ILE A 668 -18.52 -26.55 -13.78
N VAL A 669 -18.49 -27.33 -12.69
CA VAL A 669 -19.57 -28.27 -12.42
C VAL A 669 -20.87 -27.52 -12.16
N GLN A 670 -20.80 -26.40 -11.44
CA GLN A 670 -21.99 -25.59 -11.20
C GLN A 670 -22.56 -25.06 -12.50
N ALA A 671 -21.69 -24.61 -13.41
CA ALA A 671 -22.17 -24.19 -14.72
C ALA A 671 -22.85 -25.32 -15.45
N LEU A 672 -22.29 -26.53 -15.36
CA LEU A 672 -22.93 -27.69 -15.97
C LEU A 672 -24.32 -27.92 -15.38
N ARG A 673 -24.43 -27.88 -14.05
CA ARG A 673 -25.71 -28.12 -13.40
C ARG A 673 -26.73 -27.02 -13.68
N ASP A 674 -26.26 -25.84 -14.09
CA ASP A 674 -27.15 -24.73 -14.40
C ASP A 674 -27.58 -24.71 -15.86
N ASN A 675 -27.18 -25.71 -16.64
CA ASN A 675 -27.53 -25.80 -18.05
C ASN A 675 -26.99 -24.60 -18.83
N LEU A 676 -25.69 -24.37 -18.68
CA LEU A 676 -25.02 -23.25 -19.33
C LEU A 676 -23.98 -23.70 -20.35
N GLU A 677 -24.09 -24.93 -20.83
CA GLU A 677 -23.22 -25.49 -21.87
C GLU A 677 -21.75 -25.17 -21.57
N PRO A 678 -21.24 -25.60 -20.42
CA PRO A 678 -19.83 -25.33 -20.10
C PRO A 678 -18.90 -26.07 -21.04
N GLY A 679 -17.72 -25.48 -21.23
CA GLY A 679 -16.71 -26.07 -22.08
C GLY A 679 -15.34 -25.83 -21.50
N THR A 680 -14.41 -26.69 -21.88
CA THR A 680 -13.04 -26.62 -21.39
C THR A 680 -12.07 -26.77 -22.54
N PHE A 681 -10.90 -26.16 -22.40
CA PHE A 681 -9.85 -26.27 -23.40
C PHE A 681 -8.86 -27.39 -23.08
N ASP A 682 -8.52 -27.58 -21.80
CA ASP A 682 -7.68 -28.69 -21.39
C ASP A 682 -8.12 -29.08 -19.98
N LEU A 683 -9.03 -30.05 -19.88
CA LEU A 683 -9.51 -30.49 -18.57
C LEU A 683 -8.48 -31.38 -17.89
N GLY A 684 -7.73 -32.17 -18.67
CA GLY A 684 -6.68 -32.98 -18.08
C GLY A 684 -5.64 -32.16 -17.37
N GLY A 685 -5.31 -30.99 -17.93
CA GLY A 685 -4.37 -30.11 -17.26
C GLY A 685 -4.89 -29.62 -15.92
N LEU A 686 -6.18 -29.25 -15.87
CA LEU A 686 -6.77 -28.84 -14.61
C LEU A 686 -6.76 -29.98 -13.60
N TYR A 687 -7.08 -31.19 -14.04
CA TYR A 687 -7.07 -32.33 -13.13
C TYR A 687 -5.66 -32.57 -12.59
N GLU A 688 -4.65 -32.51 -13.45
CA GLU A 688 -3.28 -32.67 -12.99
C GLU A 688 -2.87 -31.57 -12.04
N ALA A 689 -3.37 -30.34 -12.26
CA ALA A 689 -3.09 -29.25 -11.34
C ALA A 689 -3.72 -29.50 -9.97
N ILE A 690 -4.92 -30.06 -9.94
CA ILE A 690 -5.56 -30.35 -8.66
C ILE A 690 -4.83 -31.49 -7.95
N GLU A 691 -4.50 -32.55 -8.69
CA GLU A 691 -3.96 -33.76 -8.08
C GLU A 691 -2.55 -33.58 -7.55
N GLU A 692 -1.83 -32.55 -7.99
CA GLU A 692 -0.48 -32.34 -7.49
C GLU A 692 -0.44 -31.67 -6.12
N CYS A 693 -1.57 -31.13 -5.64
CA CYS A 693 -1.63 -30.53 -4.32
C CYS A 693 -1.87 -31.55 -3.22
N LEU A 694 -2.33 -32.75 -3.56
CA LEU A 694 -2.65 -33.77 -2.57
C LEU A 694 -1.41 -34.63 -2.35
N ILE A 695 -0.72 -34.42 -1.22
CA ILE A 695 0.52 -35.15 -0.97
C ILE A 695 0.43 -35.93 0.35
N ASN A 696 0.35 -35.22 1.47
CA ASN A 696 0.30 -35.89 2.76
C ASN A 696 -0.56 -35.21 3.82
N ASP A 697 -1.21 -34.11 3.50
CA ASP A 697 -1.94 -33.40 4.55
C ASP A 697 -3.30 -34.07 4.77
N PRO A 698 -3.63 -34.50 6.00
CA PRO A 698 -4.94 -35.14 6.20
C PRO A 698 -6.10 -34.27 5.80
N TRP A 699 -6.03 -32.96 6.07
CA TRP A 699 -7.16 -32.08 5.81
C TRP A 699 -7.43 -31.96 4.32
N VAL A 700 -6.38 -31.76 3.51
CA VAL A 700 -6.58 -31.59 2.08
C VAL A 700 -7.06 -32.89 1.46
N LEU A 701 -6.55 -34.04 1.93
CA LEU A 701 -7.02 -35.31 1.42
C LEU A 701 -8.48 -35.54 1.76
N LEU A 702 -8.89 -35.16 2.98
CA LEU A 702 -10.30 -35.27 3.33
C LEU A 702 -11.15 -34.35 2.47
N ASN A 703 -10.65 -33.15 2.18
CA ASN A 703 -11.37 -32.25 1.29
C ASN A 703 -11.51 -32.84 -0.10
N ALA A 704 -10.45 -33.49 -0.59
CA ALA A 704 -10.53 -34.13 -1.90
C ALA A 704 -11.53 -35.28 -1.91
N SER A 705 -11.56 -36.07 -0.84
CA SER A 705 -12.55 -37.13 -0.74
C SER A 705 -13.96 -36.56 -0.72
N TRP A 706 -14.16 -35.45 0.01
CA TRP A 706 -15.45 -34.78 0.01
C TRP A 706 -15.81 -34.30 -1.38
N PHE A 707 -14.84 -33.76 -2.12
CA PHE A 707 -15.10 -33.30 -3.47
C PHE A 707 -15.50 -34.44 -4.39
N ASN A 708 -14.82 -35.59 -4.26
CA ASN A 708 -15.21 -36.76 -5.05
C ASN A 708 -16.62 -37.21 -4.70
N SER A 709 -16.97 -37.22 -3.42
CA SER A 709 -18.32 -37.59 -3.02
C SER A 709 -19.35 -36.61 -3.58
N PHE A 710 -19.01 -35.31 -3.57
CA PHE A 710 -19.93 -34.31 -4.11
C PHE A 710 -20.12 -34.50 -5.61
N LEU A 711 -19.05 -34.80 -6.33
CA LEU A 711 -19.18 -35.10 -7.75
C LEU A 711 -20.07 -36.33 -7.98
N THR A 712 -19.86 -37.38 -7.18
CA THR A 712 -20.67 -38.58 -7.33
C THR A 712 -22.15 -38.29 -7.08
N HIS A 713 -22.45 -37.52 -6.03
CA HIS A 713 -23.84 -37.18 -5.73
C HIS A 713 -24.39 -36.17 -6.74
N ALA A 714 -23.56 -35.22 -7.17
CA ALA A 714 -23.94 -34.30 -8.23
C ALA A 714 -23.86 -35.05 -9.57
N LEU A 715 -24.05 -34.33 -10.67
CA LEU A 715 -24.00 -34.92 -12.00
C LEU A 715 -25.06 -36.02 -12.14
N ARG A 716 -26.30 -35.64 -11.86
CA ARG A 716 -27.42 -36.56 -11.94
C ARG A 716 -28.67 -35.87 -12.45
N MET B 1 -23.59 -41.01 10.58
CA MET B 1 -23.59 -39.97 9.52
C MET B 1 -22.27 -39.21 9.52
N ASP B 2 -21.70 -39.03 8.33
CA ASP B 2 -20.44 -38.31 8.15
C ASP B 2 -20.73 -36.92 7.61
N VAL B 3 -20.20 -35.90 8.30
CA VAL B 3 -20.43 -34.52 7.90
C VAL B 3 -19.53 -34.18 6.73
N ASN B 4 -20.10 -33.45 5.76
CA ASN B 4 -19.36 -33.06 4.57
C ASN B 4 -19.83 -31.69 4.09
N PRO B 5 -19.09 -30.61 4.39
CA PRO B 5 -19.56 -29.28 3.98
C PRO B 5 -19.73 -29.13 2.48
N THR B 6 -18.91 -29.80 1.67
CA THR B 6 -18.97 -29.60 0.22
C THR B 6 -20.35 -29.95 -0.33
N LEU B 7 -21.03 -30.93 0.27
CA LEU B 7 -22.36 -31.30 -0.19
C LEU B 7 -23.34 -30.14 -0.09
N LEU B 8 -23.01 -29.12 0.71
CA LEU B 8 -23.85 -27.93 0.77
C LEU B 8 -24.03 -27.30 -0.59
N PHE B 9 -23.09 -27.50 -1.51
CA PHE B 9 -23.21 -26.93 -2.84
C PHE B 9 -24.30 -27.59 -3.67
N LEU B 10 -24.85 -28.73 -3.22
CA LEU B 10 -25.94 -29.36 -3.95
C LEU B 10 -27.26 -28.60 -3.82
N LYS B 11 -27.37 -27.72 -2.82
CA LYS B 11 -28.55 -26.89 -2.64
C LYS B 11 -28.27 -25.41 -2.83
N VAL B 12 -27.13 -24.93 -2.36
CA VAL B 12 -26.71 -23.54 -2.52
C VAL B 12 -25.79 -23.48 -3.74
N PRO B 13 -26.08 -22.65 -4.75
CA PRO B 13 -25.18 -22.55 -5.91
C PRO B 13 -23.74 -22.26 -5.48
N ALA B 14 -22.79 -22.60 -6.35
CA ALA B 14 -21.38 -22.50 -5.98
C ALA B 14 -21.00 -21.06 -5.62
N GLN B 15 -21.45 -20.09 -6.43
CA GLN B 15 -21.06 -18.71 -6.19
C GLN B 15 -21.74 -18.11 -4.97
N ASN B 16 -22.95 -18.55 -4.64
CA ASN B 16 -23.63 -18.04 -3.46
C ASN B 16 -22.99 -18.51 -2.16
N ALA B 17 -22.10 -19.51 -2.21
CA ALA B 17 -21.38 -19.97 -1.04
C ALA B 17 -19.91 -20.15 -1.33
N ILE B 18 -19.37 -19.35 -2.27
CA ILE B 18 -17.97 -19.48 -2.65
C ILE B 18 -17.04 -19.11 -1.52
N SER B 19 -17.52 -18.33 -0.54
CA SER B 19 -16.66 -17.95 0.58
C SER B 19 -16.15 -19.17 1.32
N THR B 20 -16.92 -20.26 1.32
CA THR B 20 -16.49 -21.48 2.00
C THR B 20 -15.26 -22.11 1.36
N THR B 21 -14.98 -21.77 0.10
CA THR B 21 -13.86 -22.37 -0.64
C THR B 21 -12.59 -21.53 -0.56
N PHE B 22 -12.50 -20.63 0.43
CA PHE B 22 -11.35 -19.75 0.60
C PHE B 22 -10.76 -19.97 1.98
N PRO B 23 -9.74 -20.84 2.12
CA PRO B 23 -9.16 -21.10 3.44
C PRO B 23 -8.22 -19.99 3.90
N TYR B 24 -8.78 -18.80 4.09
CA TYR B 24 -8.03 -17.61 4.48
C TYR B 24 -8.06 -17.37 5.98
N THR B 25 -8.23 -18.44 6.76
CA THR B 25 -8.18 -18.35 8.23
C THR B 25 -6.91 -18.96 8.80
N GLY B 26 -6.01 -19.46 7.95
CA GLY B 26 -4.77 -20.06 8.41
C GLY B 26 -3.57 -19.28 7.88
N ASP B 27 -2.40 -19.70 8.33
CA ASP B 27 -1.17 -19.02 7.93
C ASP B 27 -0.93 -19.22 6.44
N PRO B 28 -0.71 -18.16 5.67
CA PRO B 28 -0.43 -18.32 4.24
C PRO B 28 0.96 -18.89 4.04
N PRO B 29 1.21 -19.54 2.88
CA PRO B 29 2.54 -20.11 2.65
C PRO B 29 3.62 -19.04 2.60
N TYR B 30 4.79 -19.38 3.15
CA TYR B 30 5.97 -18.52 3.12
C TYR B 30 7.16 -19.28 2.58
N SER B 31 8.05 -18.55 1.91
CA SER B 31 9.35 -19.08 1.54
C SER B 31 10.29 -18.99 2.74
N HIS B 32 11.20 -19.96 2.82
CA HIS B 32 12.10 -20.08 3.97
C HIS B 32 13.53 -19.65 3.66
N GLY B 33 14.07 -20.02 2.50
CA GLY B 33 15.46 -19.75 2.19
C GLY B 33 15.68 -18.94 0.94
N THR B 34 16.69 -19.33 0.17
CA THR B 34 17.08 -18.57 -1.01
C THR B 34 16.01 -18.64 -2.09
N GLY B 35 15.98 -17.60 -2.93
CA GLY B 35 15.14 -17.58 -4.10
C GLY B 35 15.93 -17.77 -5.37
N THR B 36 17.19 -18.19 -5.23
CA THR B 36 18.06 -18.35 -6.39
C THR B 36 17.54 -19.43 -7.33
N GLY B 37 17.04 -20.53 -6.78
CA GLY B 37 16.51 -21.58 -7.63
C GLY B 37 15.36 -21.09 -8.50
N TYR B 38 14.44 -20.35 -7.90
CA TYR B 38 13.32 -19.80 -8.67
C TYR B 38 13.79 -18.82 -9.71
N THR B 39 14.76 -17.98 -9.38
CA THR B 39 15.28 -17.01 -10.35
C THR B 39 15.89 -17.73 -11.55
N MET B 40 16.72 -18.74 -11.29
CA MET B 40 17.33 -19.50 -12.37
C MET B 40 16.28 -20.20 -13.21
N ASP B 41 15.28 -20.81 -12.55
CA ASP B 41 14.22 -21.48 -13.29
C ASP B 41 13.46 -20.51 -14.18
N THR B 42 13.15 -19.32 -13.65
CA THR B 42 12.43 -18.33 -14.45
C THR B 42 13.26 -17.87 -15.63
N VAL B 43 14.56 -17.65 -15.42
CA VAL B 43 15.42 -17.21 -16.53
C VAL B 43 15.46 -18.29 -17.61
N ASN B 44 15.67 -19.53 -17.21
CA ASN B 44 15.74 -20.61 -18.20
C ASN B 44 14.41 -20.78 -18.92
N ARG B 45 13.30 -20.68 -18.19
CA ARG B 45 11.99 -20.83 -18.81
C ARG B 45 11.72 -19.71 -19.80
N THR B 46 12.07 -18.47 -19.44
CA THR B 46 11.89 -17.34 -20.35
C THR B 46 12.76 -17.51 -21.59
N HIS B 47 13.97 -18.04 -21.43
CA HIS B 47 14.85 -18.21 -22.58
C HIS B 47 14.47 -19.37 -23.48
N GLN B 48 13.81 -20.40 -22.93
CA GLN B 48 13.47 -21.56 -23.74
C GLN B 48 12.09 -21.45 -24.39
N TYR B 49 11.23 -20.55 -23.92
CA TYR B 49 10.02 -20.22 -24.65
C TYR B 49 10.30 -19.43 -25.91
N SER B 50 11.53 -18.92 -26.07
CA SER B 50 11.92 -18.15 -27.24
C SER B 50 13.18 -18.74 -27.87
N GLU B 51 13.35 -20.06 -27.75
CA GLU B 51 14.60 -20.70 -28.18
C GLU B 51 14.84 -20.51 -29.67
N LYS B 52 13.77 -20.44 -30.48
CA LYS B 52 13.91 -20.38 -31.93
C LYS B 52 14.24 -18.98 -32.43
N GLY B 53 14.49 -18.02 -31.54
CA GLY B 53 14.90 -16.69 -31.96
C GLY B 53 16.31 -16.69 -32.50
N ARG B 54 16.98 -15.53 -32.48
CA ARG B 54 18.34 -15.41 -32.95
C ARG B 54 19.22 -14.84 -31.83
N TRP B 55 20.43 -15.36 -31.72
CA TRP B 55 21.36 -15.00 -30.66
C TRP B 55 22.30 -13.89 -31.13
N THR B 56 22.66 -13.01 -30.20
CA THR B 56 23.63 -11.97 -30.45
C THR B 56 24.39 -11.71 -29.15
N THR B 57 25.49 -10.96 -29.27
CA THR B 57 26.28 -10.57 -28.11
C THR B 57 26.39 -9.05 -28.10
N ASN B 58 25.88 -8.43 -27.03
CA ASN B 58 25.93 -6.98 -26.92
C ASN B 58 27.38 -6.51 -26.88
N THR B 59 27.67 -5.48 -27.68
CA THR B 59 29.03 -4.95 -27.74
C THR B 59 29.39 -4.13 -26.50
N GLU B 60 28.39 -3.64 -25.76
CA GLU B 60 28.66 -2.86 -24.55
C GLU B 60 28.75 -3.74 -23.31
N THR B 61 27.71 -4.52 -23.03
CA THR B 61 27.69 -5.38 -21.85
C THR B 61 28.33 -6.73 -22.10
N GLY B 62 28.55 -7.11 -23.36
CA GLY B 62 29.17 -8.39 -23.64
C GLY B 62 28.34 -9.59 -23.26
N ALA B 63 27.04 -9.41 -23.03
CA ALA B 63 26.18 -10.50 -22.60
C ALA B 63 25.42 -11.08 -23.78
N PRO B 64 25.13 -12.38 -23.77
CA PRO B 64 24.34 -12.97 -24.85
C PRO B 64 22.86 -12.61 -24.71
N GLN B 65 22.26 -12.17 -25.81
CA GLN B 65 20.86 -11.77 -25.85
C GLN B 65 20.15 -12.53 -26.95
N LEU B 66 18.88 -12.86 -26.70
CA LEU B 66 18.07 -13.66 -27.61
C LEU B 66 16.91 -12.80 -28.11
N ASN B 67 16.82 -12.62 -29.42
CA ASN B 67 15.76 -11.84 -30.04
C ASN B 67 14.80 -12.77 -30.78
N PRO B 68 13.58 -13.00 -30.28
CA PRO B 68 12.66 -13.87 -31.00
C PRO B 68 11.69 -13.13 -31.91
N ILE B 69 11.70 -11.80 -31.84
CA ILE B 69 10.74 -11.02 -32.59
C ILE B 69 10.85 -11.36 -34.07
N ASP B 70 9.70 -11.43 -34.74
CA ASP B 70 9.63 -11.82 -36.14
C ASP B 70 10.20 -13.22 -36.39
N GLY B 71 10.23 -14.05 -35.34
CA GLY B 71 10.71 -15.39 -35.49
C GLY B 71 9.67 -16.29 -36.12
N PRO B 72 10.00 -17.57 -36.26
CA PRO B 72 9.07 -18.51 -36.88
C PRO B 72 7.75 -18.56 -36.12
N LEU B 73 6.66 -18.66 -36.87
CA LEU B 73 5.35 -18.72 -36.26
C LEU B 73 5.20 -20.02 -35.48
N PRO B 74 4.52 -19.99 -34.34
CA PRO B 74 4.35 -21.21 -33.54
C PRO B 74 3.55 -22.27 -34.28
N GLU B 75 3.92 -23.53 -34.07
CA GLU B 75 3.22 -24.66 -34.66
C GLU B 75 2.59 -25.55 -33.59
N ASP B 76 2.56 -25.10 -32.34
CA ASP B 76 1.97 -25.85 -31.25
C ASP B 76 1.34 -24.87 -30.26
N ASN B 77 0.54 -25.41 -29.35
CA ASN B 77 -0.18 -24.59 -28.37
C ASN B 77 0.65 -24.27 -27.14
N GLU B 78 1.93 -24.64 -27.13
CA GLU B 78 2.79 -24.31 -26.01
C GLU B 78 3.08 -22.81 -25.98
N PRO B 79 3.46 -22.28 -24.84
CA PRO B 79 3.76 -20.83 -24.76
C PRO B 79 4.87 -20.44 -25.73
N SER B 80 4.71 -19.27 -26.34
CA SER B 80 5.67 -18.80 -27.34
C SER B 80 5.80 -17.29 -27.21
N GLY B 81 7.03 -16.80 -27.31
CA GLY B 81 7.29 -15.37 -27.23
C GLY B 81 7.67 -14.77 -28.58
N TYR B 82 7.29 -15.44 -29.67
CA TYR B 82 7.65 -15.00 -31.02
C TYR B 82 6.59 -14.03 -31.52
N ALA B 83 6.61 -12.83 -30.95
CA ALA B 83 5.72 -11.75 -31.38
C ALA B 83 6.21 -11.18 -32.71
N GLN B 84 5.26 -10.78 -33.54
CA GLN B 84 5.55 -10.24 -34.87
C GLN B 84 5.38 -8.73 -34.84
N THR B 85 6.43 -8.01 -35.28
CA THR B 85 6.42 -6.56 -35.19
C THR B 85 5.26 -5.96 -36.00
N ASP B 86 5.08 -6.44 -37.24
CA ASP B 86 4.05 -5.87 -38.10
C ASP B 86 2.66 -6.09 -37.51
N CYS B 87 2.41 -7.28 -36.96
CA CYS B 87 1.09 -7.56 -36.40
C CYS B 87 0.77 -6.62 -35.24
N VAL B 88 1.74 -6.40 -34.34
CA VAL B 88 1.50 -5.55 -33.19
C VAL B 88 1.36 -4.09 -33.60
N LEU B 89 2.17 -3.66 -34.58
CA LEU B 89 2.01 -2.31 -35.09
C LEU B 89 0.63 -2.12 -35.71
N GLU B 90 0.14 -3.12 -36.44
CA GLU B 90 -1.21 -3.04 -37.01
C GLU B 90 -2.26 -3.02 -35.92
N ALA B 91 -2.07 -3.81 -34.86
CA ALA B 91 -3.02 -3.80 -33.75
C ALA B 91 -3.08 -2.41 -33.10
N MET B 92 -1.92 -1.80 -32.88
CA MET B 92 -1.89 -0.46 -32.31
C MET B 92 -2.53 0.55 -33.26
N ALA B 93 -2.31 0.38 -34.57
CA ALA B 93 -2.93 1.29 -35.54
C ALA B 93 -4.45 1.17 -35.49
N PHE B 94 -4.97 -0.05 -35.40
CA PHE B 94 -6.42 -0.22 -35.29
C PHE B 94 -6.93 0.34 -33.98
N LEU B 95 -6.17 0.18 -32.90
CA LEU B 95 -6.55 0.79 -31.63
C LEU B 95 -6.67 2.31 -31.77
N GLU B 96 -5.70 2.93 -32.45
CA GLU B 96 -5.76 4.36 -32.68
C GLU B 96 -6.97 4.72 -33.54
N GLU B 97 -7.23 3.94 -34.59
CA GLU B 97 -8.34 4.25 -35.49
C GLU B 97 -9.67 4.19 -34.75
N SER B 98 -9.86 3.18 -33.91
CA SER B 98 -11.09 3.08 -33.14
C SER B 98 -11.19 4.15 -32.07
N HIS B 99 -10.07 4.72 -31.65
CA HIS B 99 -10.05 5.79 -30.64
C HIS B 99 -9.15 6.91 -31.13
N PRO B 100 -9.61 7.67 -32.13
CA PRO B 100 -8.76 8.74 -32.67
C PRO B 100 -8.38 9.76 -31.61
N GLY B 101 -7.14 10.26 -31.71
CA GLY B 101 -6.64 11.27 -30.81
C GLY B 101 -6.16 10.75 -29.48
N ILE B 102 -6.20 9.43 -29.25
CA ILE B 102 -5.80 8.88 -27.96
C ILE B 102 -4.30 9.10 -27.73
N PHE B 103 -3.47 8.68 -28.70
CA PHE B 103 -2.03 8.73 -28.50
C PHE B 103 -1.54 10.18 -28.43
N GLU B 104 -2.02 11.05 -29.31
CA GLU B 104 -1.55 12.42 -29.31
C GLU B 104 -1.88 13.11 -27.99
N ASN B 105 -3.12 12.98 -27.52
CA ASN B 105 -3.47 13.59 -26.25
C ASN B 105 -2.61 13.02 -25.13
N SER B 106 -2.61 11.69 -24.98
CA SER B 106 -1.88 11.08 -23.88
C SER B 106 -0.42 11.53 -23.88
N CYS B 107 0.17 11.63 -25.08
CA CYS B 107 1.54 12.13 -25.17
C CYS B 107 1.64 13.58 -24.73
N LEU B 108 0.62 14.39 -25.01
CA LEU B 108 0.67 15.78 -24.58
C LEU B 108 0.69 15.89 -23.06
N GLU B 109 -0.24 15.22 -22.38
CA GLU B 109 -0.22 15.28 -20.91
C GLU B 109 1.06 14.66 -20.35
N THR B 110 1.53 13.57 -20.96
CA THR B 110 2.78 12.97 -20.47
C THR B 110 3.95 13.92 -20.65
N MET B 111 3.98 14.66 -21.76
CA MET B 111 5.05 15.63 -21.98
C MET B 111 4.99 16.74 -20.92
N GLU B 112 3.79 17.23 -20.63
CA GLU B 112 3.63 18.20 -19.56
C GLU B 112 4.21 17.66 -18.25
N VAL B 113 3.80 16.45 -17.87
CA VAL B 113 4.22 15.89 -16.59
C VAL B 113 5.74 15.68 -16.56
N VAL B 114 6.30 15.16 -17.65
CA VAL B 114 7.74 14.87 -17.68
C VAL B 114 8.53 16.17 -17.56
N GLN B 115 8.10 17.23 -18.24
CA GLN B 115 8.86 18.46 -18.18
C GLN B 115 8.58 19.29 -16.93
N GLN B 116 7.57 18.92 -16.14
CA GLN B 116 7.35 19.58 -14.85
C GLN B 116 7.58 18.66 -13.66
N THR B 117 7.92 17.39 -13.88
CA THR B 117 8.15 16.48 -12.78
C THR B 117 9.45 16.84 -12.04
N ARG B 118 9.50 16.47 -10.76
CA ARG B 118 10.64 16.75 -9.90
C ARG B 118 11.34 15.44 -9.54
N VAL B 119 12.54 15.57 -8.97
CA VAL B 119 13.31 14.40 -8.57
C VAL B 119 12.67 13.71 -7.38
N ASP B 120 12.13 14.49 -6.44
CA ASP B 120 11.62 13.91 -5.20
C ASP B 120 10.53 12.89 -5.44
N LYS B 121 9.88 12.92 -6.60
CA LYS B 121 8.85 11.94 -6.90
C LYS B 121 9.40 10.51 -6.86
N LEU B 122 10.71 10.33 -7.04
CA LEU B 122 11.30 9.00 -6.98
C LEU B 122 11.39 8.48 -5.55
N THR B 123 11.32 9.35 -4.55
CA THR B 123 11.38 8.89 -3.17
C THR B 123 10.09 8.19 -2.76
N GLN B 124 8.98 8.47 -3.44
CA GLN B 124 7.69 7.85 -3.12
C GLN B 124 7.59 6.47 -3.75
N GLY B 125 8.49 5.58 -3.29
CA GLY B 125 8.51 4.22 -3.78
C GLY B 125 9.05 3.28 -2.72
N ARG B 126 8.69 2.01 -2.86
CA ARG B 126 9.14 0.98 -1.93
C ARG B 126 10.54 0.51 -2.30
N GLN B 127 10.98 -0.59 -1.69
CA GLN B 127 12.37 -1.04 -1.82
C GLN B 127 12.85 -0.96 -3.27
N THR B 128 14.07 -0.48 -3.45
CA THR B 128 14.72 -0.42 -4.75
C THR B 128 16.15 -0.93 -4.61
N TYR B 129 16.68 -1.47 -5.69
CA TYR B 129 18.01 -2.09 -5.67
C TYR B 129 19.07 -1.00 -5.81
N ASP B 130 19.68 -0.62 -4.69
CA ASP B 130 20.81 0.28 -4.72
C ASP B 130 22.04 -0.46 -5.22
N TRP B 131 22.64 0.06 -6.30
CA TRP B 131 23.86 -0.51 -6.86
C TRP B 131 25.11 -0.03 -6.15
N THR B 132 25.03 1.07 -5.39
CA THR B 132 26.18 1.53 -4.63
C THR B 132 26.59 0.49 -3.59
N LEU B 133 25.63 -0.26 -3.07
CA LEU B 133 25.88 -1.30 -2.09
C LEU B 133 25.47 -2.68 -2.58
N ASN B 134 24.90 -2.79 -3.77
CA ASN B 134 24.44 -4.06 -4.32
C ASN B 134 23.43 -4.73 -3.39
N ARG B 135 22.40 -3.97 -3.02
CA ARG B 135 21.39 -4.53 -2.13
C ARG B 135 20.14 -3.67 -2.17
N ASN B 136 19.03 -4.25 -1.72
CA ASN B 136 17.76 -3.53 -1.68
C ASN B 136 17.74 -2.57 -0.50
N GLN B 137 17.34 -1.33 -0.75
CA GLN B 137 17.25 -0.30 0.27
C GLN B 137 16.04 0.57 -0.05
N PRO B 138 15.57 1.34 0.92
CA PRO B 138 14.43 2.22 0.66
C PRO B 138 14.73 3.19 -0.48
N ALA B 139 13.68 3.54 -1.23
CA ALA B 139 13.85 4.34 -2.43
C ALA B 139 14.63 5.62 -2.13
N ALA B 140 14.26 6.30 -1.05
CA ALA B 140 14.93 7.57 -0.73
C ALA B 140 16.42 7.34 -0.47
N THR B 141 16.76 6.29 0.27
CA THR B 141 18.17 6.03 0.58
C THR B 141 18.96 5.74 -0.69
N ALA B 142 18.43 4.91 -1.57
CA ALA B 142 19.12 4.59 -2.81
C ALA B 142 19.28 5.83 -3.68
N LEU B 143 18.22 6.64 -3.77
CA LEU B 143 18.32 7.87 -4.56
C LEU B 143 19.39 8.80 -4.00
N ALA B 144 19.43 8.95 -2.68
CA ALA B 144 20.43 9.81 -2.07
C ALA B 144 21.84 9.29 -2.35
N ASN B 145 22.05 7.98 -2.21
CA ASN B 145 23.37 7.42 -2.45
C ASN B 145 23.80 7.62 -3.90
N THR B 146 22.88 7.37 -4.85
CA THR B 146 23.22 7.56 -6.26
C THR B 146 23.52 9.03 -6.56
N ILE B 147 22.74 9.95 -5.99
CA ILE B 147 23.01 11.36 -6.21
C ILE B 147 24.37 11.75 -5.65
N GLU B 148 24.71 11.24 -4.47
CA GLU B 148 26.00 11.53 -3.88
C GLU B 148 27.12 11.01 -4.76
N VAL B 149 27.00 9.79 -5.26
CA VAL B 149 28.03 9.22 -6.12
C VAL B 149 28.16 10.04 -7.40
N PHE B 150 27.04 10.41 -8.01
CA PHE B 150 27.08 11.21 -9.23
C PHE B 150 27.79 12.54 -8.98
N ARG B 151 27.42 13.23 -7.90
CA ARG B 151 28.05 14.51 -7.58
C ARG B 151 29.53 14.33 -7.33
N SER B 152 29.93 13.24 -6.66
CA SER B 152 31.35 12.98 -6.46
C SER B 152 32.08 12.68 -7.77
N ASN B 153 31.38 12.13 -8.76
CA ASN B 153 32.00 11.82 -10.03
C ASN B 153 31.98 12.99 -11.02
N GLY B 154 31.21 14.03 -10.73
CA GLY B 154 31.15 15.21 -11.60
C GLY B 154 29.83 15.40 -12.32
N LEU B 155 28.81 14.57 -12.07
CA LEU B 155 27.50 14.71 -12.72
C LEU B 155 26.58 15.44 -11.74
N THR B 156 26.45 16.75 -11.94
CA THR B 156 25.73 17.62 -11.01
C THR B 156 24.57 18.33 -11.69
N ALA B 157 24.11 17.83 -12.84
CA ALA B 157 22.95 18.44 -13.48
C ALA B 157 21.68 18.21 -12.65
N ASN B 158 21.65 17.13 -11.87
CA ASN B 158 20.48 16.86 -11.03
C ASN B 158 20.28 17.95 -9.99
N GLU B 159 21.28 18.80 -9.76
CA GLU B 159 21.11 19.93 -8.85
C GLU B 159 20.05 20.89 -9.37
N SER B 160 19.68 20.80 -10.65
CA SER B 160 18.57 21.59 -11.16
C SER B 160 17.24 21.19 -10.53
N GLY B 161 17.19 20.04 -9.85
CA GLY B 161 15.98 19.63 -9.17
C GLY B 161 14.91 19.07 -10.09
N ARG B 162 15.30 18.68 -11.31
CA ARG B 162 14.36 18.16 -12.29
C ARG B 162 14.67 16.70 -12.57
N LEU B 163 13.62 15.88 -12.63
CA LEU B 163 13.82 14.46 -12.92
C LEU B 163 14.39 14.25 -14.31
N ILE B 164 14.01 15.10 -15.28
CA ILE B 164 14.57 14.99 -16.62
C ILE B 164 16.08 15.24 -16.58
N ASP B 165 16.52 16.22 -15.78
CA ASP B 165 17.95 16.46 -15.64
C ASP B 165 18.64 15.29 -14.94
N PHE B 166 17.97 14.68 -13.95
CA PHE B 166 18.55 13.49 -13.32
C PHE B 166 18.75 12.37 -14.32
N LEU B 167 17.77 12.17 -15.21
CA LEU B 167 17.92 11.15 -16.25
C LEU B 167 19.01 11.52 -17.25
N LYS B 168 19.15 12.81 -17.56
CA LYS B 168 20.25 13.24 -18.42
C LYS B 168 21.59 12.89 -17.79
N ASP B 169 21.74 13.15 -16.49
CA ASP B 169 22.97 12.77 -15.80
C ASP B 169 23.15 11.25 -15.79
N VAL B 170 22.06 10.51 -15.61
CA VAL B 170 22.14 9.05 -15.60
C VAL B 170 22.69 8.55 -16.93
N MET B 171 22.14 9.06 -18.04
CA MET B 171 22.62 8.63 -19.34
C MET B 171 24.07 9.07 -19.57
N GLU B 172 24.42 10.29 -19.15
CA GLU B 172 25.80 10.74 -19.31
C GLU B 172 26.76 9.86 -18.52
N SER B 173 26.31 9.31 -17.40
CA SER B 173 27.15 8.40 -16.63
C SER B 173 27.51 7.15 -17.43
N MET B 174 26.67 6.77 -18.39
CA MET B 174 26.91 5.57 -19.17
C MET B 174 28.17 5.69 -20.04
N ASP B 175 28.58 6.91 -20.36
CA ASP B 175 29.71 7.15 -21.25
C ASP B 175 30.98 7.52 -20.50
N LYS B 176 31.07 7.22 -19.21
CA LYS B 176 32.22 7.57 -18.41
C LYS B 176 33.20 6.40 -18.36
N GLU B 177 34.49 6.72 -18.34
CA GLU B 177 35.51 5.69 -18.36
C GLU B 177 35.65 4.99 -17.01
N GLU B 178 35.47 5.73 -15.91
CA GLU B 178 35.76 5.19 -14.59
C GLU B 178 34.96 5.98 -13.56
N MET B 179 34.04 5.31 -12.88
CA MET B 179 33.32 5.89 -11.75
C MET B 179 33.90 5.38 -10.44
N GLU B 180 33.51 6.01 -9.34
CA GLU B 180 34.02 5.66 -8.02
C GLU B 180 32.85 5.47 -7.05
N ILE B 181 32.93 4.42 -6.24
CA ILE B 181 31.92 4.10 -5.24
C ILE B 181 32.60 3.94 -3.89
N THR B 182 31.79 3.93 -2.84
CA THR B 182 32.25 3.83 -1.46
C THR B 182 31.77 2.53 -0.86
N THR B 183 32.63 1.87 -0.09
CA THR B 183 32.25 0.64 0.60
C THR B 183 32.80 0.65 2.02
N HIS B 184 32.00 0.15 2.95
CA HIS B 184 32.40 0.07 4.35
C HIS B 184 32.59 -1.39 4.76
N PHE B 185 33.60 -1.64 5.57
CA PHE B 185 33.90 -2.99 6.04
C PHE B 185 34.54 -2.94 7.43
N LYS B 207 36.42 3.67 5.38
CA LYS B 207 35.73 3.46 4.11
C LYS B 207 36.74 3.34 2.97
N LYS B 208 36.39 2.53 1.97
CA LYS B 208 37.26 2.25 0.83
C LYS B 208 36.62 2.79 -0.44
N LYS B 209 37.40 3.51 -1.24
CA LYS B 209 36.96 4.00 -2.53
C LYS B 209 37.36 2.99 -3.60
N GLN B 210 36.37 2.49 -4.34
CA GLN B 210 36.59 1.49 -5.38
C GLN B 210 36.22 2.08 -6.73
N ARG B 211 36.94 1.67 -7.76
CA ARG B 211 36.74 2.19 -9.11
C ARG B 211 36.02 1.14 -9.97
N LEU B 212 34.97 1.59 -10.64
CA LEU B 212 34.17 0.76 -11.53
C LEU B 212 34.41 1.22 -12.97
N ASN B 213 34.81 0.28 -13.83
CA ASN B 213 35.02 0.59 -15.23
C ASN B 213 33.68 0.76 -15.94
N LYS B 214 33.75 0.97 -17.26
CA LYS B 214 32.53 1.23 -18.02
C LYS B 214 31.59 0.03 -17.99
N ARG B 215 32.09 -1.15 -18.34
CA ARG B 215 31.24 -2.32 -18.46
C ARG B 215 30.63 -2.72 -17.12
N SER B 216 31.43 -2.67 -16.06
CA SER B 216 30.92 -3.05 -14.74
C SER B 216 29.78 -2.12 -14.32
N TYR B 217 29.96 -0.82 -14.53
CA TYR B 217 28.90 0.12 -14.19
C TYR B 217 27.67 -0.07 -15.07
N LEU B 218 27.87 -0.36 -16.36
CA LEU B 218 26.74 -0.65 -17.23
C LEU B 218 25.93 -1.82 -16.68
N ILE B 219 26.60 -2.91 -16.32
CA ILE B 219 25.90 -4.07 -15.80
C ILE B 219 25.25 -3.78 -14.45
N ARG B 220 25.90 -2.96 -13.61
CA ARG B 220 25.31 -2.60 -12.33
C ARG B 220 24.08 -1.72 -12.49
N ALA B 221 24.04 -0.92 -13.56
CA ALA B 221 22.87 -0.07 -13.81
C ALA B 221 21.76 -0.81 -14.56
N LEU B 222 22.09 -1.89 -15.26
CA LEU B 222 21.10 -2.65 -16.02
C LEU B 222 20.61 -3.89 -15.27
N THR B 223 21.01 -4.08 -14.02
CA THR B 223 20.71 -5.31 -13.31
C THR B 223 19.48 -5.16 -12.43
N LEU B 224 18.88 -6.30 -12.08
CA LEU B 224 17.71 -6.38 -11.22
C LEU B 224 18.02 -7.29 -10.04
N ASN B 225 17.38 -7.02 -8.90
CA ASN B 225 17.54 -7.84 -7.72
C ASN B 225 16.33 -8.76 -7.57
N THR B 226 16.59 -10.05 -7.37
CA THR B 226 15.55 -11.06 -7.32
C THR B 226 15.32 -11.53 -5.89
N MET B 227 14.04 -11.64 -5.52
CA MET B 227 13.65 -12.13 -4.21
C MET B 227 12.50 -13.10 -4.37
N THR B 228 12.12 -13.74 -3.27
CA THR B 228 11.00 -14.70 -3.26
C THR B 228 9.78 -14.03 -2.66
N LYS B 229 8.63 -14.19 -3.33
CA LYS B 229 7.39 -13.57 -2.88
C LYS B 229 6.75 -14.42 -1.79
N ASP B 230 6.51 -13.82 -0.64
CA ASP B 230 5.87 -14.50 0.48
C ASP B 230 4.44 -13.99 0.65
N ALA B 231 3.68 -14.72 1.49
CA ALA B 231 2.29 -14.38 1.75
C ALA B 231 1.47 -14.38 0.46
N GLU B 232 1.74 -15.36 -0.40
CA GLU B 232 1.04 -15.51 -1.67
C GLU B 232 0.10 -16.70 -1.56
N ARG B 233 -1.20 -16.42 -1.51
CA ARG B 233 -2.21 -17.45 -1.32
C ARG B 233 -2.82 -17.83 -2.67
N GLY B 234 -2.93 -19.14 -2.91
CA GLY B 234 -3.62 -19.64 -4.08
C GLY B 234 -2.77 -20.48 -5.00
N LYS B 235 -1.64 -20.98 -4.52
CA LYS B 235 -0.79 -21.83 -5.35
C LYS B 235 0.17 -22.61 -4.46
N LEU B 236 0.50 -23.82 -4.90
CA LEU B 236 1.36 -24.70 -4.13
C LEU B 236 2.82 -24.30 -4.19
N LYS B 237 3.27 -23.77 -5.34
CA LYS B 237 4.67 -23.46 -5.55
C LYS B 237 4.94 -21.97 -5.35
N ARG B 238 6.16 -21.66 -4.91
CA ARG B 238 6.59 -20.29 -4.72
C ARG B 238 7.10 -19.71 -6.04
N ARG B 239 7.07 -18.40 -6.13
CA ARG B 239 7.52 -17.67 -7.32
C ARG B 239 8.60 -16.67 -6.93
N ALA B 240 9.22 -16.08 -7.94
CA ALA B 240 10.25 -15.07 -7.76
C ALA B 240 9.79 -13.74 -8.33
N ILE B 241 10.21 -12.66 -7.69
CA ILE B 241 9.88 -11.31 -8.12
C ILE B 241 11.18 -10.50 -8.20
N ALA B 242 11.11 -9.38 -8.91
CA ALA B 242 12.29 -8.58 -9.20
C ALA B 242 12.07 -7.13 -8.79
N THR B 243 13.18 -6.46 -8.49
CA THR B 243 13.20 -5.05 -8.13
C THR B 243 14.30 -4.36 -8.93
N PRO B 244 13.99 -3.31 -9.68
CA PRO B 244 15.02 -2.65 -10.48
C PRO B 244 15.79 -1.62 -9.67
N GLY B 245 16.79 -1.02 -10.33
CA GLY B 245 17.62 -0.02 -9.72
C GLY B 245 16.98 1.36 -9.74
N MET B 246 17.81 2.37 -9.49
CA MET B 246 17.35 3.74 -9.47
C MET B 246 17.61 4.50 -10.77
N GLN B 247 18.57 4.04 -11.58
CA GLN B 247 18.83 4.71 -12.84
C GLN B 247 17.66 4.56 -13.81
N ILE B 248 16.94 3.43 -13.72
CA ILE B 248 15.91 3.10 -14.70
C ILE B 248 14.49 3.41 -14.19
N ARG B 249 14.35 3.81 -12.93
CA ARG B 249 13.01 4.03 -12.39
C ARG B 249 12.35 5.31 -12.89
N GLY B 250 13.12 6.33 -13.25
CA GLY B 250 12.51 7.53 -13.80
C GLY B 250 11.88 7.30 -15.16
N PHE B 251 12.61 6.59 -16.04
CA PHE B 251 12.04 6.24 -17.34
C PHE B 251 10.81 5.37 -17.17
N VAL B 252 10.86 4.43 -16.24
CA VAL B 252 9.70 3.58 -15.97
C VAL B 252 8.53 4.42 -15.49
N TYR B 253 8.81 5.41 -14.62
CA TYR B 253 7.75 6.27 -14.14
C TYR B 253 7.09 7.03 -15.29
N PHE B 254 7.90 7.59 -16.19
CA PHE B 254 7.33 8.33 -17.32
C PHE B 254 6.53 7.41 -18.24
N VAL B 255 7.07 6.22 -18.52
CA VAL B 255 6.38 5.29 -19.42
C VAL B 255 5.05 4.86 -18.80
N GLU B 256 5.05 4.57 -17.49
CA GLU B 256 3.81 4.17 -16.84
C GLU B 256 2.83 5.33 -16.74
N THR B 257 3.32 6.56 -16.62
CA THR B 257 2.43 7.71 -16.67
C THR B 257 1.72 7.78 -18.02
N LEU B 258 2.49 7.60 -19.10
CA LEU B 258 1.88 7.58 -20.43
C LEU B 258 0.86 6.45 -20.56
N ALA B 259 1.24 5.26 -20.10
CA ALA B 259 0.34 4.11 -20.23
C ALA B 259 -0.93 4.29 -19.42
N ARG B 260 -0.81 4.88 -18.22
CA ARG B 260 -1.99 5.15 -17.41
C ARG B 260 -2.89 6.18 -18.08
N SER B 261 -2.29 7.24 -18.62
CA SER B 261 -3.09 8.23 -19.33
C SER B 261 -3.80 7.61 -20.53
N ILE B 262 -3.16 6.65 -21.18
CA ILE B 262 -3.79 5.98 -22.32
C ILE B 262 -4.93 5.09 -21.85
N CYS B 263 -4.67 4.24 -20.86
CA CYS B 263 -5.68 3.29 -20.40
C CYS B 263 -6.89 3.99 -19.81
N GLU B 264 -6.69 5.15 -19.18
CA GLU B 264 -7.82 5.90 -18.65
C GLU B 264 -8.81 6.28 -19.74
N LYS B 265 -8.37 6.32 -21.00
CA LYS B 265 -9.25 6.60 -22.12
C LYS B 265 -9.82 5.34 -22.75
N LEU B 266 -9.50 4.16 -22.23
CA LEU B 266 -9.98 2.90 -22.74
C LEU B 266 -10.92 2.29 -21.71
N GLU B 267 -12.17 2.03 -22.11
CA GLU B 267 -13.13 1.41 -21.23
C GLU B 267 -12.93 -0.10 -21.09
N GLN B 268 -12.18 -0.71 -22.01
CA GLN B 268 -11.92 -2.15 -21.94
C GLN B 268 -10.83 -2.50 -20.96
N SER B 269 -10.07 -1.51 -20.48
CA SER B 269 -9.03 -1.75 -19.49
C SER B 269 -9.61 -1.65 -18.09
N GLY B 270 -9.01 -2.38 -17.16
CA GLY B 270 -9.47 -2.40 -15.78
C GLY B 270 -8.35 -2.36 -14.77
N LEU B 271 -7.13 -2.06 -15.23
CA LEU B 271 -5.96 -2.06 -14.36
C LEU B 271 -5.85 -0.77 -13.56
N PRO B 272 -6.03 0.41 -14.16
CA PRO B 272 -5.88 1.66 -13.42
C PRO B 272 -7.07 2.04 -12.55
N VAL B 273 -8.03 1.15 -12.35
CA VAL B 273 -9.21 1.45 -11.54
C VAL B 273 -9.21 0.55 -10.31
N GLY B 274 -10.21 0.74 -9.44
CA GLY B 274 -10.37 -0.09 -8.26
C GLY B 274 -11.19 -1.32 -8.52
N GLY B 275 -11.65 -1.94 -7.44
CA GLY B 275 -12.44 -3.16 -7.58
C GLY B 275 -13.87 -2.88 -7.98
N ASN B 276 -14.52 -1.92 -7.32
CA ASN B 276 -15.92 -1.63 -7.64
C ASN B 276 -16.08 -1.13 -9.06
N GLU B 277 -15.14 -0.30 -9.52
CA GLU B 277 -15.15 0.12 -10.92
C GLU B 277 -14.99 -1.06 -11.85
N LYS B 278 -14.12 -2.00 -11.47
CA LYS B 278 -13.95 -3.22 -12.25
C LYS B 278 -15.26 -3.97 -12.38
N LYS B 279 -15.97 -4.13 -11.26
CA LYS B 279 -17.25 -4.83 -11.29
C LYS B 279 -18.26 -4.09 -12.15
N ALA B 280 -18.31 -2.76 -12.03
CA ALA B 280 -19.26 -1.97 -12.83
C ALA B 280 -18.98 -2.14 -14.31
N LYS B 281 -17.71 -2.07 -14.70
CA LYS B 281 -17.38 -2.22 -16.12
C LYS B 281 -17.68 -3.63 -16.61
N LEU B 282 -17.43 -4.64 -15.78
CA LEU B 282 -17.75 -6.01 -16.18
C LEU B 282 -19.25 -6.17 -16.40
N ALA B 283 -20.06 -5.63 -15.48
CA ALA B 283 -21.51 -5.71 -15.65
C ALA B 283 -21.94 -4.98 -16.91
N ASN B 284 -21.38 -3.79 -17.16
CA ASN B 284 -21.75 -3.03 -18.34
C ASN B 284 -21.41 -3.80 -19.62
N VAL B 285 -20.22 -4.40 -19.67
CA VAL B 285 -19.82 -5.09 -20.90
C VAL B 285 -20.66 -6.34 -21.12
N VAL B 286 -20.94 -7.11 -20.05
CA VAL B 286 -21.76 -8.30 -20.24
C VAL B 286 -23.16 -7.91 -20.70
N ARG B 287 -23.74 -6.86 -20.09
CA ARG B 287 -25.07 -6.45 -20.52
C ARG B 287 -25.06 -5.96 -21.96
N LYS B 288 -24.02 -5.20 -22.35
CA LYS B 288 -23.93 -4.72 -23.71
C LYS B 288 -23.84 -5.88 -24.70
N MET B 289 -23.01 -6.87 -24.39
CA MET B 289 -22.80 -7.97 -25.33
C MET B 289 -24.05 -8.84 -25.43
N MET B 290 -24.63 -9.21 -24.29
CA MET B 290 -25.78 -10.12 -24.34
C MET B 290 -27.04 -9.40 -24.82
N THR B 291 -27.28 -8.18 -24.33
CA THR B 291 -28.51 -7.47 -24.69
C THR B 291 -28.57 -7.17 -26.18
N ASN B 292 -27.48 -6.68 -26.74
CA ASN B 292 -27.46 -6.38 -28.17
C ASN B 292 -27.62 -7.64 -29.00
N SER B 293 -27.17 -8.78 -28.48
CA SER B 293 -27.34 -10.05 -29.17
C SER B 293 -28.82 -10.41 -29.26
N GLN B 294 -29.29 -10.73 -30.46
CA GLN B 294 -30.67 -11.11 -30.66
C GLN B 294 -30.87 -12.59 -30.32
N ASP B 295 -32.10 -13.08 -30.55
CA ASP B 295 -32.38 -14.47 -30.24
C ASP B 295 -31.54 -15.42 -31.08
N THR B 296 -31.16 -15.00 -32.30
CA THR B 296 -30.43 -15.91 -33.18
C THR B 296 -28.97 -16.06 -32.76
N GLU B 297 -28.37 -15.01 -32.21
CA GLU B 297 -26.96 -15.04 -31.82
C GLU B 297 -26.81 -15.69 -30.45
N LEU B 298 -25.91 -16.65 -30.35
CA LEU B 298 -25.50 -17.24 -29.09
C LEU B 298 -24.33 -16.47 -28.50
N SER B 299 -24.23 -16.50 -27.17
CA SER B 299 -23.23 -15.75 -26.42
C SER B 299 -22.50 -16.70 -25.48
N PHE B 300 -21.18 -16.56 -25.40
CA PHE B 300 -20.37 -17.40 -24.51
C PHE B 300 -19.31 -16.56 -23.83
N THR B 301 -19.11 -16.81 -22.54
CA THR B 301 -18.10 -16.13 -21.75
C THR B 301 -16.94 -17.08 -21.47
N ILE B 302 -15.72 -16.61 -21.73
CA ILE B 302 -14.49 -17.32 -21.43
C ILE B 302 -13.84 -16.63 -20.25
N THR B 303 -13.56 -17.39 -19.20
CA THR B 303 -12.90 -16.89 -17.99
C THR B 303 -11.42 -17.24 -18.09
N GLY B 304 -10.68 -16.42 -18.83
CA GLY B 304 -9.34 -16.78 -19.26
C GLY B 304 -8.25 -16.23 -18.36
N ASP B 305 -7.24 -17.07 -18.14
CA ASP B 305 -6.00 -16.69 -17.50
C ASP B 305 -4.86 -16.95 -18.46
N ASN B 306 -3.86 -16.08 -18.45
CA ASN B 306 -2.73 -16.18 -19.36
C ASN B 306 -1.55 -16.83 -18.66
N THR B 307 -1.07 -17.92 -19.23
CA THR B 307 0.06 -18.64 -18.66
C THR B 307 1.37 -17.95 -19.04
N LYS B 308 2.23 -17.74 -18.06
CA LYS B 308 3.54 -17.13 -18.27
C LYS B 308 3.39 -15.77 -18.97
N TRP B 309 2.56 -14.92 -18.37
CA TRP B 309 2.25 -13.62 -18.95
C TRP B 309 3.50 -12.76 -19.08
N ASN B 310 4.26 -12.62 -17.98
CA ASN B 310 5.40 -11.71 -17.99
C ASN B 310 6.58 -12.28 -18.75
N GLU B 311 6.75 -13.61 -18.75
CA GLU B 311 7.92 -14.21 -19.38
C GLU B 311 7.86 -14.15 -20.89
N ASN B 312 6.70 -13.88 -21.48
CA ASN B 312 6.53 -13.91 -22.93
C ASN B 312 6.34 -12.52 -23.53
N GLN B 313 6.53 -11.47 -22.74
CA GLN B 313 6.38 -10.09 -23.23
C GLN B 313 7.76 -9.50 -23.45
N ASN B 314 8.13 -9.32 -24.71
CA ASN B 314 9.48 -8.86 -25.05
C ASN B 314 9.56 -7.34 -24.95
N PRO B 315 10.56 -6.80 -24.25
CA PRO B 315 10.66 -5.32 -24.16
C PRO B 315 10.81 -4.63 -25.50
N ARG B 316 11.41 -5.29 -26.49
CA ARG B 316 11.50 -4.67 -27.81
C ARG B 316 10.13 -4.35 -28.37
N MET B 317 9.15 -5.19 -28.09
CA MET B 317 7.81 -4.94 -28.59
C MET B 317 7.18 -3.75 -27.88
N PHE B 318 7.45 -3.58 -26.59
CA PHE B 318 7.02 -2.37 -25.91
C PHE B 318 7.70 -1.14 -26.50
N LEU B 319 8.97 -1.25 -26.87
CA LEU B 319 9.63 -0.15 -27.57
C LEU B 319 8.90 0.19 -28.86
N ALA B 320 8.53 -0.83 -29.63
CA ALA B 320 7.80 -0.60 -30.87
C ALA B 320 6.46 0.09 -30.60
N MET B 321 5.72 -0.39 -29.58
CA MET B 321 4.43 0.22 -29.27
C MET B 321 4.59 1.68 -28.86
N ILE B 322 5.59 2.00 -28.05
CA ILE B 322 5.73 3.38 -27.61
C ILE B 322 6.19 4.27 -28.75
N THR B 323 7.10 3.79 -29.62
CA THR B 323 7.54 4.62 -30.73
C THR B 323 6.42 4.82 -31.74
N TYR B 324 5.49 3.87 -31.85
CA TYR B 324 4.30 4.13 -32.65
C TYR B 324 3.37 5.12 -31.96
N ILE B 325 3.27 5.03 -30.63
CA ILE B 325 2.41 5.95 -29.88
C ILE B 325 2.94 7.37 -29.99
N THR B 326 4.25 7.54 -29.89
CA THR B 326 4.88 8.87 -29.86
C THR B 326 5.26 9.37 -31.25
N ARG B 327 4.57 8.92 -32.29
CA ARG B 327 4.82 9.45 -33.63
C ARG B 327 4.35 10.89 -33.72
N ASN B 328 5.05 11.69 -34.53
CA ASN B 328 4.72 13.10 -34.72
C ASN B 328 4.72 13.85 -33.40
N GLN B 329 5.77 13.62 -32.62
CA GLN B 329 5.99 14.26 -31.33
C GLN B 329 7.42 14.75 -31.26
N PRO B 330 7.72 15.67 -30.36
CA PRO B 330 9.11 16.16 -30.24
C PRO B 330 10.07 15.01 -30.01
N GLU B 331 11.22 15.07 -30.69
CA GLU B 331 12.17 13.96 -30.65
C GLU B 331 12.68 13.70 -29.25
N TRP B 332 12.81 14.74 -28.42
CA TRP B 332 13.30 14.53 -27.06
C TRP B 332 12.30 13.70 -26.25
N PHE B 333 11.01 13.95 -26.44
CA PHE B 333 9.99 13.16 -25.76
C PHE B 333 10.08 11.69 -26.19
N ARG B 334 10.23 11.45 -27.49
CA ARG B 334 10.37 10.09 -27.97
C ARG B 334 11.59 9.41 -27.38
N ASN B 335 12.72 10.13 -27.32
CA ASN B 335 13.93 9.55 -26.77
C ASN B 335 13.77 9.20 -25.30
N VAL B 336 13.22 10.12 -24.51
CA VAL B 336 13.11 9.89 -23.08
C VAL B 336 12.13 8.76 -22.79
N LEU B 337 11.07 8.64 -23.58
CA LEU B 337 10.15 7.51 -23.40
C LEU B 337 10.70 6.21 -23.96
N SER B 338 11.65 6.27 -24.89
CA SER B 338 12.22 5.05 -25.46
C SER B 338 13.39 4.52 -24.66
N ILE B 339 14.00 5.34 -23.82
CA ILE B 339 15.15 4.88 -23.05
C ILE B 339 14.80 3.67 -22.20
N ALA B 340 13.60 3.65 -21.61
CA ALA B 340 13.24 2.57 -20.69
C ALA B 340 13.23 1.20 -21.36
N PRO B 341 12.42 0.96 -22.40
CA PRO B 341 12.48 -0.36 -23.03
C PRO B 341 13.84 -0.71 -23.60
N ILE B 342 14.63 0.30 -23.98
CA ILE B 342 15.99 0.01 -24.45
C ILE B 342 16.81 -0.63 -23.33
N MET B 343 16.64 -0.16 -22.10
CA MET B 343 17.36 -0.75 -20.98
C MET B 343 16.76 -2.08 -20.56
N PHE B 344 15.43 -2.23 -20.62
CA PHE B 344 14.84 -3.53 -20.31
C PHE B 344 15.27 -4.60 -21.31
N SER B 345 15.43 -4.24 -22.59
CA SER B 345 15.85 -5.23 -23.57
C SER B 345 17.24 -5.77 -23.24
N ASN B 346 18.06 -4.99 -22.54
CA ASN B 346 19.39 -5.42 -22.11
C ASN B 346 19.44 -5.70 -20.61
N LYS B 347 18.29 -5.85 -19.96
CA LYS B 347 18.26 -5.99 -18.51
C LYS B 347 18.98 -7.26 -18.07
N MET B 348 19.63 -7.18 -16.92
CA MET B 348 20.24 -8.31 -16.26
C MET B 348 19.53 -8.56 -14.94
N ALA B 349 19.59 -9.80 -14.46
CA ALA B 349 18.95 -10.19 -13.21
C ALA B 349 20.00 -10.81 -12.30
N ARG B 350 20.04 -10.33 -11.05
CA ARG B 350 20.88 -10.96 -10.05
C ARG B 350 20.26 -12.29 -9.63
N LEU B 351 21.08 -13.34 -9.56
CA LEU B 351 20.56 -14.66 -9.32
C LEU B 351 19.82 -14.74 -7.98
N GLY B 352 20.38 -14.13 -6.94
CA GLY B 352 19.70 -14.09 -5.65
C GLY B 352 20.62 -14.16 -4.46
N LYS B 353 20.07 -14.58 -3.31
CA LYS B 353 20.85 -14.64 -2.09
C LYS B 353 21.98 -15.65 -2.20
N GLY B 354 21.70 -16.82 -2.77
CA GLY B 354 22.69 -17.85 -2.90
C GLY B 354 22.13 -19.23 -2.60
N TYR B 355 22.97 -20.12 -2.06
CA TYR B 355 22.54 -21.46 -1.70
C TYR B 355 23.20 -21.87 -0.39
N MET B 356 22.44 -22.52 0.47
CA MET B 356 22.95 -22.99 1.75
C MET B 356 23.08 -24.51 1.72
N PHE B 357 24.25 -25.00 2.12
CA PHE B 357 24.57 -26.42 2.15
C PHE B 357 24.68 -26.89 3.60
N GLU B 358 24.39 -28.17 3.82
CA GLU B 358 24.53 -28.78 5.13
C GLU B 358 25.32 -30.07 5.00
N SER B 359 26.21 -30.31 5.97
CA SER B 359 26.97 -31.55 6.07
C SER B 359 26.62 -32.20 7.40
N LYS B 360 25.88 -33.31 7.34
CA LYS B 360 25.47 -34.00 8.56
C LYS B 360 26.61 -34.83 9.14
N SER B 361 27.49 -35.35 8.29
CA SER B 361 28.61 -36.13 8.80
C SER B 361 29.50 -35.29 9.70
N MET B 362 29.83 -34.08 9.27
CA MET B 362 30.60 -33.14 10.08
C MET B 362 29.71 -32.17 10.85
N LYS B 363 28.39 -32.20 10.63
CA LYS B 363 27.45 -31.41 11.42
C LYS B 363 27.76 -29.92 11.32
N LEU B 364 27.64 -29.38 10.11
CA LEU B 364 27.89 -27.97 9.87
C LEU B 364 27.02 -27.48 8.73
N ARG B 365 26.96 -26.17 8.56
CA ARG B 365 26.23 -25.56 7.46
C ARG B 365 27.06 -24.43 6.88
N THR B 366 26.76 -24.10 5.62
CA THR B 366 27.53 -23.11 4.86
C THR B 366 26.56 -22.35 3.97
N GLN B 367 26.93 -21.12 3.62
CA GLN B 367 26.12 -20.27 2.76
C GLN B 367 27.02 -19.70 1.67
N ILE B 368 26.84 -20.16 0.44
CA ILE B 368 27.60 -19.70 -0.71
C ILE B 368 26.78 -18.63 -1.44
N PRO B 369 27.36 -17.48 -1.76
CA PRO B 369 26.61 -16.47 -2.52
C PRO B 369 26.33 -16.94 -3.94
N ALA B 370 25.30 -16.36 -4.53
CA ALA B 370 24.90 -16.76 -5.88
C ALA B 370 25.96 -16.43 -6.91
N GLU B 371 26.79 -15.43 -6.65
CA GLU B 371 27.79 -15.02 -7.63
C GLU B 371 28.81 -16.12 -7.92
N MET B 372 28.91 -17.12 -7.04
CA MET B 372 29.82 -18.23 -7.27
C MET B 372 29.24 -19.30 -8.19
N LEU B 373 27.96 -19.19 -8.56
CA LEU B 373 27.35 -20.21 -9.41
C LEU B 373 28.04 -20.34 -10.76
N ALA B 374 28.72 -19.29 -11.22
CA ALA B 374 29.38 -19.35 -12.51
C ALA B 374 30.57 -20.31 -12.48
N SER B 375 31.32 -20.34 -11.38
CA SER B 375 32.54 -21.11 -11.29
C SER B 375 32.47 -22.29 -10.33
N ILE B 376 31.55 -22.26 -9.35
CA ILE B 376 31.49 -23.32 -8.37
C ILE B 376 31.19 -24.65 -9.05
N ASP B 377 31.87 -25.71 -8.59
CA ASP B 377 31.62 -27.04 -9.11
C ASP B 377 30.17 -27.44 -8.83
N LEU B 378 29.70 -28.44 -9.57
CA LEU B 378 28.31 -28.87 -9.51
C LEU B 378 28.12 -30.13 -8.67
N LYS B 379 29.12 -30.52 -7.89
CA LYS B 379 28.99 -31.71 -7.06
C LYS B 379 28.04 -31.51 -5.89
N TYR B 380 27.85 -30.28 -5.43
CA TYR B 380 27.01 -30.00 -4.27
C TYR B 380 25.53 -29.90 -4.60
N PHE B 381 25.17 -29.76 -5.87
CA PHE B 381 23.81 -29.48 -6.28
C PHE B 381 23.10 -30.76 -6.70
N ASN B 382 21.80 -30.82 -6.44
CA ASN B 382 20.99 -31.96 -6.85
C ASN B 382 20.82 -31.95 -8.37
N ASP B 383 20.15 -32.97 -8.89
CA ASP B 383 20.00 -33.12 -10.33
C ASP B 383 19.27 -31.93 -10.94
N SER B 384 18.15 -31.52 -10.32
CA SER B 384 17.37 -30.42 -10.87
C SER B 384 18.16 -29.12 -10.87
N THR B 385 18.73 -28.76 -9.71
CA THR B 385 19.53 -27.54 -9.63
C THR B 385 20.79 -27.65 -10.48
N ARG B 386 21.39 -28.84 -10.54
CA ARG B 386 22.55 -29.02 -11.40
C ARG B 386 22.21 -28.68 -12.84
N LYS B 387 21.10 -29.22 -13.35
CA LYS B 387 20.71 -28.95 -14.73
C LYS B 387 20.35 -27.48 -14.93
N LYS B 388 19.66 -26.89 -13.96
CA LYS B 388 19.32 -25.47 -14.08
C LYS B 388 20.58 -24.62 -14.18
N ILE B 389 21.57 -24.89 -13.34
CA ILE B 389 22.81 -24.12 -13.38
C ILE B 389 23.53 -24.37 -14.69
N GLU B 390 23.58 -25.62 -15.15
CA GLU B 390 24.24 -25.91 -16.41
C GLU B 390 23.59 -25.16 -17.57
N LYS B 391 22.26 -25.03 -17.54
CA LYS B 391 21.57 -24.35 -18.62
C LYS B 391 21.71 -22.84 -18.52
N ILE B 392 21.80 -22.29 -17.31
CA ILE B 392 21.86 -20.82 -17.17
C ILE B 392 23.28 -20.28 -17.18
N ARG B 393 24.30 -21.13 -17.03
CA ARG B 393 25.67 -20.64 -16.97
C ARG B 393 26.06 -19.82 -18.20
N PRO B 394 25.72 -20.22 -19.43
CA PRO B 394 26.17 -19.45 -20.60
C PRO B 394 25.73 -17.99 -20.55
N LEU B 395 24.64 -17.70 -19.86
CA LEU B 395 24.12 -16.35 -19.75
C LEU B 395 24.67 -15.59 -18.55
N LEU B 396 25.55 -16.19 -17.76
CA LEU B 396 26.08 -15.53 -16.58
C LEU B 396 27.20 -14.56 -16.98
N ILE B 397 27.03 -13.30 -16.60
CA ILE B 397 28.03 -12.26 -16.86
C ILE B 397 28.19 -11.47 -15.56
N ASP B 398 29.33 -11.65 -14.90
CA ASP B 398 29.65 -10.91 -13.67
C ASP B 398 28.61 -11.17 -12.58
N GLY B 399 28.29 -12.45 -12.39
CA GLY B 399 27.39 -12.84 -11.31
C GLY B 399 25.93 -12.54 -11.54
N THR B 400 25.56 -12.13 -12.76
CA THR B 400 24.17 -11.84 -13.09
C THR B 400 23.87 -12.40 -14.46
N ALA B 401 22.62 -12.81 -14.67
CA ALA B 401 22.19 -13.47 -15.90
C ALA B 401 21.42 -12.51 -16.79
N SER B 402 21.75 -12.51 -18.07
CA SER B 402 21.03 -11.68 -19.02
C SER B 402 19.63 -12.21 -19.24
N LEU B 403 18.63 -11.32 -19.16
CA LEU B 403 17.22 -11.68 -19.28
C LEU B 403 16.54 -10.83 -20.34
N SER B 404 17.18 -10.72 -21.50
CA SER B 404 16.62 -9.92 -22.59
C SER B 404 15.24 -10.39 -23.06
N PRO B 405 14.98 -11.70 -23.21
CA PRO B 405 13.79 -12.11 -23.97
C PRO B 405 12.47 -11.53 -23.48
N GLY B 406 12.27 -11.38 -22.17
CA GLY B 406 10.98 -10.94 -21.69
C GLY B 406 11.05 -10.33 -20.31
N MET B 407 9.94 -9.69 -19.93
CA MET B 407 9.85 -9.04 -18.63
C MET B 407 9.90 -10.08 -17.51
N MET B 408 10.33 -9.63 -16.34
CA MET B 408 10.50 -10.51 -15.19
C MET B 408 9.25 -10.57 -14.31
N MET B 409 8.81 -9.43 -13.78
CA MET B 409 7.62 -9.41 -12.93
C MET B 409 6.90 -8.07 -13.15
N GLY B 410 5.95 -8.07 -14.08
CA GLY B 410 4.98 -7.00 -14.21
C GLY B 410 5.48 -5.60 -13.94
N MET B 411 6.66 -5.24 -14.44
CA MET B 411 7.09 -3.85 -14.33
C MET B 411 6.29 -2.96 -15.27
N PHE B 412 6.06 -3.42 -16.50
CA PHE B 412 5.16 -2.73 -17.44
C PHE B 412 3.79 -3.40 -17.40
N ASN B 413 3.10 -3.19 -16.26
CA ASN B 413 1.72 -3.67 -16.17
C ASN B 413 0.81 -2.93 -17.13
N MET B 414 0.95 -1.60 -17.19
CA MET B 414 0.00 -0.79 -17.94
C MET B 414 0.17 -0.99 -19.45
N LEU B 415 1.41 -1.13 -19.92
CA LEU B 415 1.63 -1.39 -21.35
C LEU B 415 1.11 -2.77 -21.74
N SER B 416 1.29 -3.76 -20.86
CA SER B 416 0.70 -5.08 -21.12
C SER B 416 -0.81 -4.99 -21.20
N THR B 417 -1.43 -4.21 -20.30
CA THR B 417 -2.87 -4.01 -20.38
C THR B 417 -3.25 -3.32 -21.68
N VAL B 418 -2.43 -2.38 -22.15
CA VAL B 418 -2.70 -1.72 -23.41
C VAL B 418 -2.69 -2.73 -24.56
N LEU B 419 -1.70 -3.61 -24.57
CA LEU B 419 -1.63 -4.64 -25.62
C LEU B 419 -2.86 -5.55 -25.57
N GLY B 420 -3.25 -5.97 -24.36
CA GLY B 420 -4.42 -6.81 -24.23
C GLY B 420 -5.69 -6.10 -24.68
N VAL B 421 -5.81 -4.81 -24.36
CA VAL B 421 -6.97 -4.04 -24.80
C VAL B 421 -6.98 -3.90 -26.32
N SER B 422 -5.80 -3.76 -26.92
CA SER B 422 -5.74 -3.74 -28.39
C SER B 422 -6.24 -5.05 -28.96
N ILE B 423 -5.84 -6.17 -28.36
CA ILE B 423 -6.35 -7.46 -28.82
C ILE B 423 -7.87 -7.53 -28.67
N LEU B 424 -8.38 -7.08 -27.52
CA LEU B 424 -9.82 -7.12 -27.30
C LEU B 424 -10.57 -6.28 -28.32
N ASN B 425 -10.05 -5.09 -28.62
CA ASN B 425 -10.72 -4.19 -29.55
C ASN B 425 -10.58 -4.66 -30.99
N LEU B 426 -9.57 -5.47 -31.29
CA LEU B 426 -9.38 -5.96 -32.65
C LEU B 426 -10.51 -6.88 -33.11
N GLY B 427 -11.51 -7.14 -32.28
CA GLY B 427 -12.64 -7.95 -32.68
C GLY B 427 -13.96 -7.23 -32.55
N GLN B 428 -13.97 -5.95 -32.93
CA GLN B 428 -15.16 -5.10 -32.81
C GLN B 428 -16.19 -5.36 -33.90
N LYS B 429 -16.07 -6.44 -34.66
CA LYS B 429 -16.91 -6.82 -35.79
C LYS B 429 -16.61 -5.98 -37.03
N ARG B 430 -15.77 -4.95 -36.92
CA ARG B 430 -15.30 -4.22 -38.09
C ARG B 430 -14.01 -4.80 -38.65
N TYR B 431 -13.21 -5.44 -37.81
CA TYR B 431 -12.00 -6.11 -38.24
C TYR B 431 -12.17 -7.62 -38.35
N THR B 432 -13.16 -8.20 -37.68
CA THR B 432 -13.38 -9.64 -37.78
C THR B 432 -13.81 -10.03 -39.19
N LYS B 433 -14.63 -9.20 -39.83
CA LYS B 433 -15.14 -9.48 -41.17
C LYS B 433 -15.92 -10.79 -41.21
N THR B 434 -16.63 -11.10 -40.14
CA THR B 434 -17.39 -12.33 -40.05
C THR B 434 -18.54 -12.13 -39.06
N THR B 435 -19.50 -13.05 -39.09
CA THR B 435 -20.67 -12.92 -38.23
C THR B 435 -20.26 -12.88 -36.76
N TYR B 436 -19.30 -13.71 -36.37
CA TYR B 436 -18.89 -13.75 -34.98
C TYR B 436 -18.13 -12.48 -34.60
N TRP B 437 -18.14 -12.17 -33.31
CA TRP B 437 -17.40 -11.03 -32.78
C TRP B 437 -17.20 -11.26 -31.29
N TRP B 438 -16.34 -10.43 -30.70
CA TRP B 438 -16.02 -10.60 -29.28
C TRP B 438 -15.67 -9.26 -28.67
N ASP B 439 -15.80 -9.21 -27.34
CA ASP B 439 -15.36 -8.08 -26.54
C ASP B 439 -15.00 -8.62 -25.16
N GLY B 440 -14.75 -7.74 -24.22
CA GLY B 440 -14.51 -8.18 -22.86
C GLY B 440 -13.65 -7.20 -22.11
N LEU B 441 -13.04 -7.70 -21.03
CA LEU B 441 -12.22 -6.88 -20.16
C LEU B 441 -10.90 -7.59 -19.88
N GLN B 442 -9.82 -6.83 -19.93
CA GLN B 442 -8.46 -7.33 -19.72
C GLN B 442 -7.83 -6.60 -18.55
N SER B 443 -7.30 -7.35 -17.59
CA SER B 443 -6.41 -6.81 -16.58
C SER B 443 -5.23 -7.76 -16.46
N SER B 444 -4.02 -7.24 -16.60
CA SER B 444 -2.84 -8.06 -16.90
C SER B 444 -2.90 -9.42 -16.22
N ASP B 445 -2.72 -10.47 -17.01
CA ASP B 445 -2.66 -11.87 -16.60
C ASP B 445 -4.04 -12.48 -16.39
N ASP B 446 -5.11 -11.74 -16.63
CA ASP B 446 -6.48 -12.19 -16.39
C ASP B 446 -7.40 -11.48 -17.36
N PHE B 447 -8.43 -12.18 -17.83
CA PHE B 447 -9.37 -11.54 -18.74
C PHE B 447 -10.69 -12.30 -18.74
N ALA B 448 -11.75 -11.57 -19.08
CA ALA B 448 -13.06 -12.14 -19.38
C ALA B 448 -13.42 -11.77 -20.80
N LEU B 449 -13.78 -12.77 -21.61
CA LEU B 449 -14.02 -12.57 -23.03
C LEU B 449 -15.43 -13.03 -23.37
N ILE B 450 -16.30 -12.10 -23.76
CA ILE B 450 -17.65 -12.41 -24.19
C ILE B 450 -17.66 -12.44 -25.70
N VAL B 451 -17.95 -13.60 -26.28
CA VAL B 451 -17.93 -13.80 -27.73
C VAL B 451 -19.33 -14.21 -28.17
N ASN B 452 -19.84 -13.52 -29.18
CA ASN B 452 -21.16 -13.82 -29.74
C ASN B 452 -21.03 -14.26 -31.19
N ALA B 453 -21.87 -15.20 -31.57
CA ALA B 453 -21.86 -15.73 -32.93
C ALA B 453 -23.19 -16.46 -33.18
N PRO B 454 -23.64 -16.49 -34.43
CA PRO B 454 -24.97 -17.07 -34.70
C PRO B 454 -25.09 -18.55 -34.36
N ASN B 455 -23.99 -19.29 -34.30
CA ASN B 455 -24.04 -20.72 -34.04
C ASN B 455 -22.78 -21.15 -33.30
N HIS B 456 -22.84 -22.36 -32.73
CA HIS B 456 -21.69 -22.88 -31.99
C HIS B 456 -20.44 -22.89 -32.85
N GLU B 457 -20.60 -23.17 -34.15
CA GLU B 457 -19.45 -23.10 -35.06
C GLU B 457 -18.88 -21.70 -35.10
N GLY B 458 -19.74 -20.69 -35.12
CA GLY B 458 -19.27 -19.32 -35.10
C GLY B 458 -18.51 -18.99 -33.83
N ILE B 459 -19.02 -19.44 -32.68
CA ILE B 459 -18.31 -19.20 -31.41
C ILE B 459 -16.96 -19.89 -31.42
N GLN B 460 -16.90 -21.13 -31.91
CA GLN B 460 -15.64 -21.85 -31.98
C GLN B 460 -14.64 -21.12 -32.87
N ALA B 461 -15.10 -20.67 -34.03
CA ALA B 461 -14.21 -19.95 -34.95
C ALA B 461 -13.72 -18.65 -34.31
N GLY B 462 -14.62 -17.93 -33.63
CA GLY B 462 -14.22 -16.68 -33.01
C GLY B 462 -13.18 -16.88 -31.92
N VAL B 463 -13.40 -17.87 -31.05
CA VAL B 463 -12.43 -18.11 -29.99
C VAL B 463 -11.11 -18.60 -30.57
N ASP B 464 -11.17 -19.42 -31.62
CA ASP B 464 -9.94 -19.90 -32.25
C ASP B 464 -9.14 -18.74 -32.84
N ARG B 465 -9.82 -17.83 -33.54
CA ARG B 465 -9.12 -16.69 -34.12
C ARG B 465 -8.59 -15.77 -33.04
N PHE B 466 -9.33 -15.56 -31.95
CA PHE B 466 -8.83 -14.75 -30.86
C PHE B 466 -7.57 -15.35 -30.27
N TYR B 467 -7.58 -16.67 -30.04
CA TYR B 467 -6.39 -17.35 -29.52
C TYR B 467 -5.21 -17.20 -30.48
N ARG B 468 -5.47 -17.39 -31.78
CA ARG B 468 -4.40 -17.29 -32.78
C ARG B 468 -3.81 -15.90 -32.80
N THR B 469 -4.66 -14.87 -32.78
CA THR B 469 -4.16 -13.50 -32.75
C THR B 469 -3.37 -13.22 -31.48
N CYS B 470 -3.82 -13.76 -30.35
CA CYS B 470 -3.05 -13.60 -29.12
C CYS B 470 -1.67 -14.22 -29.26
N LYS B 471 -1.58 -15.39 -29.87
CA LYS B 471 -0.28 -16.02 -30.06
C LYS B 471 0.63 -15.25 -31.00
N LEU B 472 0.09 -14.38 -31.84
CA LEU B 472 0.91 -13.54 -32.71
C LEU B 472 1.46 -12.33 -31.99
N LEU B 473 0.99 -12.03 -30.78
CA LEU B 473 1.46 -10.89 -30.00
C LEU B 473 2.27 -11.33 -28.78
N GLY B 474 2.68 -12.58 -28.72
CA GLY B 474 3.44 -13.06 -27.59
C GLY B 474 2.64 -13.29 -26.34
N ILE B 475 1.31 -13.34 -26.46
CA ILE B 475 0.41 -13.56 -25.33
C ILE B 475 -0.17 -14.96 -25.45
N ASN B 476 -0.12 -15.72 -24.36
CA ASN B 476 -0.59 -17.09 -24.33
C ASN B 476 -1.78 -17.21 -23.39
N MET B 477 -2.74 -18.05 -23.77
CA MET B 477 -3.92 -18.32 -22.96
C MET B 477 -3.74 -19.63 -22.22
N SER B 478 -3.91 -19.61 -20.90
CA SER B 478 -3.75 -20.80 -20.08
C SER B 478 -4.97 -21.69 -20.26
N LYS B 479 -4.82 -22.77 -21.03
CA LYS B 479 -5.93 -23.69 -21.25
C LYS B 479 -6.32 -24.44 -20.00
N LYS B 480 -5.37 -24.65 -19.07
CA LYS B 480 -5.68 -25.40 -17.86
C LYS B 480 -6.50 -24.60 -16.86
N LYS B 481 -6.28 -23.28 -16.80
CA LYS B 481 -6.97 -22.42 -15.85
C LYS B 481 -8.09 -21.61 -16.49
N SER B 482 -8.57 -22.03 -17.66
CA SER B 482 -9.59 -21.29 -18.40
C SER B 482 -10.73 -22.22 -18.78
N TYR B 483 -11.94 -21.67 -18.83
CA TYR B 483 -13.11 -22.41 -19.26
C TYR B 483 -14.13 -21.46 -19.84
N ILE B 484 -15.00 -22.00 -20.69
CA ILE B 484 -16.00 -21.23 -21.42
C ILE B 484 -17.38 -21.79 -21.10
N ASN B 485 -18.33 -20.91 -20.81
CA ASN B 485 -19.71 -21.30 -20.56
C ASN B 485 -20.62 -20.29 -21.24
N ARG B 486 -21.93 -20.41 -21.04
CA ARG B 486 -22.85 -19.38 -21.51
C ARG B 486 -22.75 -18.14 -20.63
N THR B 487 -22.99 -17.00 -21.25
CA THR B 487 -22.88 -15.73 -20.54
C THR B 487 -23.91 -15.66 -19.42
N GLY B 488 -23.53 -15.02 -18.32
CA GLY B 488 -24.37 -14.93 -17.15
C GLY B 488 -23.66 -15.43 -15.91
N THR B 489 -22.60 -16.21 -16.11
CA THR B 489 -21.81 -16.75 -15.02
C THR B 489 -20.35 -16.75 -15.45
N PHE B 490 -19.49 -16.13 -14.65
CA PHE B 490 -18.06 -16.10 -14.93
C PHE B 490 -17.32 -15.60 -13.70
N GLU B 491 -16.00 -15.49 -13.84
CA GLU B 491 -15.12 -15.03 -12.77
C GLU B 491 -14.12 -14.04 -13.33
N PHE B 492 -13.65 -13.14 -12.47
CA PHE B 492 -12.63 -12.17 -12.86
C PHE B 492 -11.95 -11.68 -11.59
N THR B 493 -10.68 -12.03 -11.42
CA THR B 493 -9.88 -11.57 -10.28
C THR B 493 -10.63 -11.77 -8.97
N SER B 494 -11.00 -13.03 -8.71
CA SER B 494 -11.68 -13.43 -7.49
C SER B 494 -13.03 -12.75 -7.30
N PHE B 495 -13.58 -12.16 -8.37
CA PHE B 495 -14.92 -11.61 -8.37
C PHE B 495 -15.79 -12.55 -9.18
N PHE B 496 -16.77 -13.18 -8.53
CA PHE B 496 -17.61 -14.18 -9.17
C PHE B 496 -18.93 -13.53 -9.56
N TYR B 497 -19.19 -13.46 -10.86
CA TYR B 497 -20.41 -12.88 -11.39
C TYR B 497 -21.39 -14.01 -11.72
N ARG B 498 -22.58 -13.95 -11.13
CA ARG B 498 -23.66 -14.89 -11.41
C ARG B 498 -24.94 -14.07 -11.49
N TYR B 499 -25.27 -13.60 -12.69
CA TYR B 499 -26.40 -12.70 -12.88
C TYR B 499 -26.30 -11.50 -11.94
N GLY B 500 -25.07 -11.05 -11.70
CA GLY B 500 -24.81 -10.02 -10.71
C GLY B 500 -23.72 -10.46 -9.76
N PHE B 501 -22.80 -9.55 -9.43
CA PHE B 501 -21.66 -9.91 -8.60
C PHE B 501 -22.12 -10.34 -7.22
N VAL B 502 -21.45 -11.35 -6.68
CA VAL B 502 -21.76 -11.91 -5.37
C VAL B 502 -20.60 -11.61 -4.42
N ALA B 503 -20.94 -11.18 -3.21
CA ALA B 503 -19.92 -10.88 -2.22
C ALA B 503 -19.20 -12.14 -1.79
N ASN B 504 -17.92 -11.98 -1.44
CA ASN B 504 -17.08 -13.09 -0.99
C ASN B 504 -16.74 -12.98 0.48
N PHE B 505 -16.13 -11.87 0.90
CA PHE B 505 -15.83 -11.59 2.30
C PHE B 505 -14.72 -12.47 2.84
N SER B 506 -14.29 -13.46 2.06
CA SER B 506 -13.16 -14.29 2.48
C SER B 506 -11.82 -13.71 2.04
N MET B 507 -11.83 -12.81 1.07
CA MET B 507 -10.61 -12.12 0.67
C MET B 507 -10.20 -11.04 1.66
N GLU B 508 -11.14 -10.47 2.39
CA GLU B 508 -10.89 -9.40 3.34
C GLU B 508 -10.78 -9.89 4.77
N LEU B 509 -10.96 -11.19 5.00
CA LEU B 509 -10.91 -11.76 6.34
C LEU B 509 -9.58 -11.47 7.02
N PRO B 510 -8.45 -11.61 6.33
CA PRO B 510 -7.15 -11.35 6.97
C PRO B 510 -7.00 -9.92 7.46
N SER B 511 -7.84 -8.98 7.02
CA SER B 511 -7.73 -7.58 7.40
C SER B 511 -8.62 -7.22 8.57
N PHE B 512 -9.15 -8.20 9.30
CA PHE B 512 -10.07 -7.97 10.40
C PHE B 512 -9.37 -7.92 11.76
N GLY B 513 -8.06 -8.09 11.79
CA GLY B 513 -7.31 -8.03 13.03
C GLY B 513 -6.71 -6.67 13.28
N VAL B 514 -5.87 -6.60 14.31
CA VAL B 514 -5.15 -5.37 14.61
C VAL B 514 -4.12 -5.14 13.51
N SER B 515 -4.20 -3.97 12.87
CA SER B 515 -3.32 -3.70 11.73
C SER B 515 -1.86 -3.73 12.14
N GLY B 516 -1.53 -3.09 13.27
CA GLY B 516 -0.16 -3.09 13.76
C GLY B 516 0.54 -1.76 13.58
N ILE B 517 -0.24 -0.68 13.50
CA ILE B 517 0.33 0.66 13.35
C ILE B 517 0.55 1.25 14.73
N ASN B 518 -0.53 1.41 15.48
CA ASN B 518 -0.48 1.86 16.87
C ASN B 518 -1.89 1.68 17.44
N GLU B 519 -2.09 2.10 18.68
CA GLU B 519 -3.36 1.83 19.35
C GLU B 519 -4.51 2.56 18.67
N SER B 520 -4.45 3.89 18.62
CA SER B 520 -5.51 4.66 17.99
C SER B 520 -5.65 4.29 16.52
N ALA B 521 -4.53 4.17 15.82
CA ALA B 521 -4.57 3.81 14.41
C ALA B 521 -5.20 2.45 14.21
N ASP B 522 -4.83 1.47 15.04
CA ASP B 522 -5.40 0.13 14.92
C ASP B 522 -6.90 0.15 15.17
N MET B 523 -7.34 0.86 16.20
CA MET B 523 -8.77 0.94 16.49
C MET B 523 -9.53 1.53 15.30
N SER B 524 -9.06 2.69 14.82
CA SER B 524 -9.75 3.35 13.72
C SER B 524 -9.74 2.49 12.47
N ILE B 525 -8.60 1.84 12.18
CA ILE B 525 -8.51 1.02 10.98
C ILE B 525 -9.45 -0.17 11.07
N GLY B 526 -9.53 -0.80 12.24
CA GLY B 526 -10.42 -1.93 12.39
C GLY B 526 -11.87 -1.55 12.19
N VAL B 527 -12.31 -0.47 12.84
CA VAL B 527 -13.70 -0.06 12.71
C VAL B 527 -13.98 0.36 11.27
N THR B 528 -13.05 1.07 10.64
CA THR B 528 -13.26 1.49 9.26
C THR B 528 -13.28 0.31 8.30
N VAL B 529 -12.46 -0.71 8.54
CA VAL B 529 -12.49 -1.90 7.70
C VAL B 529 -13.83 -2.62 7.84
N ILE B 530 -14.33 -2.75 9.07
CA ILE B 530 -15.64 -3.34 9.27
C ILE B 530 -16.69 -2.56 8.50
N LYS B 531 -16.65 -1.23 8.60
CA LYS B 531 -17.60 -0.39 7.89
C LYS B 531 -17.53 -0.60 6.39
N ASN B 532 -16.32 -0.57 5.83
CA ASN B 532 -16.16 -0.69 4.39
C ASN B 532 -16.63 -2.04 3.89
N ASN B 533 -16.24 -3.11 4.58
CA ASN B 533 -16.68 -4.44 4.18
C ASN B 533 -18.18 -4.61 4.35
N MET B 534 -18.80 -3.84 5.25
CA MET B 534 -20.25 -3.79 5.28
C MET B 534 -20.83 -3.07 4.07
N ILE B 535 -20.16 -2.02 3.59
CA ILE B 535 -20.66 -1.26 2.46
C ILE B 535 -20.45 -2.02 1.16
N ASN B 536 -19.25 -2.57 0.96
CA ASN B 536 -18.88 -3.16 -0.33
C ASN B 536 -19.14 -4.67 -0.35
N ASN B 537 -18.53 -5.41 0.57
CA ASN B 537 -18.58 -6.87 0.54
C ASN B 537 -19.81 -7.45 1.22
N ASP B 538 -20.87 -6.64 1.38
CA ASP B 538 -22.17 -7.13 1.85
C ASP B 538 -22.04 -7.92 3.15
N LEU B 539 -21.27 -7.37 4.09
CA LEU B 539 -21.17 -7.96 5.41
C LEU B 539 -22.43 -7.69 6.20
N GLY B 540 -22.94 -8.74 6.85
CA GLY B 540 -24.20 -8.66 7.54
C GLY B 540 -24.13 -7.85 8.83
N PRO B 541 -25.28 -7.34 9.29
CA PRO B 541 -25.26 -6.58 10.56
C PRO B 541 -24.78 -7.41 11.75
N ALA B 542 -25.40 -8.57 11.98
CA ALA B 542 -24.98 -9.40 13.10
C ALA B 542 -23.54 -9.85 12.96
N THR B 543 -23.13 -10.20 11.72
CA THR B 543 -21.75 -10.55 11.49
C THR B 543 -20.83 -9.38 11.79
N ALA B 544 -21.24 -8.17 11.43
CA ALA B 544 -20.42 -6.99 11.73
C ALA B 544 -20.31 -6.77 13.24
N GLN B 545 -21.39 -6.99 13.98
CA GLN B 545 -21.33 -6.86 15.43
C GLN B 545 -20.38 -7.90 16.03
N MET B 546 -20.47 -9.15 15.54
CA MET B 546 -19.54 -10.18 16.00
C MET B 546 -18.10 -9.81 15.68
N ALA B 547 -17.87 -9.26 14.49
CA ALA B 547 -16.52 -8.83 14.12
C ALA B 547 -16.02 -7.73 15.04
N LEU B 548 -16.90 -6.78 15.37
CA LEU B 548 -16.52 -5.72 16.31
C LEU B 548 -16.15 -6.31 17.67
N GLN B 549 -16.95 -7.25 18.17
CA GLN B 549 -16.66 -7.85 19.46
C GLN B 549 -15.32 -8.58 19.44
N LEU B 550 -15.09 -9.40 18.42
CA LEU B 550 -13.85 -10.17 18.34
C LEU B 550 -12.65 -9.23 18.17
N PHE B 551 -12.80 -8.18 17.36
CA PHE B 551 -11.71 -7.24 17.18
C PHE B 551 -11.39 -6.52 18.48
N ILE B 552 -12.41 -6.14 19.24
CA ILE B 552 -12.16 -5.50 20.53
C ILE B 552 -11.45 -6.45 21.47
N LYS B 553 -11.88 -7.71 21.51
CA LYS B 553 -11.21 -8.70 22.36
C LYS B 553 -9.74 -8.83 21.99
N ASP B 554 -9.46 -9.02 20.70
CA ASP B 554 -8.07 -9.17 20.26
C ASP B 554 -7.27 -7.91 20.50
N TYR B 555 -7.88 -6.74 20.31
CA TYR B 555 -7.20 -5.48 20.56
C TYR B 555 -6.80 -5.34 22.03
N ARG B 556 -7.73 -5.65 22.94
CA ARG B 556 -7.41 -5.57 24.35
C ARG B 556 -6.35 -6.59 24.74
N TYR B 557 -6.42 -7.80 24.16
CA TYR B 557 -5.45 -8.83 24.49
C TYR B 557 -4.08 -8.58 23.87
N THR B 558 -4.01 -7.74 22.84
CA THR B 558 -2.75 -7.45 22.17
C THR B 558 -2.01 -6.28 22.81
N TYR B 559 -2.74 -5.22 23.16
CA TYR B 559 -2.16 -4.03 23.76
C TYR B 559 -2.21 -4.05 25.27
N ARG B 560 -2.60 -5.17 25.88
CA ARG B 560 -2.61 -5.31 27.33
C ARG B 560 -3.47 -4.25 27.99
N CYS B 561 -4.55 -3.85 27.31
CA CYS B 561 -5.48 -2.84 27.78
C CYS B 561 -6.83 -3.51 28.00
N HIS B 562 -7.02 -4.06 29.19
CA HIS B 562 -8.27 -4.75 29.53
C HIS B 562 -9.23 -3.78 30.19
N ARG B 563 -10.49 -4.24 30.35
CA ARG B 563 -11.57 -3.36 30.73
C ARG B 563 -11.27 -2.55 31.99
N GLY B 564 -10.33 -2.99 32.82
CA GLY B 564 -9.95 -2.28 34.03
C GLY B 564 -10.70 -2.73 35.26
N ASP B 565 -11.97 -3.12 35.11
CA ASP B 565 -12.75 -3.66 36.21
C ASP B 565 -12.51 -5.15 36.40
N THR B 566 -11.66 -5.76 35.58
CA THR B 566 -11.33 -7.17 35.69
C THR B 566 -10.06 -7.35 36.52
N GLN B 567 -9.78 -8.61 36.85
CA GLN B 567 -8.59 -8.97 37.61
C GLN B 567 -7.59 -9.72 36.75
N ILE B 568 -7.45 -9.31 35.49
CA ILE B 568 -6.50 -9.91 34.57
C ILE B 568 -5.17 -9.20 34.78
N GLN B 569 -4.25 -9.87 35.47
CA GLN B 569 -2.94 -9.28 35.74
C GLN B 569 -2.08 -9.30 34.48
N THR B 570 -1.59 -8.13 34.08
CA THR B 570 -0.69 -7.99 32.96
C THR B 570 0.42 -7.01 33.34
N ARG B 571 1.31 -6.74 32.40
CA ARG B 571 2.35 -5.75 32.62
C ARG B 571 1.81 -4.32 32.65
N ARG B 572 0.54 -4.12 32.28
CA ARG B 572 -0.06 -2.80 32.21
C ARG B 572 -1.36 -2.71 33.00
N SER B 573 -1.68 -3.72 33.80
CA SER B 573 -2.96 -3.77 34.51
C SER B 573 -2.98 -2.92 35.77
N PHE B 574 -1.83 -2.45 36.24
CA PHE B 574 -1.80 -1.68 37.48
C PHE B 574 -2.11 -0.21 37.21
N GLU B 575 -1.36 0.41 36.29
CA GLU B 575 -1.62 1.80 35.94
C GLU B 575 -3.02 1.96 35.39
N ILE B 576 -3.47 1.01 34.58
CA ILE B 576 -4.83 1.06 34.04
C ILE B 576 -5.84 1.03 35.17
N LYS B 577 -5.63 0.17 36.17
CA LYS B 577 -6.58 0.09 37.27
C LYS B 577 -6.59 1.35 38.12
N LYS B 578 -5.44 1.96 38.37
CA LYS B 578 -5.44 3.21 39.12
C LYS B 578 -6.10 4.33 38.31
N LEU B 579 -5.88 4.37 37.00
CA LEU B 579 -6.58 5.36 36.19
C LEU B 579 -8.09 5.11 36.24
N TRP B 580 -8.49 3.84 36.24
CA TRP B 580 -9.92 3.51 36.35
C TRP B 580 -10.50 4.01 37.66
N GLU B 581 -9.84 3.71 38.77
CA GLU B 581 -10.35 4.12 40.08
C GLU B 581 -10.26 5.63 40.27
N GLN B 582 -9.35 6.30 39.57
CA GLN B 582 -9.24 7.75 39.68
C GLN B 582 -10.36 8.46 38.92
N THR B 583 -10.74 7.92 37.77
CA THR B 583 -11.74 8.57 36.94
C THR B 583 -13.13 8.45 37.57
N ARG B 584 -13.91 9.51 37.42
CA ARG B 584 -15.29 9.53 37.93
C ARG B 584 -16.28 9.03 36.88
N SER B 585 -16.25 9.61 35.68
CA SER B 585 -17.08 9.15 34.56
C SER B 585 -16.25 8.15 33.77
N LYS B 586 -16.30 6.89 34.20
CA LYS B 586 -15.48 5.85 33.59
C LYS B 586 -15.95 5.45 32.21
N ALA B 587 -17.13 5.90 31.78
CA ALA B 587 -17.62 5.58 30.44
C ALA B 587 -16.87 6.34 29.35
N GLY B 588 -16.08 7.34 29.70
CA GLY B 588 -15.37 8.14 28.72
C GLY B 588 -13.96 7.64 28.46
N LEU B 589 -13.49 6.68 29.25
CA LEU B 589 -12.16 6.14 29.05
C LEU B 589 -12.08 5.38 27.74
N LEU B 590 -10.97 5.56 27.03
CA LEU B 590 -10.75 4.85 25.78
C LEU B 590 -10.42 3.39 26.05
N VAL B 591 -10.75 2.53 25.07
CA VAL B 591 -10.44 1.12 25.20
C VAL B 591 -8.93 0.92 25.38
N SER B 592 -8.13 1.81 24.81
CA SER B 592 -6.68 1.74 25.01
C SER B 592 -6.29 1.96 26.46
N ASP B 593 -7.10 2.71 27.23
CA ASP B 593 -6.82 2.98 28.63
C ASP B 593 -7.68 2.14 29.56
N GLY B 594 -8.31 1.08 29.04
CA GLY B 594 -9.11 0.20 29.86
C GLY B 594 -10.49 0.75 30.16
N GLY B 595 -11.20 1.15 29.11
CA GLY B 595 -12.55 1.66 29.26
C GLY B 595 -13.55 0.83 28.47
N PRO B 596 -14.83 1.04 28.72
CA PRO B 596 -15.86 0.29 27.98
C PRO B 596 -15.90 0.69 26.52
N ASN B 597 -16.40 -0.24 25.70
CA ASN B 597 -16.52 -0.05 24.27
C ASN B 597 -17.94 0.37 23.94
N LEU B 598 -18.09 1.55 23.36
CA LEU B 598 -19.38 2.10 22.97
C LEU B 598 -19.66 1.96 21.48
N TYR B 599 -18.81 1.25 20.75
CA TYR B 599 -18.98 1.13 19.31
C TYR B 599 -20.16 0.22 18.97
N ASN B 600 -20.76 0.49 17.82
CA ASN B 600 -21.87 -0.31 17.31
C ASN B 600 -21.99 -0.02 15.82
N ILE B 601 -22.97 -0.68 15.18
CA ILE B 601 -23.12 -0.54 13.74
C ILE B 601 -23.34 0.92 13.36
N ARG B 602 -23.96 1.70 14.24
CA ARG B 602 -24.20 3.11 13.96
C ARG B 602 -22.98 3.99 14.21
N ASN B 603 -21.99 3.50 14.95
CA ASN B 603 -20.84 4.30 15.36
C ASN B 603 -19.54 3.87 14.68
N LEU B 604 -19.62 3.10 13.61
CA LEU B 604 -18.42 2.58 12.96
C LEU B 604 -17.67 3.65 12.16
N HIS B 605 -18.27 4.82 11.94
CA HIS B 605 -17.66 5.87 11.14
C HIS B 605 -17.21 7.06 11.99
N ILE B 606 -17.07 6.86 13.30
CA ILE B 606 -16.70 7.93 14.23
C ILE B 606 -15.41 7.52 14.92
N PRO B 607 -14.41 8.39 15.03
CA PRO B 607 -13.23 8.05 15.82
C PRO B 607 -13.58 7.86 17.29
N GLU B 608 -12.79 7.01 17.95
CA GLU B 608 -13.06 6.68 19.34
C GLU B 608 -12.99 7.92 20.23
N VAL B 609 -12.00 8.79 19.99
CA VAL B 609 -11.83 9.96 20.84
C VAL B 609 -13.06 10.85 20.80
N CYS B 610 -13.60 11.09 19.60
CA CYS B 610 -14.75 11.97 19.45
C CYS B 610 -16.04 11.32 19.93
N LEU B 611 -16.14 9.99 19.86
CA LEU B 611 -17.33 9.32 20.36
C LEU B 611 -17.42 9.38 21.88
N LYS B 612 -16.28 9.42 22.56
CA LYS B 612 -16.23 9.47 24.02
C LYS B 612 -15.84 10.85 24.55
N TRP B 613 -15.87 11.88 23.69
CA TRP B 613 -15.39 13.19 24.10
C TRP B 613 -16.24 13.76 25.23
N GLU B 614 -17.56 13.68 25.10
CA GLU B 614 -18.44 14.29 26.09
C GLU B 614 -18.50 13.53 27.40
N LEU B 615 -18.00 12.28 27.43
CA LEU B 615 -18.02 11.48 28.64
C LEU B 615 -16.71 11.54 29.42
N MET B 616 -15.64 12.03 28.80
CA MET B 616 -14.34 12.09 29.47
C MET B 616 -14.33 13.18 30.53
N ASP B 617 -13.60 12.91 31.62
CA ASP B 617 -13.33 13.95 32.61
C ASP B 617 -12.30 14.92 32.06
N GLU B 618 -12.45 16.20 32.40
CA GLU B 618 -11.59 17.21 31.82
C GLU B 618 -10.12 16.95 32.13
N ASP B 619 -9.82 16.43 33.32
CA ASP B 619 -8.43 16.13 33.65
C ASP B 619 -7.87 15.05 32.73
N TYR B 620 -8.59 13.93 32.59
CA TYR B 620 -8.14 12.87 31.71
C TYR B 620 -8.15 13.32 30.25
N GLN B 621 -9.14 14.10 29.87
CA GLN B 621 -9.20 14.61 28.50
C GLN B 621 -7.99 15.47 28.19
N GLY B 622 -7.61 16.37 29.10
CA GLY B 622 -6.44 17.20 28.88
C GLY B 622 -5.15 16.42 28.88
N ARG B 623 -5.02 15.45 29.80
CA ARG B 623 -3.81 14.63 29.82
C ARG B 623 -3.68 13.82 28.54
N LEU B 624 -4.79 13.30 28.02
CA LEU B 624 -4.75 12.48 26.82
C LEU B 624 -4.33 13.30 25.61
N CYS B 625 -5.09 14.34 25.29
CA CYS B 625 -4.87 15.13 24.07
C CYS B 625 -4.04 16.36 24.42
N ASN B 626 -2.79 16.12 24.79
CA ASN B 626 -1.87 17.20 25.14
C ASN B 626 -0.83 17.35 24.04
N PRO B 627 -0.74 18.50 23.36
CA PRO B 627 0.25 18.62 22.28
C PRO B 627 1.67 18.35 22.74
N LEU B 628 2.02 18.74 23.96
CA LEU B 628 3.37 18.56 24.47
C LEU B 628 3.70 17.11 24.80
N ASN B 629 2.84 16.14 24.49
CA ASN B 629 3.13 14.76 24.82
C ASN B 629 4.40 14.31 24.09
N PRO B 630 5.28 13.55 24.72
CA PRO B 630 6.51 13.11 24.06
C PRO B 630 6.34 11.90 23.15
N PHE B 631 5.13 11.41 22.95
CA PHE B 631 4.87 10.22 22.16
C PHE B 631 4.49 10.52 20.72
N VAL B 632 3.63 11.52 20.50
CA VAL B 632 3.18 11.82 19.15
C VAL B 632 4.33 12.37 18.33
N SER B 633 4.51 11.83 17.13
CA SER B 633 5.52 12.31 16.20
C SER B 633 4.94 12.32 14.80
N HIS B 634 4.98 13.48 14.15
CA HIS B 634 4.49 13.64 12.79
C HIS B 634 5.65 14.09 11.90
N LYS B 635 5.83 13.40 10.78
CA LYS B 635 6.97 13.65 9.90
C LYS B 635 6.57 14.50 8.69
N GLU B 636 5.58 14.06 7.92
CA GLU B 636 5.18 14.73 6.69
C GLU B 636 3.67 14.65 6.53
N ILE B 637 3.16 15.48 5.63
CA ILE B 637 1.73 15.47 5.33
C ILE B 637 1.29 14.13 4.77
N GLU B 638 2.19 13.43 4.08
CA GLU B 638 1.84 12.16 3.48
C GLU B 638 1.61 11.07 4.52
N SER B 639 2.36 11.11 5.62
CA SER B 639 2.33 10.05 6.63
C SER B 639 1.56 10.47 7.88
N VAL B 640 0.55 11.33 7.74
CA VAL B 640 -0.22 11.78 8.90
C VAL B 640 -1.20 10.70 9.34
N ASN B 641 -2.13 10.35 8.46
CA ASN B 641 -3.17 9.35 8.76
C ASN B 641 -3.31 8.39 7.58
N ASN B 642 -2.17 7.98 7.03
CA ASN B 642 -2.15 6.99 5.95
C ASN B 642 -1.42 5.75 6.44
N ALA B 643 -2.07 4.60 6.29
CA ALA B 643 -1.51 3.33 6.71
C ALA B 643 -1.41 2.39 5.52
N VAL B 644 -0.24 1.78 5.35
CA VAL B 644 0.03 0.90 4.22
C VAL B 644 -0.29 -0.52 4.67
N MET B 645 -1.43 -1.05 4.22
CA MET B 645 -1.83 -2.42 4.52
C MET B 645 -1.77 -3.22 3.23
N MET B 646 -0.87 -4.19 3.18
CA MET B 646 -0.77 -5.06 2.02
C MET B 646 -1.95 -6.01 2.00
N PRO B 647 -2.94 -5.83 1.14
CA PRO B 647 -4.10 -6.71 1.15
C PRO B 647 -3.77 -8.10 0.65
N ALA B 648 -4.52 -9.07 1.16
CA ALA B 648 -4.34 -10.45 0.70
C ALA B 648 -4.79 -10.56 -0.75
N HIS B 649 -3.98 -11.25 -1.56
CA HIS B 649 -4.29 -11.45 -2.98
C HIS B 649 -4.38 -10.12 -3.72
N GLY B 650 -3.39 -9.27 -3.53
CA GLY B 650 -3.33 -8.00 -4.21
C GLY B 650 -2.06 -7.23 -3.91
N PRO B 651 -1.83 -6.15 -4.65
CA PRO B 651 -0.65 -5.32 -4.41
C PRO B 651 -0.83 -4.42 -3.19
N ALA B 652 0.31 -3.96 -2.67
CA ALA B 652 0.31 -3.10 -1.48
C ALA B 652 -0.57 -1.88 -1.71
N LYS B 653 -1.39 -1.56 -0.71
CA LYS B 653 -2.34 -0.46 -0.81
C LYS B 653 -2.26 0.40 0.44
N ASN B 654 -2.68 1.65 0.29
CA ASN B 654 -2.69 2.63 1.37
C ASN B 654 -4.13 3.02 1.69
N MET B 655 -4.40 3.26 2.97
CA MET B 655 -5.73 3.64 3.43
C MET B 655 -5.66 4.88 4.29
N GLU B 656 -6.62 5.78 4.07
CA GLU B 656 -6.88 6.91 4.95
C GLU B 656 -7.73 6.43 6.12
N TYR B 657 -7.22 6.59 7.34
CA TYR B 657 -7.95 6.24 8.54
C TYR B 657 -8.18 7.48 9.39
N ASP B 658 -9.41 7.65 9.86
CA ASP B 658 -9.76 8.80 10.69
C ASP B 658 -9.31 8.55 12.11
N ALA B 659 -8.48 9.46 12.64
CA ALA B 659 -8.00 9.32 14.01
C ALA B 659 -7.63 10.69 14.54
N VAL B 660 -7.75 10.84 15.85
CA VAL B 660 -7.38 12.07 16.55
C VAL B 660 -6.01 11.86 17.19
N ALA B 661 -5.13 12.86 17.03
CA ALA B 661 -3.78 12.76 17.55
C ALA B 661 -3.83 12.77 19.07
N THR B 662 -3.68 11.60 19.68
CA THR B 662 -3.67 11.43 21.12
C THR B 662 -2.31 10.92 21.57
N THR B 663 -2.16 10.76 22.88
CA THR B 663 -0.94 10.19 23.43
C THR B 663 -0.74 8.74 23.01
N HIS B 664 -1.77 8.11 22.47
CA HIS B 664 -1.68 6.72 22.01
C HIS B 664 -1.19 6.61 20.57
N SER B 665 -0.89 7.73 19.90
CA SER B 665 -0.46 7.72 18.52
C SER B 665 1.05 7.53 18.38
N TRP B 666 1.69 6.95 19.38
CA TRP B 666 3.13 6.69 19.31
C TRP B 666 3.46 5.86 18.09
N ILE B 667 4.74 5.87 17.72
CA ILE B 667 5.26 5.04 16.65
C ILE B 667 6.13 3.95 17.30
N PRO B 668 6.10 2.72 16.80
CA PRO B 668 6.76 1.62 17.49
C PRO B 668 8.28 1.64 17.29
N LYS B 669 8.94 0.75 18.00
CA LYS B 669 10.39 0.64 17.94
C LYS B 669 10.85 0.17 16.56
N ARG B 670 12.06 0.58 16.18
CA ARG B 670 12.65 0.17 14.91
C ARG B 670 13.44 -1.11 15.08
N ASN B 671 14.03 -1.59 13.99
CA ASN B 671 14.63 -2.92 13.98
C ASN B 671 15.79 -3.01 14.96
N ARG B 672 16.75 -2.09 14.88
CA ARG B 672 17.90 -1.98 15.78
C ARG B 672 18.98 -3.03 15.50
N SER B 673 18.86 -3.83 14.44
CA SER B 673 19.89 -4.80 14.13
C SER B 673 21.03 -4.25 13.29
N ILE B 674 20.94 -2.98 12.86
CA ILE B 674 22.02 -2.37 12.11
C ILE B 674 23.30 -2.24 12.93
N LEU B 675 23.19 -2.30 14.26
CA LEU B 675 24.35 -2.07 15.11
C LEU B 675 25.40 -3.15 14.98
N ASN B 676 25.04 -4.33 14.50
CA ASN B 676 25.97 -5.45 14.38
C ASN B 676 26.52 -5.61 12.97
N THR B 677 26.24 -4.66 12.07
CA THR B 677 26.65 -4.75 10.68
C THR B 677 27.68 -3.68 10.37
N SER B 678 28.50 -3.94 9.34
CA SER B 678 29.47 -2.94 8.90
C SER B 678 28.79 -1.68 8.41
N GLN B 679 27.52 -1.76 8.01
CA GLN B 679 26.76 -0.58 7.64
C GLN B 679 26.20 0.10 8.88
N ARG B 680 27.06 0.38 9.85
CA ARG B 680 26.64 1.00 11.10
C ARG B 680 26.66 2.52 11.02
N GLY B 681 27.49 3.09 10.15
CA GLY B 681 27.54 4.53 10.00
C GLY B 681 26.28 5.13 9.39
N ILE B 682 25.43 4.31 8.79
CA ILE B 682 24.18 4.83 8.24
C ILE B 682 23.31 5.41 9.34
N LEU B 683 23.39 4.87 10.55
CA LEU B 683 22.59 5.40 11.64
C LEU B 683 23.07 6.78 12.08
N GLU B 684 24.39 6.98 12.13
CA GLU B 684 24.91 8.31 12.45
C GLU B 684 24.50 9.33 11.41
N ASP B 685 24.58 8.95 10.12
CA ASP B 685 24.12 9.84 9.06
C ASP B 685 22.64 10.12 9.20
N GLU B 686 21.85 9.10 9.54
CA GLU B 686 20.43 9.31 9.77
C GLU B 686 20.20 10.34 10.88
N GLN B 687 20.90 10.18 12.00
CA GLN B 687 20.71 11.10 13.12
C GLN B 687 21.09 12.52 12.73
N MET B 688 22.22 12.68 12.05
CA MET B 688 22.66 14.02 11.67
C MET B 688 21.71 14.65 10.66
N TYR B 689 21.26 13.88 9.67
CA TYR B 689 20.30 14.40 8.70
C TYR B 689 19.00 14.80 9.39
N GLN B 690 18.54 13.99 10.35
CA GLN B 690 17.31 14.33 11.05
C GLN B 690 17.47 15.57 11.91
N LYS B 691 18.63 15.73 12.55
CA LYS B 691 18.88 16.94 13.32
C LYS B 691 18.84 18.17 12.42
N CYS B 692 19.52 18.10 11.27
CA CYS B 692 19.52 19.22 10.34
C CYS B 692 18.10 19.49 9.81
N CYS B 693 17.35 18.44 9.52
CA CYS B 693 15.99 18.61 9.02
C CYS B 693 15.09 19.24 10.06
N ASN B 694 15.22 18.83 11.32
CA ASN B 694 14.45 19.44 12.40
C ASN B 694 14.80 20.91 12.56
N LEU B 695 16.10 21.23 12.49
CA LEU B 695 16.50 22.63 12.58
C LEU B 695 15.90 23.43 11.43
N PHE B 696 15.95 22.89 10.22
CA PHE B 696 15.38 23.59 9.08
C PHE B 696 13.88 23.79 9.24
N GLU B 697 13.18 22.76 9.72
CA GLU B 697 11.74 22.86 9.93
C GLU B 697 11.42 23.94 10.95
N LYS B 698 12.19 23.99 12.06
CA LYS B 698 12.02 25.08 13.01
C LYS B 698 12.32 26.42 12.36
N PHE B 699 13.23 26.45 11.39
CA PHE B 699 13.48 27.67 10.64
C PHE B 699 12.45 27.88 9.54
N PHE B 700 12.00 26.80 8.90
CA PHE B 700 11.01 26.86 7.82
C PHE B 700 9.84 25.96 8.20
N PRO B 701 8.83 26.51 8.90
CA PRO B 701 7.74 25.64 9.38
C PRO B 701 7.01 24.88 8.29
N SER B 702 6.96 25.39 7.07
CA SER B 702 6.25 24.73 5.99
C SER B 702 7.07 23.63 5.32
N SER B 703 8.20 23.24 5.92
CA SER B 703 9.06 22.25 5.28
C SER B 703 8.32 20.93 5.08
N SER B 704 7.49 20.54 6.04
CA SER B 704 6.80 19.26 5.95
C SER B 704 5.62 19.31 4.99
N TYR B 705 4.73 20.29 5.17
CA TYR B 705 3.50 20.31 4.39
C TYR B 705 3.80 20.49 2.90
N ARG B 706 4.57 21.52 2.55
CA ARG B 706 5.06 21.73 1.20
C ARG B 706 6.57 21.61 1.20
N ARG B 707 7.09 20.64 0.46
CA ARG B 707 8.52 20.42 0.38
C ARG B 707 9.20 21.66 -0.21
N PRO B 708 10.19 22.24 0.47
CA PRO B 708 10.82 23.45 -0.07
C PRO B 708 11.52 23.19 -1.39
N VAL B 709 11.58 24.25 -2.21
CA VAL B 709 12.25 24.19 -3.50
C VAL B 709 13.22 25.37 -3.60
N GLY B 710 14.21 25.21 -4.45
CA GLY B 710 15.22 26.23 -4.65
C GLY B 710 16.54 25.60 -5.02
N ILE B 711 17.56 26.47 -5.15
CA ILE B 711 18.90 26.04 -5.49
C ILE B 711 19.95 26.55 -4.50
N SER B 712 19.54 27.25 -3.44
CA SER B 712 20.47 27.67 -2.41
C SER B 712 20.75 26.52 -1.44
N SER B 713 21.70 26.76 -0.54
CA SER B 713 22.08 25.78 0.47
C SER B 713 21.42 26.10 1.81
N MET B 714 21.49 25.12 2.72
CA MET B 714 20.79 25.22 3.99
C MET B 714 21.16 26.50 4.74
N VAL B 715 22.43 26.63 5.08
CA VAL B 715 22.85 27.63 6.04
C VAL B 715 22.52 29.03 5.54
N GLU B 716 22.57 29.25 4.23
CA GLU B 716 22.21 30.56 3.69
C GLU B 716 20.77 30.92 4.09
N ALA B 717 19.83 30.04 3.79
CA ALA B 717 18.43 30.31 4.11
C ALA B 717 18.24 30.44 5.62
N MET B 718 18.85 29.53 6.39
CA MET B 718 18.63 29.57 7.84
C MET B 718 19.18 30.86 8.45
N VAL B 719 20.41 31.25 8.09
CA VAL B 719 20.99 32.45 8.68
C VAL B 719 20.24 33.70 8.23
N SER B 720 19.85 33.76 6.95
CA SER B 720 19.17 34.95 6.46
C SER B 720 17.80 35.09 7.12
N ARG B 721 17.07 33.98 7.25
CA ARG B 721 15.80 34.04 7.94
C ARG B 721 15.98 34.36 9.41
N ALA B 722 17.09 33.93 10.03
CA ALA B 722 17.38 34.36 11.39
C ALA B 722 17.50 35.88 11.46
N ARG B 723 18.29 36.46 10.54
CA ARG B 723 18.37 37.91 10.44
C ARG B 723 16.98 38.52 10.47
N ILE B 724 16.18 38.15 9.48
CA ILE B 724 14.91 38.85 9.26
C ILE B 724 13.95 38.61 10.41
N ASP B 725 13.87 37.37 10.91
CA ASP B 725 12.90 37.07 11.95
C ASP B 725 13.26 37.77 13.25
N ALA B 726 14.56 37.81 13.60
CA ALA B 726 14.95 38.60 14.76
C ALA B 726 14.54 40.06 14.59
N ARG B 727 14.86 40.64 13.43
CA ARG B 727 14.43 42.00 13.13
C ARG B 727 12.95 42.20 13.45
N ILE B 728 12.11 41.46 12.74
CA ILE B 728 10.67 41.76 12.75
C ILE B 728 10.06 41.39 14.09
N ASP B 729 10.53 40.31 14.72
CA ASP B 729 10.01 39.94 16.01
C ASP B 729 10.41 40.91 17.10
N PHE B 730 11.50 41.66 16.89
CA PHE B 730 11.64 42.91 17.65
C PHE B 730 10.63 43.96 17.26
N GLU B 731 10.50 44.27 15.97
CA GLU B 731 9.59 45.34 15.62
C GLU B 731 8.23 45.15 16.27
N SER B 732 7.92 43.92 16.68
CA SER B 732 6.89 43.66 17.69
C SER B 732 7.09 42.24 18.23
N GLY B 733 7.50 42.12 19.48
CA GLY B 733 7.62 40.82 20.10
C GLY B 733 8.66 40.80 21.21
N ARG B 734 9.01 39.57 21.62
CA ARG B 734 9.83 39.35 22.81
C ARG B 734 11.26 39.87 22.63
N ILE B 735 11.81 39.81 21.42
CA ILE B 735 13.22 40.14 21.21
C ILE B 735 13.51 41.50 21.82
N LYS B 736 14.78 41.77 22.13
CA LYS B 736 15.22 43.09 22.55
C LYS B 736 16.49 43.47 21.77
N LYS B 737 16.78 44.79 21.74
CA LYS B 737 17.98 45.25 21.04
C LYS B 737 19.20 44.41 21.39
N GLU B 738 19.40 44.14 22.68
CA GLU B 738 20.52 43.30 23.10
C GLU B 738 20.48 41.96 22.37
N GLU B 739 19.33 41.29 22.44
CA GLU B 739 19.18 39.99 21.79
C GLU B 739 19.23 40.11 20.28
N PHE B 740 18.65 41.15 19.69
CA PHE B 740 18.67 41.28 18.23
C PHE B 740 20.09 41.44 17.71
N ALA B 741 20.87 42.31 18.36
CA ALA B 741 22.26 42.47 17.96
C ALA B 741 23.07 41.21 18.22
N GLU B 742 22.77 40.51 19.32
CA GLU B 742 23.44 39.24 19.58
C GLU B 742 23.18 38.26 18.46
N ILE B 743 21.93 38.16 18.00
CA ILE B 743 21.60 37.29 16.87
C ILE B 743 22.29 37.75 15.60
N MET B 744 22.33 39.06 15.34
CA MET B 744 22.98 39.54 14.12
C MET B 744 24.45 39.14 14.09
N LYS B 745 25.16 39.37 15.20
CA LYS B 745 26.58 39.05 15.22
C LYS B 745 26.82 37.53 15.33
N ILE B 746 25.88 36.77 15.88
CA ILE B 746 25.99 35.32 15.84
C ILE B 746 25.81 34.81 14.41
N CYS B 747 24.92 35.44 13.66
CA CYS B 747 24.78 35.13 12.24
C CYS B 747 26.08 35.42 11.50
N SER B 748 26.71 36.56 11.81
CA SER B 748 28.01 36.85 11.23
C SER B 748 29.04 35.80 11.62
N THR B 749 28.98 35.34 12.87
CA THR B 749 29.93 34.33 13.33
C THR B 749 29.76 33.02 12.56
N ILE B 750 28.53 32.57 12.37
CA ILE B 750 28.32 31.34 11.62
C ILE B 750 28.68 31.56 10.15
N GLU B 751 28.51 32.79 9.65
CA GLU B 751 28.95 33.10 8.30
C GLU B 751 30.45 32.89 8.15
N GLU B 752 31.24 33.50 9.05
CA GLU B 752 32.68 33.34 8.96
C GLU B 752 33.11 31.92 9.26
N LEU B 753 32.32 31.18 10.03
CA LEU B 753 32.61 29.77 10.26
C LEU B 753 32.43 28.96 8.97
N ARG B 754 31.34 29.23 8.24
CA ARG B 754 31.13 28.56 6.96
C ARG B 754 32.19 28.96 5.95
N ARG B 755 32.67 30.20 6.02
CA ARG B 755 33.85 30.59 5.23
C ARG B 755 35.01 29.62 5.47
N GLN B 756 35.24 29.25 6.73
CA GLN B 756 36.32 28.34 7.07
C GLN B 756 35.83 27.20 7.95
N MET C 1 16.37 33.07 19.66
CA MET C 1 17.68 32.88 20.34
C MET C 1 18.16 31.45 20.22
N GLU C 2 17.41 30.53 20.82
CA GLU C 2 17.81 29.13 20.83
C GLU C 2 18.10 28.60 19.43
N ARG C 3 17.17 28.82 18.50
CA ARG C 3 17.23 28.16 17.20
C ARG C 3 18.58 28.38 16.53
N ILE C 4 19.00 29.65 16.41
CA ILE C 4 20.29 29.92 15.82
C ILE C 4 21.41 29.35 16.67
N LYS C 5 21.15 29.13 17.97
CA LYS C 5 22.20 28.60 18.83
C LYS C 5 22.47 27.14 18.54
N GLU C 6 21.43 26.30 18.40
CA GLU C 6 21.73 24.93 17.99
C GLU C 6 22.21 24.90 16.54
N LEU C 7 21.82 25.89 15.74
CA LEU C 7 22.41 26.01 14.40
C LEU C 7 23.92 26.16 14.49
N ARG C 8 24.39 27.09 15.32
CA ARG C 8 25.82 27.30 15.48
C ARG C 8 26.49 26.06 16.08
N ASP C 9 25.84 25.41 17.04
CA ASP C 9 26.41 24.19 17.60
C ASP C 9 26.55 23.10 16.56
N LEU C 10 25.55 22.96 15.68
CA LEU C 10 25.65 21.99 14.59
C LEU C 10 26.80 22.34 13.66
N MET C 11 26.89 23.61 13.26
CA MET C 11 27.98 24.02 12.37
C MET C 11 29.34 23.91 13.04
N SER C 12 29.38 23.82 14.37
CA SER C 12 30.66 23.66 15.06
C SER C 12 31.33 22.35 14.65
N GLN C 13 30.56 21.26 14.59
CA GLN C 13 31.12 19.96 14.26
C GLN C 13 31.20 19.81 12.74
N SER C 14 32.31 19.23 12.28
CA SER C 14 32.65 19.28 10.86
C SER C 14 31.63 18.56 10.00
N ARG C 15 31.18 17.37 10.41
CA ARG C 15 30.30 16.57 9.57
C ARG C 15 28.97 17.28 9.33
N THR C 16 28.33 17.75 10.40
CA THR C 16 27.08 18.47 10.23
C THR C 16 27.30 19.77 9.46
N ARG C 17 28.44 20.42 9.65
CA ARG C 17 28.74 21.62 8.88
C ARG C 17 28.78 21.31 7.39
N GLU C 18 29.44 20.22 7.01
CA GLU C 18 29.49 19.82 5.61
C GLU C 18 28.10 19.49 5.09
N ILE C 19 27.30 18.77 5.89
CA ILE C 19 25.95 18.43 5.47
C ILE C 19 25.14 19.70 5.22
N LEU C 20 25.27 20.69 6.11
CA LEU C 20 24.55 21.93 5.96
C LEU C 20 25.04 22.74 4.76
N THR C 21 26.33 22.68 4.47
CA THR C 21 26.89 23.52 3.41
C THR C 21 26.60 22.94 2.03
N LYS C 22 26.94 21.67 1.80
CA LYS C 22 26.85 21.11 0.46
C LYS C 22 25.42 20.76 0.06
N THR C 23 24.56 20.48 1.03
CA THR C 23 23.19 20.06 0.71
C THR C 23 22.35 21.29 0.34
N THR C 24 21.70 21.22 -0.81
CA THR C 24 20.83 22.29 -1.27
C THR C 24 19.41 22.10 -0.75
N VAL C 25 18.63 23.17 -0.83
CA VAL C 25 17.27 23.16 -0.28
C VAL C 25 16.42 22.11 -0.97
N ASP C 26 16.59 21.96 -2.28
CA ASP C 26 15.73 21.02 -3.02
C ASP C 26 15.89 19.60 -2.49
N HIS C 27 17.11 19.20 -2.16
CA HIS C 27 17.36 17.86 -1.65
C HIS C 27 16.80 17.67 -0.23
N MET C 28 16.28 18.74 0.39
CA MET C 28 15.68 18.64 1.72
C MET C 28 14.89 17.34 1.91
N ALA C 29 13.92 17.10 1.02
CA ALA C 29 13.04 15.95 1.20
C ALA C 29 13.85 14.66 1.21
N ILE C 30 14.76 14.51 0.23
CA ILE C 30 15.48 13.26 0.07
C ILE C 30 16.17 12.88 1.37
N ILE C 31 17.08 13.74 1.83
CA ILE C 31 17.82 13.43 3.05
C ILE C 31 16.89 13.28 4.25
N LYS C 32 15.73 13.94 4.24
CA LYS C 32 14.81 13.79 5.35
C LYS C 32 14.20 12.39 5.37
N LYS C 33 13.96 11.82 4.19
CA LYS C 33 13.48 10.45 4.07
C LYS C 33 14.62 9.44 4.04
N TYR C 34 15.87 9.89 4.02
CA TYR C 34 17.01 8.99 4.06
C TYR C 34 16.99 8.19 5.35
N THR C 35 16.72 6.90 5.27
CA THR C 35 16.65 6.06 6.45
C THR C 35 17.02 4.62 6.08
N SER C 36 17.54 3.89 7.06
CA SER C 36 17.81 2.48 6.90
C SER C 36 16.61 1.61 7.27
N GLY C 37 15.56 2.21 7.83
CA GLY C 37 14.41 1.44 8.26
C GLY C 37 13.54 1.03 7.09
N ARG C 38 13.44 -0.27 6.84
CA ARG C 38 12.53 -0.76 5.81
C ARG C 38 11.09 -0.62 6.26
N GLN C 39 10.19 -0.43 5.31
CA GLN C 39 8.77 -0.40 5.60
C GLN C 39 8.28 -1.82 5.88
N GLU C 40 7.57 -1.99 7.00
CA GLU C 40 7.22 -3.33 7.44
C GLU C 40 6.27 -3.99 6.45
N LYS C 41 6.51 -5.28 6.19
CA LYS C 41 5.65 -6.05 5.31
C LYS C 41 4.46 -6.64 6.05
N ASN C 42 4.65 -7.05 7.30
CA ASN C 42 3.62 -7.67 8.12
C ASN C 42 3.52 -6.90 9.44
N PRO C 43 2.83 -5.75 9.45
CA PRO C 43 2.81 -4.96 10.69
C PRO C 43 2.12 -5.66 11.85
N ALA C 44 1.05 -6.41 11.59
CA ALA C 44 0.30 -7.03 12.67
C ALA C 44 1.16 -8.03 13.44
N LEU C 45 1.92 -8.85 12.70
CA LEU C 45 2.72 -9.89 13.35
C LEU C 45 3.71 -9.28 14.33
N ARG C 46 4.40 -8.22 13.92
CA ARG C 46 5.40 -7.61 14.78
C ARG C 46 4.79 -6.75 15.88
N MET C 47 3.65 -6.10 15.62
CA MET C 47 2.98 -5.39 16.70
C MET C 47 2.52 -6.37 17.78
N LYS C 48 2.08 -7.56 17.40
CA LYS C 48 1.75 -8.58 18.38
C LYS C 48 2.99 -9.18 19.02
N TRP C 49 4.14 -9.05 18.36
CA TRP C 49 5.40 -9.60 18.86
C TRP C 49 6.19 -8.58 19.67
N MET C 50 6.16 -7.30 19.26
CA MET C 50 6.91 -6.28 19.98
C MET C 50 6.26 -5.91 21.31
N MET C 51 4.92 -5.90 21.35
CA MET C 51 4.23 -5.50 22.58
C MET C 51 4.49 -6.46 23.73
N ALA C 52 5.03 -7.64 23.47
CA ALA C 52 5.43 -8.56 24.52
C ALA C 52 6.80 -8.24 25.09
N MET C 53 7.49 -7.25 24.53
CA MET C 53 8.79 -6.81 25.03
C MET C 53 8.60 -5.68 26.04
N LYS C 54 9.66 -5.42 26.80
CA LYS C 54 9.73 -4.24 27.64
C LYS C 54 10.34 -3.10 26.84
N TYR C 55 9.74 -1.92 26.98
CA TYR C 55 10.15 -0.76 26.18
C TYR C 55 9.88 -1.02 24.71
N PRO C 56 8.63 -1.22 24.30
CA PRO C 56 8.33 -1.46 22.88
C PRO C 56 8.03 -0.23 22.06
N ILE C 57 7.76 0.93 22.67
CA ILE C 57 7.40 2.11 21.91
C ILE C 57 8.54 3.13 22.00
N THR C 58 8.43 4.24 21.28
CA THR C 58 9.46 5.26 21.26
C THR C 58 8.86 6.61 21.60
N ALA C 59 9.66 7.45 22.27
CA ALA C 59 9.20 8.77 22.68
C ALA C 59 10.39 9.71 22.68
N ASP C 60 10.08 11.01 22.62
CA ASP C 60 11.13 12.03 22.60
C ASP C 60 11.94 11.97 23.90
N LYS C 61 13.14 12.54 23.84
CA LYS C 61 14.01 12.55 25.01
C LYS C 61 13.37 13.28 26.18
N ARG C 62 12.49 14.24 25.90
CA ARG C 62 11.92 15.07 26.97
C ARG C 62 11.17 14.21 27.98
N ILE C 63 10.73 13.01 27.58
CA ILE C 63 10.01 12.14 28.49
C ILE C 63 10.85 11.83 29.72
N MET C 64 12.18 11.82 29.57
CA MET C 64 13.05 11.51 30.69
C MET C 64 12.98 12.57 31.78
N GLU C 65 12.41 13.74 31.50
CA GLU C 65 12.33 14.82 32.49
C GLU C 65 10.88 15.23 32.79
N MET C 66 9.91 14.39 32.43
CA MET C 66 8.52 14.65 32.82
C MET C 66 7.92 13.46 33.56
N ILE C 67 8.38 12.26 33.22
CA ILE C 67 7.84 11.02 33.77
C ILE C 67 8.96 10.33 34.54
N PRO C 68 8.72 9.87 35.76
CA PRO C 68 9.78 9.19 36.51
C PRO C 68 10.16 7.87 35.84
N GLU C 69 11.42 7.47 36.08
CA GLU C 69 11.94 6.26 35.46
C GLU C 69 11.16 5.02 35.89
N ARG C 70 10.51 5.05 37.05
CA ARG C 70 9.77 3.90 37.55
C ARG C 70 8.52 4.38 38.28
N ASN C 71 7.52 3.51 38.32
CA ASN C 71 6.26 3.80 38.99
C ASN C 71 6.32 3.31 40.43
N GLU C 72 5.17 3.22 41.08
CA GLU C 72 5.14 2.98 42.53
C GLU C 72 5.81 1.67 42.89
N GLN C 73 5.48 0.58 42.19
CA GLN C 73 6.06 -0.72 42.51
C GLN C 73 7.44 -0.92 41.91
N GLY C 74 7.90 0.00 41.07
CA GLY C 74 9.19 -0.14 40.42
C GLY C 74 9.14 -0.61 38.99
N GLN C 75 7.97 -0.74 38.38
CA GLN C 75 7.90 -1.06 36.96
C GLN C 75 8.49 0.11 36.17
N THR C 76 9.49 -0.16 35.35
CA THR C 76 10.15 0.88 34.59
C THR C 76 9.21 1.45 33.54
N LEU C 77 9.22 2.77 33.39
CA LEU C 77 8.37 3.46 32.43
C LEU C 77 9.11 3.86 31.16
N TRP C 78 10.39 4.22 31.28
CA TRP C 78 11.18 4.60 30.11
C TRP C 78 12.62 4.17 30.31
N SER C 79 13.33 4.02 29.20
CA SER C 79 14.75 3.69 29.20
C SER C 79 15.53 4.81 28.53
N LYS C 80 16.79 4.93 28.89
CA LYS C 80 17.66 5.97 28.35
C LYS C 80 18.38 5.54 27.07
N THR C 81 18.19 4.30 26.63
CA THR C 81 18.81 3.83 25.40
C THR C 81 18.02 4.36 24.20
N ASN C 82 18.71 5.09 23.32
CA ASN C 82 18.05 5.74 22.21
C ASN C 82 17.67 4.73 21.13
N ASP C 83 16.78 5.17 20.24
CA ASP C 83 16.36 4.33 19.12
C ASP C 83 17.54 4.12 18.17
N ALA C 84 17.29 3.32 17.13
CA ALA C 84 18.35 2.97 16.17
C ALA C 84 18.90 4.21 15.48
N GLY C 85 18.06 4.89 14.70
CA GLY C 85 18.51 6.02 13.91
C GLY C 85 17.86 7.33 14.30
N SER C 86 17.68 7.54 15.61
CA SER C 86 17.06 8.77 16.09
C SER C 86 17.53 9.02 17.52
N ASP C 87 17.34 10.26 17.98
CA ASP C 87 17.66 10.62 19.35
C ASP C 87 16.56 10.24 20.33
N ARG C 88 15.43 9.75 19.85
CA ARG C 88 14.35 9.35 20.73
C ARG C 88 14.73 8.10 21.52
N VAL C 89 14.10 7.94 22.68
CA VAL C 89 14.39 6.84 23.59
C VAL C 89 13.23 5.87 23.59
N MET C 90 13.55 4.59 23.74
CA MET C 90 12.54 3.55 23.81
C MET C 90 11.92 3.51 25.20
N VAL C 91 10.59 3.46 25.26
CA VAL C 91 9.85 3.50 26.51
C VAL C 91 8.75 2.45 26.49
N SER C 92 8.28 2.12 27.69
CA SER C 92 7.26 1.10 27.91
C SER C 92 5.87 1.69 27.69
N PRO C 93 4.88 0.86 27.39
CA PRO C 93 3.52 1.40 27.17
C PRO C 93 2.91 1.99 28.42
N LEU C 94 3.37 1.58 29.61
CA LEU C 94 2.84 2.18 30.84
C LEU C 94 3.07 3.67 30.87
N ALA C 95 4.20 4.13 30.33
CA ALA C 95 4.47 5.57 30.28
C ALA C 95 3.36 6.31 29.55
N VAL C 96 2.64 5.64 28.67
CA VAL C 96 1.45 6.24 28.07
C VAL C 96 0.34 6.38 29.12
N THR C 97 -0.05 5.26 29.73
CA THR C 97 -1.14 5.30 30.70
C THR C 97 -0.79 6.20 31.88
N TRP C 98 0.47 6.16 32.32
CA TRP C 98 0.89 7.07 33.37
C TRP C 98 0.61 8.51 32.97
N TRP C 99 0.98 8.88 31.74
CA TRP C 99 0.73 10.24 31.28
C TRP C 99 -0.74 10.60 31.31
N ASN C 100 -1.62 9.61 31.25
CA ASN C 100 -3.06 9.86 31.26
C ASN C 100 -3.66 9.88 32.66
N ARG C 101 -2.86 9.63 33.70
CA ARG C 101 -3.36 9.65 35.06
C ARG C 101 -2.65 10.63 35.97
N ASN C 102 -1.38 10.97 35.69
CA ASN C 102 -0.67 11.98 36.45
C ASN C 102 0.15 12.92 35.58
N GLY C 103 0.09 12.80 34.27
CA GLY C 103 0.84 13.67 33.40
C GLY C 103 0.28 15.07 33.38
N PRO C 104 1.00 16.02 32.79
CA PRO C 104 0.51 17.40 32.73
C PRO C 104 -0.81 17.49 32.00
N THR C 105 -1.65 18.41 32.46
CA THR C 105 -2.96 18.65 31.88
C THR C 105 -3.00 20.01 31.22
N THR C 106 -3.86 20.13 30.21
CA THR C 106 -3.99 21.36 29.44
C THR C 106 -5.48 21.62 29.21
N SER C 107 -5.76 22.61 28.37
CA SER C 107 -7.14 22.97 28.01
C SER C 107 -7.40 22.45 26.60
N ALA C 108 -8.15 21.36 26.51
CA ALA C 108 -8.49 20.74 25.23
C ALA C 108 -9.77 21.29 24.63
N VAL C 109 -10.15 22.51 24.99
CA VAL C 109 -11.41 23.08 24.50
C VAL C 109 -11.35 23.32 23.01
N HIS C 110 -10.15 23.54 22.46
CA HIS C 110 -10.01 23.91 21.05
C HIS C 110 -9.88 22.72 20.11
N TYR C 111 -9.67 21.51 20.63
CA TYR C 111 -9.67 20.33 19.78
C TYR C 111 -10.98 20.17 19.01
N PRO C 112 -12.15 20.35 19.62
CA PRO C 112 -13.38 20.35 18.81
C PRO C 112 -13.35 21.34 17.67
N LYS C 113 -12.75 22.52 17.87
CA LYS C 113 -12.64 23.49 16.80
C LYS C 113 -11.68 23.02 15.71
N ILE C 114 -10.61 22.32 16.08
CA ILE C 114 -9.67 21.82 15.07
C ILE C 114 -10.28 20.65 14.30
N TYR C 115 -10.58 19.56 15.00
CA TYR C 115 -11.12 18.36 14.36
C TYR C 115 -12.60 18.60 14.05
N LYS C 116 -12.84 19.53 13.13
CA LYS C 116 -14.20 19.92 12.80
C LYS C 116 -14.97 18.76 12.18
N THR C 117 -14.33 18.00 11.29
CA THR C 117 -15.05 16.96 10.57
C THR C 117 -15.61 15.90 11.51
N TYR C 118 -14.76 15.38 12.40
CA TYR C 118 -15.20 14.29 13.27
C TYR C 118 -16.28 14.75 14.25
N PHE C 119 -16.11 15.94 14.84
CA PHE C 119 -17.13 16.42 15.76
C PHE C 119 -18.43 16.75 15.04
N GLU C 120 -18.35 17.22 13.80
CA GLU C 120 -19.57 17.41 13.02
C GLU C 120 -20.25 16.08 12.74
N LYS C 121 -19.48 15.03 12.46
CA LYS C 121 -20.07 13.70 12.31
C LYS C 121 -20.79 13.29 13.59
N VAL C 122 -20.15 13.48 14.73
CA VAL C 122 -20.74 13.09 16.01
C VAL C 122 -22.04 13.86 16.24
N GLU C 123 -22.01 15.18 16.01
CA GLU C 123 -23.20 15.99 16.22
C GLU C 123 -24.33 15.57 15.28
N ARG C 124 -23.99 15.28 14.01
CA ARG C 124 -25.00 14.86 13.05
C ARG C 124 -25.65 13.55 13.49
N LEU C 125 -24.85 12.60 13.97
CA LEU C 125 -25.41 11.31 14.38
C LEU C 125 -26.20 11.41 15.68
N LYS C 126 -25.75 12.26 16.61
CA LYS C 126 -26.40 12.31 17.92
C LYS C 126 -27.86 12.73 17.80
N HIS C 127 -28.17 13.61 16.85
CA HIS C 127 -29.52 14.12 16.66
C HIS C 127 -30.27 13.40 15.55
N GLY C 128 -29.73 12.30 15.04
CA GLY C 128 -30.42 11.55 14.02
C GLY C 128 -31.64 10.82 14.57
N THR C 129 -32.58 10.53 13.67
CA THR C 129 -33.82 9.83 14.01
C THR C 129 -33.94 8.62 13.12
N PHE C 130 -34.00 7.43 13.72
CA PHE C 130 -34.14 6.20 12.96
C PHE C 130 -35.60 5.93 12.62
N GLY C 131 -35.81 4.90 11.80
CA GLY C 131 -37.14 4.51 11.39
C GLY C 131 -37.26 3.01 11.26
N PRO C 132 -38.41 2.54 10.79
CA PRO C 132 -38.59 1.09 10.65
C PRO C 132 -37.66 0.51 9.59
N VAL C 133 -37.31 -0.76 9.80
CA VAL C 133 -36.49 -1.50 8.85
C VAL C 133 -37.40 -2.22 7.87
N HIS C 134 -37.20 -1.98 6.59
CA HIS C 134 -38.02 -2.59 5.54
C HIS C 134 -37.19 -3.64 4.81
N PHE C 135 -37.70 -4.87 4.75
CA PHE C 135 -37.00 -5.99 4.16
C PHE C 135 -37.47 -6.18 2.72
N ARG C 136 -36.62 -5.84 1.77
CA ARG C 136 -36.89 -6.08 0.36
C ARG C 136 -35.58 -6.01 -0.40
N ASN C 137 -35.52 -6.71 -1.52
CA ASN C 137 -34.29 -6.75 -2.31
C ASN C 137 -33.88 -5.34 -2.72
N GLN C 138 -32.61 -5.02 -2.49
CA GLN C 138 -32.07 -3.72 -2.83
C GLN C 138 -31.22 -3.85 -4.08
N VAL C 139 -31.53 -3.01 -5.08
CA VAL C 139 -30.78 -3.02 -6.34
C VAL C 139 -29.63 -2.02 -6.15
N LYS C 140 -28.52 -2.52 -5.62
CA LYS C 140 -27.34 -1.69 -5.42
C LYS C 140 -26.65 -1.47 -6.76
N ILE C 141 -26.60 -0.22 -7.19
CA ILE C 141 -25.93 0.15 -8.43
C ILE C 141 -24.74 1.02 -8.06
N ARG C 142 -23.63 0.83 -8.77
CA ARG C 142 -22.39 1.48 -8.43
C ARG C 142 -22.29 2.86 -9.08
N ARG C 143 -21.96 3.85 -8.26
CA ARG C 143 -21.96 5.25 -8.69
C ARG C 143 -20.80 5.98 -8.03
N ARG C 144 -20.35 7.06 -8.67
CA ARG C 144 -19.33 7.94 -8.13
C ARG C 144 -20.00 8.99 -7.25
N VAL C 145 -19.60 9.05 -5.97
CA VAL C 145 -20.21 9.96 -5.01
C VAL C 145 -19.12 10.61 -4.16
N ASP C 146 -19.45 11.78 -3.61
CA ASP C 146 -18.54 12.51 -2.75
C ASP C 146 -18.75 12.05 -1.31
N ILE C 147 -17.66 11.68 -0.64
CA ILE C 147 -17.77 11.17 0.72
C ILE C 147 -17.66 12.30 1.73
N ASN C 148 -16.82 13.29 1.47
CA ASN C 148 -16.60 14.35 2.43
C ASN C 148 -17.81 15.28 2.46
N PRO C 149 -18.50 15.43 3.60
CA PRO C 149 -19.71 16.26 3.63
C PRO C 149 -19.45 17.72 3.93
N GLY C 150 -18.20 18.14 4.12
CA GLY C 150 -17.90 19.51 4.45
C GLY C 150 -16.99 20.18 3.44
N HIS C 151 -16.78 19.53 2.29
CA HIS C 151 -15.92 20.12 1.26
C HIS C 151 -16.46 21.47 0.84
N ALA C 152 -15.56 22.46 0.78
CA ALA C 152 -15.92 23.84 0.49
C ALA C 152 -15.87 24.15 -1.00
N ASP C 153 -16.01 23.14 -1.85
CA ASP C 153 -15.96 23.32 -3.31
C ASP C 153 -14.57 23.72 -3.77
N LEU C 154 -13.55 23.08 -3.18
CA LEU C 154 -12.16 23.35 -3.52
C LEU C 154 -11.45 22.02 -3.80
N SER C 155 -10.50 22.07 -4.74
CA SER C 155 -9.66 20.92 -5.03
C SER C 155 -8.48 20.87 -4.06
N ALA C 156 -7.61 19.87 -4.24
CA ALA C 156 -6.45 19.74 -3.38
C ALA C 156 -5.54 20.95 -3.50
N LYS C 157 -5.02 21.20 -4.71
CA LYS C 157 -4.14 22.34 -4.92
C LYS C 157 -4.87 23.65 -4.67
N GLU C 158 -6.14 23.72 -5.06
CA GLU C 158 -6.90 24.97 -4.90
C GLU C 158 -6.97 25.39 -3.45
N ALA C 159 -7.18 24.44 -2.54
CA ALA C 159 -7.26 24.74 -1.11
C ALA C 159 -5.91 24.68 -0.42
N GLN C 160 -4.87 24.16 -1.08
CA GLN C 160 -3.56 24.08 -0.44
C GLN C 160 -2.99 25.47 -0.18
N ASP C 161 -3.16 26.39 -1.13
CA ASP C 161 -2.72 27.76 -0.91
C ASP C 161 -3.49 28.41 0.23
N VAL C 162 -4.80 28.17 0.29
CA VAL C 162 -5.61 28.67 1.39
C VAL C 162 -5.08 28.15 2.72
N ILE C 163 -4.76 26.86 2.76
CA ILE C 163 -4.28 26.25 4.00
C ILE C 163 -2.95 26.87 4.41
N MET C 164 -2.03 27.06 3.46
CA MET C 164 -0.76 27.69 3.82
C MET C 164 -0.98 29.09 4.35
N GLU C 165 -1.75 29.91 3.63
CA GLU C 165 -1.98 31.27 4.09
C GLU C 165 -2.69 31.31 5.44
N VAL C 166 -3.46 30.28 5.77
CA VAL C 166 -4.11 30.22 7.08
C VAL C 166 -3.11 29.84 8.17
N VAL C 167 -2.22 28.89 7.87
CA VAL C 167 -1.29 28.36 8.87
C VAL C 167 0.10 28.96 8.68
N PHE C 168 0.63 28.94 7.46
CA PHE C 168 1.96 29.46 7.17
C PHE C 168 1.85 30.70 6.31
N PRO C 169 1.48 31.85 6.87
CA PRO C 169 1.23 33.03 6.05
C PRO C 169 2.46 33.56 5.33
N ASN C 170 3.66 33.24 5.80
CA ASN C 170 4.88 33.82 5.24
C ASN C 170 5.46 33.02 4.09
N GLU C 171 5.19 31.72 4.02
CA GLU C 171 5.72 30.85 2.98
C GLU C 171 4.81 30.75 1.78
N VAL C 172 3.76 31.59 1.70
CA VAL C 172 2.84 31.53 0.58
C VAL C 172 3.57 31.79 -0.75
N GLY C 173 4.50 32.73 -0.76
CA GLY C 173 5.22 33.07 -1.96
C GLY C 173 4.46 34.01 -2.89
N ALA C 174 4.43 33.69 -4.19
CA ALA C 174 3.77 34.57 -5.14
C ALA C 174 2.26 34.60 -4.92
N ARG C 175 1.68 33.46 -4.59
CA ARG C 175 0.23 33.34 -4.61
C ARG C 175 -0.42 34.29 -3.62
N ILE C 176 -1.41 35.04 -4.11
CA ILE C 176 -2.35 35.78 -3.27
C ILE C 176 -3.74 35.42 -3.78
N LEU C 177 -4.55 34.83 -2.91
CA LEU C 177 -5.74 34.14 -3.37
C LEU C 177 -6.76 35.13 -3.92
N THR C 178 -7.28 34.83 -5.11
CA THR C 178 -8.18 35.76 -5.80
C THR C 178 -9.63 35.52 -5.42
N SER C 179 -10.08 34.27 -5.47
CA SER C 179 -11.48 33.96 -5.20
C SER C 179 -11.88 34.44 -3.81
N GLU C 180 -13.03 35.12 -3.72
CA GLU C 180 -13.48 35.69 -2.46
C GLU C 180 -13.98 34.63 -1.48
N SER C 181 -14.46 33.49 -1.98
CA SER C 181 -14.77 32.38 -1.10
C SER C 181 -13.54 31.98 -0.29
N GLN C 182 -12.40 31.89 -0.98
CA GLN C 182 -11.15 31.62 -0.29
C GLN C 182 -10.82 32.73 0.71
N LEU C 183 -11.13 33.97 0.36
CA LEU C 183 -10.90 35.07 1.30
C LEU C 183 -11.66 34.87 2.59
N THR C 184 -12.97 34.58 2.49
CA THR C 184 -13.76 34.40 3.69
C THR C 184 -13.33 33.17 4.48
N ILE C 185 -12.98 32.09 3.78
CA ILE C 185 -12.50 30.89 4.48
C ILE C 185 -11.21 31.20 5.23
N THR C 186 -10.29 31.92 4.61
CA THR C 186 -9.06 32.30 5.28
C THR C 186 -9.36 33.14 6.52
N LYS C 187 -10.23 34.14 6.37
CA LYS C 187 -10.55 34.99 7.51
C LYS C 187 -11.13 34.17 8.66
N GLU C 188 -12.10 33.31 8.37
CA GLU C 188 -12.77 32.55 9.42
C GLU C 188 -11.79 31.60 10.11
N LYS C 189 -11.07 30.79 9.32
CA LYS C 189 -10.16 29.82 9.91
C LYS C 189 -8.91 30.46 10.49
N LYS C 190 -8.66 31.74 10.18
CA LYS C 190 -7.56 32.45 10.80
C LYS C 190 -7.97 32.96 12.17
N GLU C 191 -9.11 33.65 12.25
CA GLU C 191 -9.57 34.16 13.53
C GLU C 191 -9.98 33.04 14.48
N GLU C 192 -10.39 31.89 13.93
CA GLU C 192 -10.85 30.80 14.78
C GLU C 192 -9.67 30.07 15.42
N LEU C 193 -8.59 29.86 14.68
CA LEU C 193 -7.44 29.09 15.14
C LEU C 193 -6.23 29.97 15.41
N GLN C 194 -6.46 31.15 15.99
CA GLN C 194 -5.41 32.17 16.03
C GLN C 194 -4.29 31.77 16.99
N ASP C 195 -4.62 31.10 18.10
CA ASP C 195 -3.63 30.70 19.09
C ASP C 195 -3.60 29.19 19.34
N CYS C 196 -4.29 28.40 18.54
CA CYS C 196 -4.27 26.96 18.74
C CYS C 196 -2.86 26.42 18.59
N LYS C 197 -2.45 25.57 19.54
CA LYS C 197 -1.07 25.11 19.64
C LYS C 197 -0.98 23.60 19.53
N ILE C 198 -1.81 22.99 18.70
CA ILE C 198 -1.79 21.54 18.54
C ILE C 198 -0.55 21.16 17.72
N SER C 199 -0.54 21.55 16.45
CA SER C 199 0.63 21.45 15.60
C SER C 199 0.30 22.11 14.27
N PRO C 200 1.23 22.83 13.64
CA PRO C 200 0.94 23.36 12.30
C PRO C 200 0.62 22.28 11.30
N LEU C 201 1.31 21.14 11.36
CA LEU C 201 1.13 20.10 10.36
C LEU C 201 -0.25 19.45 10.48
N MET C 202 -0.67 19.11 11.70
CA MET C 202 -1.99 18.51 11.86
C MET C 202 -3.09 19.49 11.53
N VAL C 203 -2.92 20.75 11.89
CA VAL C 203 -3.92 21.77 11.53
C VAL C 203 -4.06 21.84 10.01
N ALA C 204 -2.92 21.88 9.32
CA ALA C 204 -2.96 21.92 7.85
C ALA C 204 -3.61 20.68 7.28
N TYR C 205 -3.29 19.51 7.83
CA TYR C 205 -3.86 18.26 7.32
C TYR C 205 -5.37 18.24 7.49
N MET C 206 -5.85 18.64 8.66
CA MET C 206 -7.30 18.62 8.89
C MET C 206 -8.01 19.70 8.08
N LEU C 207 -7.39 20.85 7.88
CA LEU C 207 -7.98 21.84 6.99
C LEU C 207 -8.08 21.30 5.57
N GLU C 208 -7.03 20.60 5.11
CA GLU C 208 -7.07 19.99 3.79
C GLU C 208 -8.21 18.98 3.71
N ARG C 209 -8.36 18.15 4.74
CA ARG C 209 -9.43 17.15 4.73
C ARG C 209 -10.81 17.82 4.70
N GLU C 210 -10.99 18.89 5.48
CA GLU C 210 -12.30 19.52 5.58
C GLU C 210 -12.67 20.26 4.30
N LEU C 211 -11.75 21.07 3.77
CA LEU C 211 -12.08 21.93 2.65
C LEU C 211 -12.00 21.21 1.30
N VAL C 212 -11.03 20.33 1.13
CA VAL C 212 -10.82 19.70 -0.17
C VAL C 212 -11.93 18.69 -0.44
N ARG C 213 -12.47 18.73 -1.64
CA ARG C 213 -13.46 17.76 -2.08
C ARG C 213 -12.78 16.46 -2.48
N LYS C 214 -13.38 15.34 -2.06
CA LYS C 214 -12.87 14.02 -2.40
C LYS C 214 -14.04 13.15 -2.81
N THR C 215 -13.79 12.26 -3.76
CA THR C 215 -14.84 11.48 -4.40
C THR C 215 -14.38 10.04 -4.54
N ARG C 216 -15.30 9.10 -4.39
CA ARG C 216 -15.00 7.68 -4.53
C ARG C 216 -16.21 6.97 -5.12
N PHE C 217 -15.94 5.80 -5.70
CA PHE C 217 -16.94 5.02 -6.39
C PHE C 217 -17.45 3.95 -5.43
N LEU C 218 -18.76 3.90 -5.23
CA LEU C 218 -19.34 3.02 -4.21
C LEU C 218 -20.65 2.43 -4.72
N PRO C 219 -21.05 1.26 -4.24
CA PRO C 219 -22.37 0.70 -4.56
C PRO C 219 -23.44 1.32 -3.67
N VAL C 220 -24.34 2.09 -4.28
CA VAL C 220 -25.36 2.82 -3.55
C VAL C 220 -26.74 2.39 -4.06
N ALA C 221 -27.74 2.60 -3.21
CA ALA C 221 -29.14 2.41 -3.57
C ALA C 221 -29.94 3.50 -2.87
N GLY C 222 -30.34 4.52 -3.61
CA GLY C 222 -30.95 5.69 -3.02
C GLY C 222 -29.92 6.64 -2.46
N GLY C 223 -30.36 7.47 -1.52
CA GLY C 223 -29.46 8.41 -0.87
C GLY C 223 -28.79 9.34 -1.86
N THR C 224 -27.49 9.13 -2.10
CA THR C 224 -26.64 9.88 -3.02
C THR C 224 -26.21 11.21 -2.42
N SER C 225 -26.72 11.60 -1.26
CA SER C 225 -26.31 12.84 -0.61
C SER C 225 -25.05 12.62 0.21
N SER C 226 -24.29 13.69 0.41
CA SER C 226 -23.04 13.59 1.16
C SER C 226 -23.29 13.12 2.58
N VAL C 227 -24.29 13.70 3.24
CA VAL C 227 -24.60 13.30 4.62
C VAL C 227 -25.16 11.88 4.68
N TYR C 228 -25.83 11.42 3.62
CA TYR C 228 -26.41 10.09 3.58
C TYR C 228 -25.42 9.02 3.14
N ILE C 229 -24.23 9.40 2.70
CA ILE C 229 -23.24 8.42 2.25
C ILE C 229 -22.31 8.00 3.39
N GLU C 230 -22.06 8.89 4.35
CA GLU C 230 -21.20 8.52 5.48
C GLU C 230 -21.84 7.42 6.31
N VAL C 231 -23.16 7.35 6.35
CA VAL C 231 -23.88 6.30 7.05
C VAL C 231 -24.41 5.25 6.09
N LEU C 232 -23.82 5.14 4.91
CA LEU C 232 -24.27 4.17 3.92
C LEU C 232 -24.20 2.74 4.46
N HIS C 233 -23.31 2.47 5.41
CA HIS C 233 -23.22 1.15 6.01
C HIS C 233 -24.41 0.85 6.91
N LEU C 234 -25.05 1.87 7.46
CA LEU C 234 -26.13 1.68 8.42
C LEU C 234 -27.51 1.78 7.79
N THR C 235 -27.65 2.44 6.63
CA THR C 235 -28.96 2.65 6.02
C THR C 235 -29.28 1.65 4.93
N GLN C 236 -28.27 1.10 4.24
CA GLN C 236 -28.47 0.21 3.12
C GLN C 236 -27.77 -1.11 3.36
N GLY C 237 -28.45 -2.21 3.04
CA GLY C 237 -27.88 -3.53 3.17
C GLY C 237 -28.19 -4.43 2.00
N THR C 238 -28.00 -5.74 2.16
CA THR C 238 -28.25 -6.67 1.07
C THR C 238 -29.74 -6.89 0.85
N CYS C 239 -30.52 -6.99 1.94
CA CYS C 239 -31.95 -7.25 1.84
C CYS C 239 -32.76 -6.41 2.81
N TRP C 240 -32.18 -5.33 3.35
CA TRP C 240 -32.87 -4.50 4.33
C TRP C 240 -32.50 -3.05 4.12
N GLU C 241 -33.47 -2.17 4.33
CA GLU C 241 -33.27 -0.73 4.28
C GLU C 241 -33.70 -0.10 5.61
N GLN C 242 -32.84 0.74 6.15
CA GLN C 242 -33.06 1.40 7.43
C GLN C 242 -33.20 2.89 7.19
N MET C 243 -34.42 3.40 7.23
CA MET C 243 -34.65 4.83 7.03
C MET C 243 -33.95 5.63 8.12
N TYR C 244 -33.24 6.67 7.70
CA TYR C 244 -32.44 7.48 8.62
C TYR C 244 -32.43 8.92 8.13
N THR C 245 -32.40 9.85 9.10
CA THR C 245 -32.36 11.28 8.80
C THR C 245 -31.34 11.93 9.72
N PRO C 246 -30.14 12.25 9.22
CA PRO C 246 -29.12 12.85 10.10
C PRO C 246 -29.62 14.09 10.83
N GLY C 247 -28.88 14.51 11.86
CA GLY C 247 -29.32 15.65 12.65
C GLY C 247 -29.32 16.95 11.88
N GLY C 248 -28.49 17.05 10.84
CA GLY C 248 -28.43 18.29 10.08
C GLY C 248 -29.76 18.66 9.47
N GLU C 249 -30.49 17.68 8.93
CA GLU C 249 -31.79 17.93 8.31
C GLU C 249 -32.89 17.87 9.34
N GLN F 1 -19.03 28.33 -19.80
CA GLN F 1 -19.78 28.42 -21.08
C GLN F 1 -19.05 27.80 -22.25
N VAL F 2 -19.49 26.59 -22.61
CA VAL F 2 -19.21 25.86 -23.83
C VAL F 2 -20.63 25.59 -24.26
N GLN F 3 -20.97 25.58 -25.57
CA GLN F 3 -22.35 25.38 -25.94
C GLN F 3 -22.49 24.46 -27.12
N LEU F 4 -23.67 23.81 -27.21
CA LEU F 4 -23.89 22.68 -28.08
C LEU F 4 -24.96 23.04 -29.05
N GLN F 5 -24.77 22.65 -30.30
CA GLN F 5 -25.73 22.92 -31.34
C GLN F 5 -26.10 21.63 -32.01
N GLU F 6 -27.33 21.14 -31.79
CA GLU F 6 -27.86 20.04 -32.56
C GLU F 6 -28.18 20.41 -34.00
N SER F 7 -27.94 19.45 -34.91
CA SER F 7 -28.40 19.51 -36.29
C SER F 7 -28.91 18.13 -36.61
N GLY F 8 -29.67 18.00 -37.71
CA GLY F 8 -30.42 16.78 -37.99
C GLY F 8 -31.83 16.95 -37.52
N GLY F 9 -32.62 15.87 -37.55
CA GLY F 9 -34.06 15.97 -37.30
C GLY F 9 -34.83 16.47 -38.48
N GLY F 10 -36.15 16.28 -38.44
CA GLY F 10 -37.02 16.43 -39.59
C GLY F 10 -38.11 15.42 -39.45
N LEU F 11 -39.03 15.38 -40.43
CA LEU F 11 -39.98 14.29 -40.52
C LEU F 11 -39.37 13.15 -41.28
N VAL F 12 -39.69 11.92 -40.85
CA VAL F 12 -39.11 10.74 -41.43
C VAL F 12 -40.15 9.64 -41.30
N GLN F 13 -40.16 8.69 -42.24
CA GLN F 13 -41.18 7.68 -42.34
C GLN F 13 -40.82 6.51 -41.45
N ALA F 14 -41.80 5.66 -41.05
CA ALA F 14 -41.49 4.48 -40.28
C ALA F 14 -40.58 3.50 -41.04
N GLY F 15 -39.44 3.12 -40.43
CA GLY F 15 -38.44 2.23 -41.03
C GLY F 15 -37.29 2.94 -41.70
N ALA F 16 -37.35 4.27 -41.82
CA ALA F 16 -36.35 5.08 -42.47
C ALA F 16 -35.23 5.54 -41.52
N SER F 17 -34.29 6.35 -42.04
CA SER F 17 -33.03 6.69 -41.37
C SER F 17 -32.85 8.19 -41.17
N LEU F 18 -32.11 8.58 -40.12
CA LEU F 18 -31.75 9.98 -39.89
C LEU F 18 -30.33 10.06 -39.35
N ARG F 19 -29.68 11.22 -39.54
CA ARG F 19 -28.38 11.48 -38.96
C ARG F 19 -28.52 12.71 -38.10
N LEU F 20 -28.25 12.60 -36.79
CA LEU F 20 -28.13 13.75 -35.94
C LEU F 20 -26.67 14.09 -35.78
N SER F 21 -26.36 15.38 -35.62
CA SER F 21 -25.03 15.83 -35.29
C SER F 21 -25.11 16.88 -34.21
N CYS F 22 -24.12 16.92 -33.32
CA CYS F 22 -24.06 17.86 -32.24
C CYS F 22 -22.71 18.52 -32.30
N THR F 23 -22.62 19.78 -32.75
CA THR F 23 -21.37 20.54 -32.81
C THR F 23 -21.14 21.26 -31.50
N ALA F 24 -19.89 21.67 -31.21
CA ALA F 24 -19.62 22.42 -30.02
C ALA F 24 -18.55 23.47 -30.19
N PRO F 33 -17.21 13.33 -21.64
CA PRO F 33 -18.03 12.46 -22.47
C PRO F 33 -19.16 13.22 -23.12
N MET F 34 -19.89 12.53 -24.00
CA MET F 34 -20.94 13.10 -24.80
C MET F 34 -22.11 12.15 -24.81
N GLY F 35 -23.34 12.65 -24.66
CA GLY F 35 -24.50 11.77 -24.75
C GLY F 35 -25.61 12.38 -25.50
N TRP F 36 -26.56 11.53 -25.93
CA TRP F 36 -27.81 11.95 -26.51
C TRP F 36 -28.93 11.50 -25.60
N PHE F 37 -29.90 12.39 -25.42
CA PHE F 37 -31.09 12.17 -24.62
C PHE F 37 -32.25 12.56 -25.50
N ARG F 38 -33.46 12.08 -25.18
CA ARG F 38 -34.64 12.50 -25.91
C ARG F 38 -35.81 12.73 -24.98
N GLN F 39 -36.79 13.58 -25.36
CA GLN F 39 -37.96 13.83 -24.53
C GLN F 39 -39.18 14.05 -25.39
N GLY F 40 -40.30 13.38 -25.05
CA GLY F 40 -41.60 13.54 -25.69
C GLY F 40 -42.56 14.30 -24.81
N PRO F 41 -43.85 14.03 -24.88
CA PRO F 41 -44.77 14.39 -23.82
C PRO F 41 -45.03 13.12 -23.05
N GLY F 42 -45.99 13.09 -22.11
CA GLY F 42 -46.46 11.86 -21.47
C GLY F 42 -45.51 11.33 -20.45
N LYS F 43 -44.24 11.19 -20.83
CA LYS F 43 -43.17 10.75 -19.99
C LYS F 43 -42.13 11.83 -19.95
N GLU F 44 -40.88 11.45 -19.71
CA GLU F 44 -39.81 12.25 -19.27
C GLU F 44 -38.66 12.26 -20.26
N ARG F 45 -37.54 12.86 -19.83
CA ARG F 45 -36.27 12.72 -20.50
C ARG F 45 -35.76 11.27 -20.52
N GLU F 46 -35.27 10.77 -21.64
CA GLU F 46 -34.91 9.37 -21.73
C GLU F 46 -33.53 9.27 -22.30
N PHE F 47 -32.64 8.53 -21.61
CA PHE F 47 -31.29 8.25 -22.05
C PHE F 47 -31.29 7.45 -23.34
N VAL F 48 -30.52 7.91 -24.34
CA VAL F 48 -30.42 7.22 -25.61
C VAL F 48 -29.06 6.55 -25.71
N ALA F 49 -27.98 7.35 -25.75
CA ALA F 49 -26.65 6.83 -25.96
C ALA F 49 -25.61 7.73 -25.32
N ALA F 50 -24.45 7.17 -24.94
CA ALA F 50 -23.31 7.92 -24.42
C ALA F 50 -22.02 7.45 -25.04
N THR F 58 -18.72 3.19 -26.21
CA THR F 58 -20.10 3.53 -26.50
C THR F 58 -21.07 2.74 -25.66
N TYR F 59 -22.10 3.42 -25.11
CA TYR F 59 -23.10 2.82 -24.24
C TYR F 59 -24.48 3.23 -24.74
N TYR F 60 -25.51 2.34 -24.73
CA TYR F 60 -26.85 2.69 -25.20
C TYR F 60 -27.88 2.03 -24.29
N GLY F 61 -28.98 2.73 -23.92
CA GLY F 61 -30.06 2.07 -23.18
C GLY F 61 -30.76 1.01 -24.00
N ASP F 62 -31.23 -0.09 -23.37
CA ASP F 62 -31.61 -1.32 -24.06
C ASP F 62 -32.61 -1.19 -25.19
N PHE F 63 -33.60 -0.31 -25.06
CA PHE F 63 -34.66 -0.06 -26.01
C PHE F 63 -34.19 0.32 -27.43
N VAL F 64 -32.92 0.75 -27.56
CA VAL F 64 -32.41 1.37 -28.75
C VAL F 64 -31.19 0.67 -29.35
N LYS F 65 -30.68 -0.41 -28.71
CA LYS F 65 -29.49 -1.11 -29.18
C LYS F 65 -29.61 -1.69 -30.59
N GLY F 66 -28.52 -1.62 -31.41
CA GLY F 66 -28.48 -2.20 -32.75
C GLY F 66 -29.15 -1.34 -33.78
N ARG F 67 -30.12 -0.52 -33.35
CA ARG F 67 -30.80 0.46 -34.15
C ARG F 67 -30.06 1.78 -34.27
N PHE F 68 -29.46 2.28 -33.18
CA PHE F 68 -28.80 3.57 -33.22
C PHE F 68 -27.33 3.42 -32.93
N THR F 69 -26.49 4.19 -33.64
CA THR F 69 -25.05 4.17 -33.45
C THR F 69 -24.61 5.57 -33.11
N ILE F 70 -24.07 5.77 -31.89
CA ILE F 70 -23.42 7.00 -31.50
C ILE F 70 -21.96 6.93 -31.92
N SER F 71 -21.44 8.02 -32.52
CA SER F 71 -20.06 8.07 -32.95
C SER F 71 -19.57 9.47 -32.74
N ARG F 72 -18.25 9.71 -32.85
CA ARG F 72 -17.74 11.04 -32.62
C ARG F 72 -16.72 11.39 -33.64
N ASP F 73 -16.42 12.68 -33.78
CA ASP F 73 -15.23 13.11 -34.45
C ASP F 73 -14.65 14.26 -33.65
N ASN F 74 -13.53 13.99 -32.93
CA ASN F 74 -12.87 14.96 -32.08
C ASN F 74 -12.40 16.14 -32.91
N ALA F 75 -11.93 15.84 -34.13
CA ALA F 75 -11.20 16.70 -35.00
C ALA F 75 -11.92 17.98 -35.36
N LYS F 76 -13.26 17.90 -35.47
CA LYS F 76 -14.07 19.07 -35.66
C LYS F 76 -15.27 19.11 -34.73
N ASN F 77 -15.03 18.66 -33.45
CA ASN F 77 -15.91 18.99 -32.33
C ASN F 77 -17.34 18.48 -32.46
N THR F 78 -17.56 17.34 -33.13
CA THR F 78 -18.91 16.88 -33.44
C THR F 78 -19.15 15.47 -32.98
N VAL F 79 -20.34 15.20 -32.44
CA VAL F 79 -20.82 13.86 -32.07
C VAL F 79 -22.02 13.56 -32.91
N TYR F 80 -22.16 12.32 -33.37
CA TYR F 80 -23.22 11.93 -34.27
C TYR F 80 -24.10 10.89 -33.62
N LEU F 81 -25.38 10.88 -34.02
CA LEU F 81 -26.24 9.75 -33.78
C LEU F 81 -26.78 9.31 -35.12
N GLN F 82 -26.43 8.09 -35.55
CA GLN F 82 -27.05 7.47 -36.69
C GLN F 82 -28.26 6.71 -36.18
N MET F 83 -29.45 7.02 -36.70
CA MET F 83 -30.68 6.39 -36.28
C MET F 83 -31.26 5.58 -37.42
N ASN F 84 -31.19 4.24 -37.33
CA ASN F 84 -31.74 3.37 -38.37
C ASN F 84 -32.99 2.64 -37.88
N SER F 85 -33.85 2.20 -38.83
CA SER F 85 -35.03 1.38 -38.55
C SER F 85 -36.01 2.03 -37.59
N LEU F 86 -36.28 3.34 -37.80
CA LEU F 86 -37.11 4.19 -36.97
C LEU F 86 -38.56 3.76 -36.83
N LYS F 87 -39.18 4.11 -35.69
CA LYS F 87 -40.47 3.60 -35.29
C LYS F 87 -41.40 4.74 -34.84
N PRO F 88 -42.73 4.65 -34.76
CA PRO F 88 -43.64 5.71 -34.27
C PRO F 88 -43.29 6.24 -32.90
N GLU F 89 -42.92 5.37 -31.96
CA GLU F 89 -42.41 5.66 -30.66
C GLU F 89 -41.06 6.39 -30.65
N ASP F 90 -40.38 6.57 -31.79
CA ASP F 90 -39.12 7.29 -31.77
C ASP F 90 -39.27 8.80 -31.96
N THR F 91 -40.50 9.31 -32.00
CA THR F 91 -40.84 10.73 -32.06
C THR F 91 -40.61 11.48 -30.76
N ALA F 92 -39.78 12.55 -30.79
CA ALA F 92 -39.41 13.30 -29.61
C ALA F 92 -38.34 14.32 -29.94
N VAL F 93 -38.05 15.24 -29.00
CA VAL F 93 -36.95 16.18 -29.15
C VAL F 93 -35.68 15.49 -28.74
N TYR F 94 -34.64 15.52 -29.58
CA TYR F 94 -33.36 14.93 -29.25
C TYR F 94 -32.39 16.01 -28.82
N TYR F 95 -31.70 15.79 -27.69
CA TYR F 95 -30.78 16.74 -27.10
C TYR F 95 -29.43 16.09 -27.01
N CYS F 96 -28.34 16.81 -27.29
CA CYS F 96 -27.04 16.34 -26.84
C CYS F 96 -26.66 16.97 -25.53
N ALA F 97 -25.82 16.27 -24.76
CA ALA F 97 -25.30 16.77 -23.51
C ALA F 97 -23.85 16.44 -23.34
N ARG F 98 -23.19 17.13 -22.39
CA ARG F 98 -21.80 16.87 -22.08
C ARG F 98 -21.44 17.24 -20.67
N ALA F 99 -20.46 16.53 -20.11
CA ALA F 99 -19.93 16.76 -18.78
C ALA F 99 -18.63 17.50 -18.90
N ASP F 116 -23.11 18.69 -17.40
CA ASP F 116 -22.98 20.08 -17.04
C ASP F 116 -23.50 21.01 -18.13
N TYR F 117 -23.80 20.45 -19.31
CA TYR F 117 -24.22 21.22 -20.46
C TYR F 117 -25.12 20.43 -21.36
N TRP F 118 -26.00 21.17 -22.06
CA TRP F 118 -27.05 20.66 -22.93
C TRP F 118 -27.07 21.52 -24.17
N GLY F 119 -27.63 21.01 -25.29
CA GLY F 119 -28.03 21.84 -26.40
C GLY F 119 -29.48 22.26 -26.34
N GLN F 120 -29.92 23.01 -27.35
CA GLN F 120 -31.28 23.50 -27.43
C GLN F 120 -32.26 22.42 -27.88
N GLY F 121 -31.89 21.56 -28.84
CA GLY F 121 -32.77 20.55 -29.38
C GLY F 121 -33.08 20.61 -30.85
N THR F 122 -33.49 19.45 -31.38
CA THR F 122 -34.09 19.33 -32.69
C THR F 122 -35.14 18.24 -32.64
N GLN F 123 -36.37 18.51 -33.13
CA GLN F 123 -37.44 17.54 -33.06
C GLN F 123 -37.32 16.50 -34.16
N VAL F 124 -37.53 15.22 -33.80
CA VAL F 124 -37.53 14.13 -34.73
C VAL F 124 -38.93 13.58 -34.72
N THR F 125 -39.59 13.49 -35.90
CA THR F 125 -40.93 12.94 -35.95
C THR F 125 -40.91 11.75 -36.86
N VAL F 126 -41.15 10.56 -36.29
CA VAL F 126 -41.35 9.35 -37.05
C VAL F 126 -42.83 9.13 -37.22
#